data_5J3X
#
_entry.id   5J3X
#
_cell.length_a   147.842
_cell.length_b   149.040
_cell.length_c   344.118
_cell.angle_alpha   90.00
_cell.angle_beta   90.00
_cell.angle_gamma   90.00
#
_symmetry.space_group_name_H-M   'C 2 2 21'
#
loop_
_entity.id
_entity.type
_entity.pdbx_description
1 polymer 'E3 ubiquitin-protein ligase CBL'
2 non-polymer 'ZINC ION'
3 non-polymer 'CALCIUM ION'
4 water water
#
_entity_poly.entity_id   1
_entity_poly.type   'polypeptide(L)'
_entity_poly.pdbx_seq_one_letter_code
;GSPPGTVDKKMVEKCWKLMDKVVRLCQNPKLALKNSPPYILDLLPDTYQHLRTILSRYEGKMETLGENEYFRVFMENLMK
KTKQTISLFKEGKERMYEENSQPRRNLTKLSLIFSHMLAELKGIFPSGLFQGDTFRITKADAAEFWRKAFGEKTIVPWKS
FRQALHEVHPISSGLEAMALKSTIDLTCNDYISVFEFDIFTRLFQPWSSLLRNWNSLAVTHPGYMAFLTYDEVKARLQKF
IHKPGSYIFRLSCTRLGQWAIGYVTADGNILQTIPHNKPLFQALIDGFREGFYLFPDGRNQNPDLTGLCEPTPQDHIKVT
QEQYELFCEMGSTFQLCKICAENDKDVKIEPCGHLMCTSCLTSWQESEGQGCPFCRCEIKGTEPIVVDPFD
;
_entity_poly.pdbx_strand_id   A,B,C,D,E,F
#
# COMPACT_ATOMS: atom_id res chain seq x y z
N PRO A 3 34.42 -23.87 -45.14
CA PRO A 3 33.09 -24.20 -44.61
C PRO A 3 32.14 -23.00 -44.66
N PRO A 4 30.82 -23.26 -44.77
CA PRO A 4 30.24 -24.59 -44.90
C PRO A 4 30.20 -25.08 -46.35
N GLY A 5 30.45 -26.37 -46.54
CA GLY A 5 30.46 -26.95 -47.88
C GLY A 5 29.07 -27.16 -48.44
N THR A 6 29.01 -27.54 -49.72
CA THR A 6 27.74 -27.77 -50.39
C THR A 6 27.05 -29.03 -49.85
N VAL A 7 25.73 -29.08 -50.01
CA VAL A 7 24.94 -30.17 -49.44
C VAL A 7 24.63 -31.26 -50.46
N ASP A 8 25.21 -32.44 -50.26
CA ASP A 8 24.89 -33.60 -51.07
C ASP A 8 23.70 -34.34 -50.48
N LYS A 9 23.09 -35.21 -51.28
CA LYS A 9 21.99 -36.03 -50.80
C LYS A 9 22.50 -37.08 -49.82
N LYS A 10 23.80 -37.36 -49.91
CA LYS A 10 24.44 -38.31 -49.00
C LYS A 10 24.57 -37.72 -47.60
N MET A 11 24.65 -36.40 -47.53
CA MET A 11 24.73 -35.71 -46.25
C MET A 11 23.37 -35.65 -45.57
N VAL A 12 22.32 -35.42 -46.36
CA VAL A 12 20.96 -35.34 -45.85
C VAL A 12 20.53 -36.70 -45.31
N GLU A 13 21.00 -37.76 -45.95
CA GLU A 13 20.73 -39.12 -45.51
C GLU A 13 21.47 -39.43 -44.21
N LYS A 14 22.62 -38.77 -44.04
CA LYS A 14 23.43 -38.95 -42.83
C LYS A 14 22.79 -38.26 -41.64
N CYS A 15 22.24 -37.07 -41.88
CA CYS A 15 21.56 -36.32 -40.83
C CYS A 15 20.31 -37.06 -40.35
N TRP A 16 19.62 -37.71 -41.29
CA TRP A 16 18.42 -38.45 -40.96
C TRP A 16 18.73 -39.68 -40.12
N LYS A 17 19.86 -40.33 -40.40
CA LYS A 17 20.30 -41.47 -39.60
C LYS A 17 20.67 -41.03 -38.20
N LEU A 18 21.18 -39.81 -38.09
CA LEU A 18 21.54 -39.24 -36.79
C LEU A 18 20.32 -38.79 -36.00
N MET A 19 19.42 -38.06 -36.66
CA MET A 19 18.21 -37.57 -36.03
C MET A 19 17.37 -38.71 -35.48
N ASP A 20 17.38 -39.83 -36.18
CA ASP A 20 16.64 -41.01 -35.74
C ASP A 20 17.24 -41.59 -34.47
N LYS A 21 18.57 -41.57 -34.38
CA LYS A 21 19.27 -42.11 -33.22
C LYS A 21 18.94 -41.33 -31.96
N VAL A 22 18.77 -40.02 -32.09
CA VAL A 22 18.39 -39.17 -30.97
C VAL A 22 16.99 -39.52 -30.50
N VAL A 23 16.10 -39.75 -31.45
CA VAL A 23 14.72 -40.12 -31.16
C VAL A 23 14.65 -41.40 -30.33
N ARG A 24 15.43 -42.40 -30.72
CA ARG A 24 15.47 -43.67 -30.02
C ARG A 24 15.93 -43.51 -28.57
N LEU A 25 16.89 -42.62 -28.38
CA LEU A 25 17.47 -42.37 -27.06
C LEU A 25 16.49 -41.66 -26.13
N CYS A 26 15.72 -40.74 -26.68
CA CYS A 26 14.82 -39.91 -25.89
C CYS A 26 13.47 -40.58 -25.66
N GLN A 27 13.24 -41.70 -26.34
CA GLN A 27 12.01 -42.47 -26.16
C GLN A 27 12.09 -43.37 -24.93
N ASN A 28 13.28 -43.39 -24.31
CA ASN A 28 13.51 -44.23 -23.14
C ASN A 28 12.64 -43.80 -21.96
N PRO A 29 11.81 -44.73 -21.46
CA PRO A 29 10.90 -44.50 -20.33
C PRO A 29 11.63 -44.11 -19.05
N LYS A 30 12.89 -44.53 -18.93
CA LYS A 30 13.70 -44.21 -17.76
C LYS A 30 13.96 -42.71 -17.68
N LEU A 31 13.85 -42.03 -18.82
CA LEU A 31 14.01 -40.58 -18.87
C LEU A 31 12.74 -39.87 -18.42
N ALA A 32 11.62 -40.26 -19.01
CA ALA A 32 10.32 -39.62 -18.77
C ALA A 32 10.40 -38.12 -19.03
N LEU A 33 10.58 -37.75 -20.29
CA LEU A 33 10.69 -36.34 -20.68
C LEU A 33 9.40 -35.58 -20.40
N LYS A 34 9.48 -34.25 -20.45
CA LYS A 34 8.30 -33.41 -20.26
C LYS A 34 7.63 -33.12 -21.59
N ASN A 35 6.32 -33.34 -21.66
CA ASN A 35 5.55 -33.10 -22.88
C ASN A 35 5.50 -31.63 -23.27
N SER A 36 5.66 -30.75 -22.27
CA SER A 36 5.64 -29.32 -22.49
C SER A 36 6.75 -28.89 -23.43
N PRO A 37 6.47 -27.88 -24.29
CA PRO A 37 7.47 -27.38 -25.24
C PRO A 37 8.70 -26.80 -24.55
N PRO A 38 9.89 -26.99 -25.13
CA PRO A 38 10.10 -27.73 -26.38
C PRO A 38 10.12 -29.26 -26.19
N TYR A 39 9.49 -29.97 -27.11
CA TYR A 39 9.45 -31.43 -27.07
C TYR A 39 10.23 -32.02 -28.23
N ILE A 40 11.39 -32.61 -27.92
CA ILE A 40 12.30 -33.09 -28.95
C ILE A 40 11.74 -34.28 -29.73
N LEU A 41 10.82 -35.02 -29.11
CA LEU A 41 10.23 -36.19 -29.75
C LEU A 41 9.23 -35.81 -30.83
N ASP A 42 8.82 -34.54 -30.84
CA ASP A 42 7.93 -34.03 -31.88
C ASP A 42 8.68 -33.10 -32.83
N LEU A 43 9.63 -32.36 -32.30
CA LEU A 43 10.39 -31.37 -33.08
C LEU A 43 11.25 -32.01 -34.17
N LEU A 44 11.79 -33.18 -33.88
CA LEU A 44 12.66 -33.87 -34.84
C LEU A 44 11.90 -34.48 -36.03
N PRO A 45 10.81 -35.23 -35.77
CA PRO A 45 10.08 -35.75 -36.94
C PRO A 45 9.48 -34.64 -37.80
N ASP A 46 9.11 -33.53 -37.17
CA ASP A 46 8.61 -32.37 -37.89
C ASP A 46 9.70 -31.77 -38.77
N THR A 47 10.91 -31.70 -38.24
CA THR A 47 12.05 -31.21 -39.00
C THR A 47 12.33 -32.13 -40.18
N TYR A 48 12.29 -33.44 -39.93
CA TYR A 48 12.49 -34.43 -40.97
C TYR A 48 11.41 -34.36 -42.03
N GLN A 49 10.15 -34.27 -41.60
CA GLN A 49 9.02 -34.22 -42.52
C GLN A 49 9.04 -32.94 -43.35
N HIS A 50 9.58 -31.86 -42.78
CA HIS A 50 9.66 -30.59 -43.50
C HIS A 50 10.83 -30.57 -44.47
N LEU A 51 11.90 -31.28 -44.12
CA LEU A 51 13.05 -31.39 -45.00
C LEU A 51 12.70 -32.17 -46.26
N ARG A 52 11.81 -33.15 -46.14
CA ARG A 52 11.35 -33.90 -47.28
C ARG A 52 10.53 -33.00 -48.20
N THR A 53 9.78 -32.07 -47.59
CA THR A 53 9.01 -31.10 -48.34
C THR A 53 9.93 -30.18 -49.13
N ILE A 54 11.05 -29.81 -48.53
CA ILE A 54 12.05 -28.99 -49.20
C ILE A 54 12.68 -29.74 -50.36
N LEU A 55 13.01 -31.00 -50.14
CA LEU A 55 13.58 -31.84 -51.18
C LEU A 55 12.55 -32.18 -52.25
N SER A 56 11.27 -32.08 -51.90
CA SER A 56 10.20 -32.38 -52.84
C SER A 56 10.07 -31.29 -53.90
N ARG A 57 10.31 -30.04 -53.50
CA ARG A 57 10.19 -28.92 -54.43
C ARG A 57 11.46 -28.72 -55.25
N TYR A 58 12.59 -29.13 -54.69
CA TYR A 58 13.86 -29.03 -55.40
C TYR A 58 14.26 -30.38 -55.98
N GLU A 59 13.26 -31.13 -56.42
CA GLU A 59 13.48 -32.46 -56.98
C GLU A 59 14.11 -32.37 -58.37
N GLY A 60 13.67 -31.37 -59.13
CA GLY A 60 14.18 -31.16 -60.48
C GLY A 60 15.35 -30.20 -60.52
N LYS A 61 15.57 -29.49 -59.42
CA LYS A 61 16.66 -28.52 -59.34
C LYS A 61 17.41 -28.66 -58.01
N MET A 62 18.22 -29.72 -57.94
CA MET A 62 18.95 -30.04 -56.71
C MET A 62 20.24 -29.23 -56.60
N GLU A 63 20.85 -28.90 -57.73
CA GLU A 63 22.13 -28.19 -57.75
C GLU A 63 22.01 -26.81 -57.11
N THR A 64 20.92 -26.11 -57.40
CA THR A 64 20.71 -24.77 -56.88
C THR A 64 20.46 -24.78 -55.37
N LEU A 65 19.92 -25.89 -54.87
CA LEU A 65 19.65 -26.02 -53.44
C LEU A 65 20.94 -26.16 -52.65
N GLY A 66 21.90 -26.90 -53.22
CA GLY A 66 23.17 -27.12 -52.56
C GLY A 66 24.07 -25.90 -52.56
N GLU A 67 23.78 -24.95 -53.44
CA GLU A 67 24.56 -23.73 -53.54
C GLU A 67 23.98 -22.63 -52.66
N ASN A 68 22.81 -22.89 -52.08
CA ASN A 68 22.19 -21.93 -51.17
C ASN A 68 22.96 -21.84 -49.86
N GLU A 69 23.41 -20.62 -49.54
CA GLU A 69 24.29 -20.43 -48.40
C GLU A 69 23.62 -20.74 -47.06
N TYR A 70 22.35 -20.39 -46.93
CA TYR A 70 21.62 -20.64 -45.69
C TYR A 70 21.47 -22.13 -45.42
N PHE A 71 21.17 -22.90 -46.46
CA PHE A 71 20.91 -24.32 -46.31
C PHE A 71 22.17 -25.10 -45.96
N ARG A 72 23.31 -24.64 -46.46
CA ARG A 72 24.59 -25.25 -46.14
C ARG A 72 24.91 -25.04 -44.66
N VAL A 73 24.57 -23.86 -44.15
CA VAL A 73 24.79 -23.54 -42.74
C VAL A 73 23.84 -24.33 -41.85
N PHE A 74 22.57 -24.41 -42.25
CA PHE A 74 21.56 -25.09 -41.47
C PHE A 74 21.87 -26.58 -41.32
N MET A 75 22.17 -27.23 -42.44
CA MET A 75 22.47 -28.66 -42.44
C MET A 75 23.77 -28.95 -41.70
N GLU A 76 24.68 -27.99 -41.69
CA GLU A 76 25.91 -28.11 -40.92
C GLU A 76 25.61 -28.08 -39.44
N ASN A 77 24.75 -27.14 -39.03
CA ASN A 77 24.37 -26.99 -37.63
C ASN A 77 23.49 -28.14 -37.17
N LEU A 78 22.66 -28.63 -38.09
CA LEU A 78 21.77 -29.76 -37.78
C LEU A 78 22.56 -31.01 -37.43
N MET A 79 23.63 -31.25 -38.19
CA MET A 79 24.48 -32.41 -37.94
C MET A 79 25.30 -32.23 -36.67
N LYS A 80 25.76 -31.01 -36.43
CA LYS A 80 26.59 -30.72 -35.26
C LYS A 80 25.77 -30.81 -33.96
N LYS A 81 24.57 -30.24 -33.97
CA LYS A 81 23.70 -30.25 -32.81
C LYS A 81 23.15 -31.64 -32.53
N THR A 82 23.08 -32.47 -33.57
CA THR A 82 22.57 -33.83 -33.42
C THR A 82 23.63 -34.74 -32.84
N LYS A 83 24.85 -34.63 -33.36
CA LYS A 83 25.98 -35.39 -32.83
C LYS A 83 26.28 -34.97 -31.39
N GLN A 84 26.01 -33.71 -31.09
CA GLN A 84 26.20 -33.18 -29.75
C GLN A 84 25.23 -33.84 -28.78
N THR A 85 24.01 -34.07 -29.24
CA THR A 85 22.98 -34.69 -28.42
C THR A 85 23.27 -36.16 -28.21
N ILE A 86 23.72 -36.82 -29.27
CA ILE A 86 24.08 -38.25 -29.19
C ILE A 86 25.23 -38.47 -28.21
N SER A 87 26.22 -37.58 -28.28
CA SER A 87 27.38 -37.67 -27.39
C SER A 87 26.98 -37.35 -25.95
N LEU A 88 25.95 -36.54 -25.79
CA LEU A 88 25.45 -36.16 -24.48
C LEU A 88 24.92 -37.38 -23.74
N PHE A 89 24.22 -38.24 -24.47
CA PHE A 89 23.70 -39.49 -23.91
C PHE A 89 24.84 -40.49 -23.64
N LYS A 90 25.90 -40.38 -24.42
CA LYS A 90 27.03 -41.31 -24.30
C LYS A 90 27.83 -41.06 -23.03
N GLU A 91 28.24 -39.82 -22.82
CA GLU A 91 29.06 -39.46 -21.67
C GLU A 91 28.26 -39.41 -20.37
N GLY A 92 27.01 -38.97 -20.47
CA GLY A 92 26.14 -38.82 -19.31
C GLY A 92 25.84 -40.13 -18.62
N LYS A 93 25.66 -41.18 -19.41
CA LYS A 93 25.39 -42.52 -18.91
C LYS A 93 24.14 -42.58 -18.02
N GLU A 94 24.34 -42.83 -16.74
CA GLU A 94 23.24 -43.03 -15.81
C GLU A 94 22.58 -41.72 -15.37
N ARG A 95 23.31 -40.62 -15.47
CA ARG A 95 22.81 -39.33 -15.02
C ARG A 95 21.62 -38.82 -15.81
N MET A 96 21.46 -39.32 -17.03
CA MET A 96 20.36 -38.90 -17.90
C MET A 96 19.00 -39.25 -17.28
N TYR A 97 18.96 -40.35 -16.55
CA TYR A 97 17.71 -40.85 -15.97
C TYR A 97 17.26 -39.98 -14.80
N GLU A 98 18.20 -39.56 -13.96
CA GLU A 98 17.89 -38.67 -12.86
C GLU A 98 17.62 -37.26 -13.38
N GLU A 99 16.39 -36.79 -13.21
CA GLU A 99 16.00 -35.48 -13.70
C GLU A 99 16.79 -34.38 -12.99
N ASN A 100 16.83 -33.20 -13.60
CA ASN A 100 17.53 -32.03 -13.08
C ASN A 100 19.04 -32.24 -12.94
N SER A 101 19.56 -33.26 -13.62
CA SER A 101 21.00 -33.46 -13.68
C SER A 101 21.59 -32.58 -14.78
N GLN A 102 22.86 -32.23 -14.63
CA GLN A 102 23.51 -31.34 -15.58
C GLN A 102 23.48 -31.87 -17.04
N PRO A 103 23.67 -33.18 -17.24
CA PRO A 103 23.48 -33.62 -18.64
C PRO A 103 22.03 -33.50 -19.09
N ARG A 104 21.09 -33.73 -18.17
CA ARG A 104 19.67 -33.68 -18.47
C ARG A 104 19.23 -32.25 -18.79
N ARG A 105 19.80 -31.28 -18.08
CA ARG A 105 19.48 -29.88 -18.30
C ARG A 105 19.99 -29.40 -19.65
N ASN A 106 21.11 -29.96 -20.10
CA ASN A 106 21.66 -29.62 -21.41
C ASN A 106 20.77 -30.14 -22.53
N LEU A 107 20.06 -31.23 -22.25
CA LEU A 107 19.11 -31.79 -23.19
C LEU A 107 17.93 -30.85 -23.39
N THR A 108 17.61 -30.08 -22.36
CA THR A 108 16.55 -29.09 -22.44
C THR A 108 17.00 -27.89 -23.27
N LYS A 109 18.25 -27.48 -23.06
CA LYS A 109 18.83 -26.38 -23.84
C LYS A 109 18.90 -26.74 -25.32
N LEU A 110 19.30 -27.97 -25.60
CA LEU A 110 19.38 -28.44 -26.98
C LEU A 110 18.00 -28.55 -27.62
N SER A 111 17.02 -28.99 -26.83
CA SER A 111 15.64 -29.09 -27.30
C SER A 111 15.11 -27.71 -27.69
N LEU A 112 15.51 -26.70 -26.93
CA LEU A 112 15.10 -25.33 -27.21
C LEU A 112 15.73 -24.83 -28.51
N ILE A 113 16.95 -25.27 -28.78
CA ILE A 113 17.65 -24.89 -30.00
C ILE A 113 17.02 -25.59 -31.21
N PHE A 114 16.73 -26.88 -31.05
CA PHE A 114 16.05 -27.63 -32.11
C PHE A 114 14.68 -27.01 -32.42
N SER A 115 14.05 -26.45 -31.40
CA SER A 115 12.79 -25.74 -31.56
C SER A 115 12.99 -24.46 -32.37
N HIS A 116 14.07 -23.74 -32.06
CA HIS A 116 14.41 -22.52 -32.78
C HIS A 116 14.78 -22.80 -34.23
N MET A 117 15.39 -23.95 -34.48
CA MET A 117 15.83 -24.30 -35.82
C MET A 117 14.66 -24.56 -36.76
N LEU A 118 13.69 -25.36 -36.30
CA LEU A 118 12.52 -25.68 -37.10
C LEU A 118 11.69 -24.44 -37.40
N ALA A 119 11.58 -23.55 -36.41
CA ALA A 119 10.86 -22.30 -36.57
C ALA A 119 11.52 -21.42 -37.63
N GLU A 120 12.85 -21.51 -37.70
CA GLU A 120 13.61 -20.73 -38.68
C GLU A 120 13.49 -21.35 -40.06
N LEU A 121 13.51 -22.68 -40.11
CA LEU A 121 13.45 -23.39 -41.37
C LEU A 121 12.09 -23.19 -42.05
N LYS A 122 11.03 -23.18 -41.26
CA LYS A 122 9.68 -22.96 -41.80
C LYS A 122 9.47 -21.50 -42.16
N GLY A 123 10.25 -20.62 -41.56
CA GLY A 123 10.16 -19.20 -41.83
C GLY A 123 10.94 -18.79 -43.07
N ILE A 124 12.04 -19.50 -43.33
CA ILE A 124 12.87 -19.24 -44.49
C ILE A 124 12.41 -20.08 -45.68
N PHE A 125 11.94 -21.29 -45.40
CA PHE A 125 11.41 -22.18 -46.42
C PHE A 125 9.92 -22.47 -46.23
N PRO A 126 9.05 -21.45 -46.42
CA PRO A 126 7.62 -21.73 -46.27
C PRO A 126 7.12 -22.63 -47.39
N SER A 127 6.42 -23.71 -47.01
CA SER A 127 5.94 -24.71 -47.96
C SER A 127 7.07 -25.34 -48.77
N GLY A 128 8.29 -25.28 -48.24
CA GLY A 128 9.42 -25.96 -48.84
C GLY A 128 10.17 -25.18 -49.89
N LEU A 129 9.82 -23.91 -50.07
CA LEU A 129 10.46 -23.07 -51.08
C LEU A 129 11.26 -21.94 -50.43
N PHE A 130 12.47 -21.72 -50.91
CA PHE A 130 13.34 -20.70 -50.34
C PHE A 130 12.77 -19.29 -50.55
N GLN A 131 12.44 -18.63 -49.44
CA GLN A 131 11.89 -17.28 -49.47
C GLN A 131 12.76 -16.36 -48.62
N GLY A 132 14.04 -16.69 -48.51
CA GLY A 132 14.96 -15.98 -47.63
C GLY A 132 15.31 -14.57 -48.03
N ASP A 133 15.51 -14.35 -49.33
CA ASP A 133 15.91 -13.03 -49.82
C ASP A 133 14.75 -12.05 -49.83
N THR A 134 13.53 -12.57 -49.69
CA THR A 134 12.33 -11.73 -49.68
C THR A 134 11.67 -11.74 -48.31
N PHE A 135 12.39 -12.25 -47.31
CA PHE A 135 11.89 -12.30 -45.95
C PHE A 135 11.64 -10.89 -45.42
N ARG A 136 10.39 -10.62 -45.05
CA ARG A 136 10.02 -9.29 -44.58
C ARG A 136 10.28 -9.11 -43.09
N ILE A 137 11.22 -8.22 -42.77
CA ILE A 137 11.48 -7.86 -41.38
C ILE A 137 10.38 -6.93 -40.89
N THR A 138 9.73 -7.31 -39.79
CA THR A 138 8.54 -6.61 -39.30
C THR A 138 8.78 -5.13 -39.04
N LYS A 139 9.73 -4.80 -38.18
CA LYS A 139 10.03 -3.42 -37.85
C LYS A 139 10.75 -2.71 -39.00
N ALA A 140 10.26 -1.53 -39.35
CA ALA A 140 10.77 -0.79 -40.50
C ALA A 140 12.22 -0.35 -40.31
N ASP A 141 12.50 0.32 -39.20
CA ASP A 141 13.83 0.85 -38.93
C ASP A 141 14.87 -0.26 -38.84
N ALA A 142 14.43 -1.45 -38.42
CA ALA A 142 15.32 -2.59 -38.33
C ALA A 142 15.57 -3.18 -39.72
N ALA A 143 14.53 -3.12 -40.56
CA ALA A 143 14.61 -3.70 -41.90
C ALA A 143 15.59 -2.94 -42.79
N GLU A 144 15.52 -1.62 -42.76
CA GLU A 144 16.37 -0.79 -43.62
C GLU A 144 17.84 -0.88 -43.21
N PHE A 145 18.08 -1.20 -41.94
CA PHE A 145 19.44 -1.42 -41.45
C PHE A 145 20.04 -2.67 -42.08
N TRP A 146 19.27 -3.75 -42.07
CA TRP A 146 19.73 -5.03 -42.60
C TRP A 146 20.03 -4.94 -44.09
N ARG A 147 19.17 -4.25 -44.83
CA ARG A 147 19.32 -4.12 -46.28
C ARG A 147 20.56 -3.29 -46.62
N LYS A 148 20.81 -2.25 -45.84
CA LYS A 148 21.96 -1.37 -46.06
C LYS A 148 23.27 -2.10 -45.76
N ALA A 149 23.23 -3.00 -44.80
CA ALA A 149 24.44 -3.66 -44.33
C ALA A 149 24.68 -5.03 -44.98
N PHE A 150 23.60 -5.71 -45.36
CA PHE A 150 23.74 -7.08 -45.86
C PHE A 150 22.96 -7.35 -47.15
N GLY A 151 22.11 -6.42 -47.54
CA GLY A 151 21.35 -6.56 -48.76
C GLY A 151 20.34 -7.70 -48.73
N GLU A 152 20.44 -8.61 -49.70
CA GLU A 152 19.50 -9.71 -49.82
C GLU A 152 19.98 -10.97 -49.10
N LYS A 153 21.05 -10.83 -48.32
CA LYS A 153 21.61 -11.98 -47.61
C LYS A 153 20.64 -12.52 -46.56
N THR A 154 20.49 -13.84 -46.55
CA THR A 154 19.60 -14.50 -45.61
C THR A 154 20.30 -14.71 -44.27
N ILE A 155 21.59 -15.05 -44.33
CA ILE A 155 22.34 -15.34 -43.11
C ILE A 155 23.75 -14.73 -43.18
N VAL A 156 24.24 -14.25 -42.04
CA VAL A 156 25.56 -13.62 -41.97
C VAL A 156 26.34 -14.11 -40.76
N PRO A 157 27.68 -14.14 -40.87
CA PRO A 157 28.54 -14.50 -39.73
C PRO A 157 28.35 -13.53 -38.56
N TRP A 158 28.53 -14.02 -37.34
CA TRP A 158 28.35 -13.20 -36.16
C TRP A 158 29.34 -12.03 -36.13
N LYS A 159 30.58 -12.30 -36.53
CA LYS A 159 31.60 -11.26 -36.57
C LYS A 159 31.20 -10.14 -37.53
N SER A 160 30.65 -10.53 -38.67
CA SER A 160 30.18 -9.57 -39.66
C SER A 160 28.97 -8.80 -39.13
N PHE A 161 28.11 -9.50 -38.40
CA PHE A 161 26.92 -8.88 -37.83
C PHE A 161 27.29 -7.94 -36.68
N ARG A 162 28.26 -8.35 -35.87
CA ARG A 162 28.72 -7.57 -34.73
C ARG A 162 29.30 -6.23 -35.17
N GLN A 163 30.19 -6.28 -36.16
CA GLN A 163 30.86 -5.08 -36.66
C GLN A 163 29.87 -4.12 -37.33
N ALA A 164 28.85 -4.68 -37.97
CA ALA A 164 27.84 -3.88 -38.65
C ALA A 164 26.94 -3.15 -37.66
N LEU A 165 26.45 -3.90 -36.67
CA LEU A 165 25.57 -3.34 -35.65
C LEU A 165 26.31 -2.30 -34.81
N HIS A 166 27.63 -2.47 -34.71
CA HIS A 166 28.49 -1.59 -33.92
C HIS A 166 28.50 -0.17 -34.47
N GLU A 167 28.17 -0.01 -35.74
CA GLU A 167 28.21 1.29 -36.40
C GLU A 167 27.01 2.16 -36.00
N VAL A 168 25.89 1.53 -35.71
CA VAL A 168 24.69 2.26 -35.32
C VAL A 168 24.47 2.21 -33.80
N HIS A 169 24.54 1.01 -33.25
CA HIS A 169 24.43 0.83 -31.81
C HIS A 169 25.74 0.33 -31.22
N PRO A 170 26.42 1.20 -30.45
CA PRO A 170 27.75 0.93 -29.91
C PRO A 170 27.80 -0.30 -28.99
N ILE A 171 28.88 -1.07 -29.12
CA ILE A 171 29.14 -2.19 -28.22
C ILE A 171 30.47 -1.97 -27.52
N SER A 172 30.40 -1.67 -26.23
CA SER A 172 31.57 -1.23 -25.45
C SER A 172 32.64 -2.30 -25.29
N SER A 173 32.23 -3.54 -25.03
CA SER A 173 33.19 -4.60 -24.77
C SER A 173 32.77 -5.93 -25.37
N GLY A 174 33.69 -6.89 -25.36
CA GLY A 174 33.42 -8.21 -25.90
C GLY A 174 32.49 -9.01 -25.03
N LEU A 175 32.44 -8.65 -23.75
CA LEU A 175 31.56 -9.32 -22.79
C LEU A 175 30.11 -8.94 -23.06
N GLU A 176 29.90 -7.70 -23.51
CA GLU A 176 28.58 -7.25 -23.92
C GLU A 176 28.20 -7.93 -25.23
N ALA A 177 29.20 -8.17 -26.07
CA ALA A 177 28.99 -8.83 -27.35
C ALA A 177 28.59 -10.29 -27.16
N MET A 178 29.31 -10.99 -26.29
CA MET A 178 29.02 -12.38 -26.00
C MET A 178 27.64 -12.54 -25.36
N ALA A 179 27.29 -11.57 -24.51
CA ALA A 179 25.98 -11.56 -23.87
C ALA A 179 24.88 -11.26 -24.89
N LEU A 180 25.19 -10.38 -25.83
CA LEU A 180 24.25 -10.02 -26.88
C LEU A 180 24.00 -11.23 -27.79
N LYS A 181 25.06 -11.97 -28.06
CA LYS A 181 24.97 -13.15 -28.92
C LYS A 181 24.09 -14.23 -28.28
N SER A 182 24.16 -14.35 -26.96
CA SER A 182 23.39 -15.37 -26.25
C SER A 182 21.89 -15.17 -26.41
N THR A 183 21.48 -13.93 -26.64
CA THR A 183 20.06 -13.60 -26.80
C THR A 183 19.60 -13.73 -28.25
N ILE A 184 20.39 -13.21 -29.19
CA ILE A 184 19.97 -13.13 -30.58
C ILE A 184 20.30 -14.39 -31.39
N ASP A 185 21.43 -15.03 -31.09
CA ASP A 185 21.81 -16.25 -31.79
C ASP A 185 21.02 -17.44 -31.25
N LEU A 186 19.79 -17.58 -31.72
CA LEU A 186 18.88 -18.62 -31.25
C LEU A 186 19.34 -20.02 -31.64
N THR A 187 19.80 -20.16 -32.89
CA THR A 187 20.22 -21.47 -33.39
C THR A 187 21.61 -21.86 -32.88
N CYS A 188 22.31 -20.91 -32.27
CA CYS A 188 23.63 -21.12 -31.70
C CYS A 188 24.61 -21.75 -32.69
N ASN A 189 24.80 -21.08 -33.83
CA ASN A 189 25.68 -21.59 -34.88
C ASN A 189 26.66 -20.53 -35.37
N ASP A 190 26.88 -19.51 -34.54
CA ASP A 190 27.77 -18.40 -34.83
C ASP A 190 27.38 -17.66 -36.12
N TYR A 191 26.11 -17.75 -36.47
CA TYR A 191 25.56 -17.06 -37.63
C TYR A 191 24.28 -16.32 -37.24
N ILE A 192 24.02 -15.20 -37.91
CA ILE A 192 22.80 -14.44 -37.66
C ILE A 192 21.95 -14.38 -38.93
N SER A 193 20.69 -14.76 -38.83
CA SER A 193 19.79 -14.77 -39.98
C SER A 193 18.74 -13.67 -39.88
N VAL A 194 18.03 -13.45 -40.97
CA VAL A 194 16.94 -12.47 -41.01
C VAL A 194 15.84 -12.85 -40.02
N PHE A 195 15.60 -14.16 -39.89
CA PHE A 195 14.59 -14.67 -38.98
C PHE A 195 14.96 -14.36 -37.54
N GLU A 196 16.23 -14.55 -37.19
CA GLU A 196 16.71 -14.27 -35.86
C GLU A 196 16.73 -12.77 -35.60
N PHE A 197 17.20 -12.02 -36.59
CA PHE A 197 17.29 -10.56 -36.48
C PHE A 197 15.90 -9.94 -36.33
N ASP A 198 14.93 -10.50 -37.04
CA ASP A 198 13.55 -10.03 -36.96
C ASP A 198 12.98 -10.23 -35.56
N ILE A 199 13.17 -11.42 -35.01
CA ILE A 199 12.68 -11.77 -33.69
C ILE A 199 13.27 -10.88 -32.60
N PHE A 200 14.57 -10.64 -32.67
CA PHE A 200 15.25 -9.81 -31.68
C PHE A 200 14.75 -8.37 -31.71
N THR A 201 14.69 -7.78 -32.90
CA THR A 201 14.30 -6.39 -33.06
C THR A 201 12.82 -6.15 -32.77
N ARG A 202 12.06 -7.23 -32.70
CA ARG A 202 10.66 -7.15 -32.28
C ARG A 202 10.54 -7.17 -30.76
N LEU A 203 11.41 -7.96 -30.14
CA LEU A 203 11.41 -8.10 -28.69
C LEU A 203 11.90 -6.85 -27.97
N PHE A 204 12.87 -6.18 -28.57
CA PHE A 204 13.49 -5.03 -27.92
C PHE A 204 13.37 -3.75 -28.74
N GLN A 205 12.17 -3.54 -29.30
CA GLN A 205 11.85 -2.30 -29.98
C GLN A 205 11.69 -1.17 -28.96
N PRO A 206 11.85 0.09 -29.40
CA PRO A 206 12.13 0.59 -30.74
C PRO A 206 13.59 0.37 -31.18
N TRP A 207 13.85 0.63 -32.45
CA TRP A 207 15.19 0.45 -33.00
C TRP A 207 16.13 1.58 -32.59
N SER A 208 15.56 2.75 -32.32
CA SER A 208 16.35 3.93 -31.97
C SER A 208 17.15 3.72 -30.69
N SER A 209 16.60 2.93 -29.77
CA SER A 209 17.28 2.64 -28.51
C SER A 209 17.40 1.13 -28.29
N LEU A 210 17.73 0.42 -29.37
CA LEU A 210 17.77 -1.04 -29.38
C LEU A 210 18.56 -1.66 -28.24
N LEU A 211 19.88 -1.47 -28.26
CA LEU A 211 20.74 -2.04 -27.23
C LEU A 211 20.49 -1.40 -25.87
N ARG A 212 20.01 -0.17 -25.88
CA ARG A 212 19.71 0.53 -24.64
C ARG A 212 18.46 -0.05 -23.99
N ASN A 213 17.62 -0.71 -24.79
CA ASN A 213 16.44 -1.41 -24.28
C ASN A 213 16.79 -2.79 -23.77
N TRP A 214 17.68 -3.47 -24.50
CA TRP A 214 18.07 -4.83 -24.17
C TRP A 214 18.87 -4.89 -22.86
N ASN A 215 19.61 -3.83 -22.58
CA ASN A 215 20.37 -3.75 -21.32
C ASN A 215 19.47 -3.57 -20.12
N SER A 216 18.35 -2.87 -20.30
CA SER A 216 17.47 -2.53 -19.20
C SER A 216 16.31 -3.51 -19.03
N LEU A 217 16.14 -4.40 -19.99
CA LEU A 217 15.01 -5.33 -19.96
C LEU A 217 15.43 -6.79 -19.75
N ALA A 218 16.66 -7.11 -20.13
CA ALA A 218 17.13 -8.49 -20.06
C ALA A 218 18.35 -8.65 -19.16
N VAL A 219 19.37 -7.83 -19.42
CA VAL A 219 20.66 -7.96 -18.74
C VAL A 219 20.56 -7.66 -17.24
N THR A 220 19.99 -6.50 -16.91
CA THR A 220 19.99 -6.04 -15.53
C THR A 220 18.59 -5.95 -14.91
N HIS A 221 17.64 -6.68 -15.48
CA HIS A 221 16.28 -6.68 -14.95
C HIS A 221 15.94 -8.03 -14.32
N PRO A 222 15.59 -8.02 -13.02
CA PRO A 222 15.26 -9.24 -12.27
C PRO A 222 14.07 -9.99 -12.84
N GLY A 223 13.17 -9.27 -13.49
CA GLY A 223 11.96 -9.86 -14.04
C GLY A 223 12.19 -10.74 -15.25
N TYR A 224 13.31 -10.51 -15.94
CA TYR A 224 13.64 -11.28 -17.13
C TYR A 224 13.87 -12.76 -16.79
N MET A 225 13.22 -13.63 -17.55
CA MET A 225 13.23 -15.06 -17.27
C MET A 225 13.65 -15.90 -18.47
N ALA A 226 13.89 -15.23 -19.59
CA ALA A 226 14.20 -15.89 -20.86
C ALA A 226 13.10 -16.87 -21.24
N PHE A 227 13.46 -18.01 -21.82
CA PHE A 227 12.48 -18.99 -22.26
C PHE A 227 12.01 -19.90 -21.11
N LEU A 228 10.75 -19.74 -20.74
CA LEU A 228 10.12 -20.59 -19.72
C LEU A 228 8.75 -21.07 -20.15
N THR A 229 8.31 -22.17 -19.56
CA THR A 229 6.96 -22.68 -19.78
C THR A 229 6.02 -22.01 -18.79
N TYR A 230 4.75 -21.88 -19.15
CA TYR A 230 3.76 -21.27 -18.27
C TYR A 230 3.67 -21.98 -16.91
N ASP A 231 3.87 -23.29 -16.92
CA ASP A 231 3.88 -24.06 -15.68
C ASP A 231 5.10 -23.69 -14.84
N GLU A 232 6.19 -23.33 -15.49
CA GLU A 232 7.41 -22.91 -14.80
C GLU A 232 7.23 -21.51 -14.24
N VAL A 233 6.42 -20.69 -14.92
CA VAL A 233 6.11 -19.35 -14.45
C VAL A 233 5.21 -19.40 -13.21
N LYS A 234 4.26 -20.33 -13.23
CA LYS A 234 3.38 -20.54 -12.08
C LYS A 234 4.16 -21.07 -10.88
N ALA A 235 5.18 -21.87 -11.15
CA ALA A 235 5.96 -22.50 -10.09
C ALA A 235 6.81 -21.48 -9.33
N ARG A 236 7.46 -20.59 -10.07
CA ARG A 236 8.33 -19.59 -9.45
C ARG A 236 7.52 -18.51 -8.71
N LEU A 237 6.40 -18.10 -9.32
CA LEU A 237 5.55 -17.07 -8.73
C LEU A 237 4.71 -17.60 -7.57
N GLN A 238 4.66 -18.92 -7.43
CA GLN A 238 3.88 -19.55 -6.37
C GLN A 238 4.38 -19.16 -4.99
N LYS A 239 5.69 -18.91 -4.89
CA LYS A 239 6.30 -18.51 -3.64
C LYS A 239 5.76 -17.16 -3.18
N PHE A 240 5.49 -16.28 -4.14
CA PHE A 240 5.03 -14.93 -3.84
C PHE A 240 3.53 -14.79 -4.06
N ILE A 241 2.79 -15.87 -3.85
CA ILE A 241 1.35 -15.88 -4.07
C ILE A 241 0.62 -15.02 -3.03
N HIS A 242 1.29 -14.75 -1.91
CA HIS A 242 0.71 -13.91 -0.87
C HIS A 242 1.29 -12.49 -0.94
N LYS A 243 1.70 -12.09 -2.14
CA LYS A 243 2.32 -10.79 -2.34
C LYS A 243 1.90 -10.18 -3.68
N PRO A 244 0.71 -9.57 -3.70
CA PRO A 244 0.15 -8.96 -4.92
C PRO A 244 1.08 -7.91 -5.53
N GLY A 245 1.34 -8.02 -6.82
CA GLY A 245 2.25 -7.13 -7.50
C GLY A 245 3.49 -7.87 -7.99
N SER A 246 3.70 -9.06 -7.44
CA SER A 246 4.83 -9.89 -7.83
C SER A 246 4.68 -10.33 -9.28
N TYR A 247 5.70 -10.08 -10.09
CA TYR A 247 5.62 -10.40 -11.51
C TYR A 247 6.96 -10.79 -12.13
N ILE A 248 6.89 -11.61 -13.17
CA ILE A 248 8.03 -11.94 -14.01
C ILE A 248 7.58 -11.98 -15.46
N PHE A 249 8.50 -11.74 -16.39
CA PHE A 249 8.17 -11.83 -17.81
C PHE A 249 9.12 -12.77 -18.53
N ARG A 250 8.59 -13.49 -19.53
CA ARG A 250 9.31 -14.58 -20.17
C ARG A 250 9.19 -14.57 -21.68
N LEU A 251 10.01 -15.41 -22.32
CA LEU A 251 9.90 -15.66 -23.75
C LEU A 251 9.24 -17.02 -23.97
N SER A 252 8.51 -17.16 -25.07
CA SER A 252 7.87 -18.44 -25.39
C SER A 252 8.42 -19.01 -26.69
N CYS A 253 8.80 -20.28 -26.66
CA CYS A 253 9.36 -20.94 -27.82
C CYS A 253 8.28 -21.27 -28.85
N THR A 254 7.03 -21.32 -28.40
CA THR A 254 5.92 -21.61 -29.30
C THR A 254 5.38 -20.35 -29.94
N ARG A 255 5.83 -19.20 -29.46
CA ARG A 255 5.40 -17.92 -29.99
C ARG A 255 6.52 -16.89 -29.91
N LEU A 256 7.46 -17.01 -30.85
CA LEU A 256 8.65 -16.16 -30.86
C LEU A 256 8.31 -14.74 -31.27
N GLY A 257 9.02 -13.77 -30.69
CA GLY A 257 8.85 -12.38 -31.05
C GLY A 257 8.01 -11.59 -30.08
N GLN A 258 7.34 -12.27 -29.16
CA GLN A 258 6.47 -11.61 -28.19
C GLN A 258 6.76 -12.06 -26.76
N TRP A 259 6.40 -11.20 -25.81
CA TRP A 259 6.61 -11.47 -24.39
C TRP A 259 5.37 -12.02 -23.72
N ALA A 260 5.56 -12.67 -22.58
CA ALA A 260 4.44 -13.14 -21.77
C ALA A 260 4.67 -12.79 -20.30
N ILE A 261 3.84 -11.90 -19.77
CA ILE A 261 4.00 -11.40 -18.42
C ILE A 261 3.09 -12.13 -17.42
N GLY A 262 3.70 -12.73 -16.41
CA GLY A 262 2.96 -13.38 -15.34
C GLY A 262 2.97 -12.53 -14.09
N TYR A 263 1.82 -12.39 -13.44
CA TYR A 263 1.70 -11.55 -12.26
C TYR A 263 0.78 -12.15 -11.21
N VAL A 264 0.92 -11.68 -9.97
CA VAL A 264 0.10 -12.17 -8.86
C VAL A 264 -0.99 -11.16 -8.52
N THR A 265 -2.23 -11.64 -8.45
CA THR A 265 -3.37 -10.78 -8.14
C THR A 265 -3.57 -10.66 -6.64
N ALA A 266 -4.63 -9.98 -6.24
CA ALA A 266 -4.95 -9.81 -4.83
C ALA A 266 -5.71 -11.01 -4.28
N ASP A 267 -6.34 -11.75 -5.17
CA ASP A 267 -7.11 -12.94 -4.80
C ASP A 267 -6.20 -14.13 -4.51
N GLY A 268 -4.99 -14.07 -5.04
CA GLY A 268 -4.04 -15.16 -4.88
C GLY A 268 -3.99 -16.04 -6.10
N ASN A 269 -4.16 -15.43 -7.27
CA ASN A 269 -4.11 -16.13 -8.54
C ASN A 269 -2.92 -15.70 -9.38
N ILE A 270 -2.47 -16.58 -10.26
CA ILE A 270 -1.37 -16.27 -11.16
C ILE A 270 -1.88 -16.12 -12.59
N LEU A 271 -2.00 -14.88 -13.04
CA LEU A 271 -2.53 -14.60 -14.38
C LEU A 271 -1.41 -14.25 -15.34
N GLN A 272 -1.75 -14.21 -16.63
CA GLN A 272 -0.74 -14.06 -17.67
C GLN A 272 -1.26 -13.28 -18.88
N THR A 273 -0.60 -12.17 -19.19
CA THR A 273 -1.00 -11.33 -20.32
C THR A 273 0.08 -11.22 -21.38
N ILE A 274 -0.29 -10.70 -22.54
CA ILE A 274 0.65 -10.51 -23.65
C ILE A 274 0.58 -9.10 -24.21
N PRO A 275 1.64 -8.31 -23.98
CA PRO A 275 1.75 -7.00 -24.63
C PRO A 275 1.86 -7.16 -26.15
N HIS A 276 1.02 -6.44 -26.88
CA HIS A 276 0.89 -6.70 -28.32
C HIS A 276 1.61 -5.69 -29.22
N ASN A 277 1.25 -4.42 -29.10
CA ASN A 277 1.72 -3.41 -30.06
C ASN A 277 2.60 -2.34 -29.43
N LYS A 278 2.85 -2.46 -28.13
CA LYS A 278 3.74 -1.54 -27.43
C LYS A 278 4.98 -2.27 -26.94
N PRO A 279 6.14 -1.59 -26.94
CA PRO A 279 7.39 -2.14 -26.43
C PRO A 279 7.27 -2.62 -24.99
N LEU A 280 8.10 -3.59 -24.60
CA LEU A 280 7.98 -4.20 -23.29
C LEU A 280 8.08 -3.19 -22.16
N PHE A 281 9.01 -2.24 -22.27
CA PHE A 281 9.22 -1.26 -21.21
C PHE A 281 8.02 -0.31 -21.09
N GLN A 282 7.29 -0.13 -22.19
CA GLN A 282 6.12 0.75 -22.17
C GLN A 282 4.97 0.07 -21.44
N ALA A 283 4.94 -1.25 -21.51
CA ALA A 283 3.90 -2.04 -20.84
C ALA A 283 4.20 -2.17 -19.36
N LEU A 284 5.48 -2.26 -19.02
CA LEU A 284 5.91 -2.39 -17.63
C LEU A 284 5.70 -1.07 -16.88
N ILE A 285 5.97 0.05 -17.55
CA ILE A 285 5.76 1.36 -16.95
C ILE A 285 4.29 1.61 -16.66
N ASP A 286 3.44 1.36 -17.65
CA ASP A 286 2.00 1.51 -17.50
C ASP A 286 1.45 0.56 -16.43
N GLY A 287 1.97 -0.66 -16.42
CA GLY A 287 1.55 -1.65 -15.44
C GLY A 287 2.00 -1.32 -14.04
N PHE A 288 3.10 -0.56 -13.94
CA PHE A 288 3.61 -0.13 -12.66
C PHE A 288 2.74 0.97 -12.07
N ARG A 289 2.20 1.82 -12.93
CA ARG A 289 1.32 2.90 -12.50
C ARG A 289 -0.05 2.35 -12.13
N GLU A 290 -0.46 1.28 -12.78
CA GLU A 290 -1.75 0.64 -12.49
C GLU A 290 -1.68 -0.19 -11.21
N GLY A 291 -0.47 -0.63 -10.86
CA GLY A 291 -0.26 -1.39 -9.63
C GLY A 291 -0.36 -2.88 -9.82
N PHE A 292 -0.06 -3.36 -11.02
CA PHE A 292 -0.10 -4.78 -11.32
C PHE A 292 1.30 -5.38 -11.41
N TYR A 293 2.22 -4.63 -12.03
CA TYR A 293 3.60 -5.06 -12.14
C TYR A 293 4.47 -4.28 -11.17
N LEU A 294 4.66 -4.84 -9.98
CA LEU A 294 5.30 -4.11 -8.89
C LEU A 294 6.63 -4.71 -8.43
N PHE A 295 6.69 -6.05 -8.36
CA PHE A 295 7.87 -6.70 -7.82
C PHE A 295 8.48 -7.71 -8.80
N PRO A 296 9.59 -7.32 -9.44
CA PRO A 296 10.31 -8.24 -10.33
C PRO A 296 10.92 -9.41 -9.56
N ASP A 297 10.43 -10.61 -9.85
CA ASP A 297 10.87 -11.83 -9.18
C ASP A 297 10.60 -11.76 -7.67
N GLY A 298 9.61 -10.94 -7.30
CA GLY A 298 9.22 -10.82 -5.91
C GLY A 298 10.04 -9.83 -5.11
N ARG A 299 10.93 -9.11 -5.80
CA ARG A 299 11.83 -8.17 -5.14
C ARG A 299 11.21 -6.78 -5.05
N ASN A 300 11.43 -6.11 -3.91
CA ASN A 300 10.83 -4.80 -3.66
C ASN A 300 11.51 -3.67 -4.43
N GLN A 301 12.59 -4.00 -5.13
CA GLN A 301 13.34 -2.99 -5.88
C GLN A 301 13.06 -3.07 -7.37
N ASN A 302 12.03 -2.37 -7.81
CA ASN A 302 11.63 -2.37 -9.22
C ASN A 302 12.32 -1.25 -10.00
N PRO A 303 12.90 -1.60 -11.16
CA PRO A 303 13.67 -0.67 -12.00
C PRO A 303 12.82 0.46 -12.59
N ASP A 304 13.41 1.64 -12.73
CA ASP A 304 12.75 2.77 -13.37
C ASP A 304 13.12 2.83 -14.85
N LEU A 305 12.16 2.52 -15.71
CA LEU A 305 12.43 2.41 -17.14
C LEU A 305 11.97 3.64 -17.91
N THR A 306 11.58 4.69 -17.19
CA THR A 306 10.98 5.87 -17.81
C THR A 306 11.97 6.68 -18.65
N GLY A 307 13.26 6.42 -18.48
CA GLY A 307 14.28 7.14 -19.21
C GLY A 307 14.44 6.67 -20.65
N LEU A 308 13.84 5.52 -20.96
CA LEU A 308 13.94 4.94 -22.29
C LEU A 308 13.11 5.71 -23.31
N CYS A 309 12.06 6.36 -22.83
CA CYS A 309 11.18 7.14 -23.70
C CYS A 309 11.86 8.44 -24.13
N GLU A 310 12.65 8.99 -23.23
CA GLU A 310 13.41 10.21 -23.50
C GLU A 310 14.47 9.96 -24.58
N PRO A 311 14.92 11.03 -25.25
CA PRO A 311 15.99 10.93 -26.26
C PRO A 311 17.22 10.20 -25.74
N THR A 312 17.79 10.66 -24.63
CA THR A 312 18.93 10.00 -24.02
C THR A 312 18.74 9.86 -22.51
N HIS A 316 20.71 6.15 -21.15
CA HIS A 316 21.95 6.75 -20.69
C HIS A 316 22.46 6.01 -19.45
N ILE A 317 22.56 4.68 -19.56
CA ILE A 317 22.99 3.84 -18.45
C ILE A 317 24.15 2.94 -18.84
N LYS A 318 24.84 2.40 -17.84
CA LYS A 318 25.96 1.51 -18.07
C LYS A 318 25.79 0.18 -17.31
N VAL A 319 26.45 -0.86 -17.82
CA VAL A 319 26.36 -2.19 -17.22
C VAL A 319 27.73 -2.70 -16.82
N THR A 320 27.83 -3.23 -15.59
CA THR A 320 29.08 -3.80 -15.11
C THR A 320 29.43 -5.05 -15.91
N GLN A 321 30.71 -5.36 -15.99
CA GLN A 321 31.15 -6.55 -16.71
C GLN A 321 30.80 -7.81 -15.93
N GLU A 322 30.53 -7.66 -14.63
CA GLU A 322 30.09 -8.79 -13.82
C GLU A 322 28.66 -9.17 -14.18
N GLN A 323 27.85 -8.19 -14.56
CA GLN A 323 26.47 -8.44 -14.95
C GLN A 323 26.38 -9.11 -16.32
N TYR A 324 27.31 -8.77 -17.21
CA TYR A 324 27.35 -9.38 -18.54
C TYR A 324 27.75 -10.85 -18.45
N GLU A 325 28.71 -11.14 -17.57
CA GLU A 325 29.18 -12.51 -17.39
C GLU A 325 28.10 -13.39 -16.78
N LEU A 326 27.35 -12.84 -15.84
CA LEU A 326 26.26 -13.57 -15.19
C LEU A 326 25.13 -13.85 -16.17
N PHE A 327 24.94 -12.94 -17.12
CA PHE A 327 23.90 -13.10 -18.13
C PHE A 327 24.23 -14.24 -19.08
N CYS A 328 25.52 -14.46 -19.30
CA CYS A 328 25.97 -15.53 -20.20
C CYS A 328 25.76 -16.90 -19.56
N GLU A 329 25.66 -16.93 -18.23
CA GLU A 329 25.48 -18.18 -17.51
C GLU A 329 24.00 -18.46 -17.20
N MET A 330 23.12 -17.68 -17.82
CA MET A 330 21.69 -17.77 -17.51
C MET A 330 20.98 -18.85 -18.31
N GLY A 331 21.14 -18.80 -19.63
CA GLY A 331 20.42 -19.70 -20.52
C GLY A 331 20.82 -21.17 -20.44
N SER A 332 21.82 -21.48 -19.63
CA SER A 332 22.28 -22.86 -19.51
C SER A 332 22.90 -23.15 -18.14
N THR A 333 23.56 -24.29 -18.05
CA THR A 333 24.23 -24.71 -16.81
C THR A 333 25.60 -24.07 -16.69
N PHE A 334 26.13 -24.04 -15.48
CA PHE A 334 27.42 -23.42 -15.21
C PHE A 334 28.56 -24.29 -15.74
N GLN A 335 28.28 -25.58 -15.94
CA GLN A 335 29.30 -26.51 -16.40
C GLN A 335 29.81 -26.20 -17.80
N LEU A 336 28.92 -25.74 -18.68
CA LEU A 336 29.26 -25.56 -20.09
C LEU A 336 30.12 -24.34 -20.37
N CYS A 337 31.10 -24.51 -21.25
CA CYS A 337 31.84 -23.40 -21.84
C CYS A 337 30.87 -22.60 -22.72
N LYS A 338 30.90 -21.28 -22.60
CA LYS A 338 29.90 -20.44 -23.27
C LYS A 338 30.34 -19.95 -24.65
N ILE A 339 31.50 -20.41 -25.10
CA ILE A 339 31.98 -20.06 -26.43
C ILE A 339 31.51 -21.10 -27.46
N CYS A 340 31.77 -22.37 -27.16
CA CYS A 340 31.43 -23.46 -28.05
C CYS A 340 30.10 -24.12 -27.67
N ALA A 341 29.77 -24.05 -26.38
CA ALA A 341 28.55 -24.66 -25.83
C ALA A 341 28.50 -26.15 -26.10
N GLU A 342 29.68 -26.79 -26.14
CA GLU A 342 29.78 -28.23 -26.34
C GLU A 342 30.53 -28.87 -25.18
N ASN A 343 31.79 -28.51 -25.03
CA ASN A 343 32.62 -29.04 -23.94
C ASN A 343 32.45 -28.21 -22.68
N ASP A 344 32.85 -28.80 -21.54
CA ASP A 344 32.75 -28.10 -20.26
C ASP A 344 34.03 -27.37 -19.92
N LYS A 345 33.93 -26.42 -19.00
CA LYS A 345 35.06 -25.60 -18.59
C LYS A 345 36.17 -26.43 -17.95
N ASP A 346 37.42 -26.08 -18.22
CA ASP A 346 38.55 -26.79 -17.62
C ASP A 346 39.82 -25.92 -17.57
N VAL A 347 39.65 -24.61 -17.71
CA VAL A 347 40.78 -23.69 -17.62
C VAL A 347 40.32 -22.28 -17.24
N LYS A 348 41.13 -21.61 -16.42
CA LYS A 348 40.81 -20.27 -15.94
C LYS A 348 41.90 -19.27 -16.34
N ILE A 349 41.47 -18.10 -16.83
CA ILE A 349 42.41 -17.09 -17.32
C ILE A 349 42.71 -16.04 -16.26
N GLU A 350 43.98 -15.69 -16.11
CA GLU A 350 44.39 -14.64 -15.19
C GLU A 350 44.80 -13.39 -15.98
N PRO A 351 44.51 -12.20 -15.44
CA PRO A 351 43.83 -11.96 -14.17
C PRO A 351 42.35 -11.59 -14.31
N CYS A 352 41.74 -11.91 -15.45
CA CYS A 352 40.34 -11.56 -15.67
C CYS A 352 39.39 -12.55 -15.01
N GLY A 353 39.88 -13.77 -14.79
CA GLY A 353 39.12 -14.79 -14.09
C GLY A 353 37.98 -15.40 -14.89
N HIS A 354 38.12 -15.41 -16.21
CA HIS A 354 37.07 -15.97 -17.06
C HIS A 354 37.30 -17.45 -17.34
N LEU A 355 36.22 -18.22 -17.39
CA LEU A 355 36.31 -19.66 -17.55
C LEU A 355 35.94 -20.09 -18.97
N MET A 356 36.53 -21.19 -19.41
CA MET A 356 36.30 -21.72 -20.75
C MET A 356 36.91 -23.11 -20.86
N CYS A 357 36.79 -23.71 -22.04
CA CYS A 357 37.49 -24.97 -22.32
C CYS A 357 38.78 -24.68 -23.03
N THR A 358 39.66 -25.68 -23.12
CA THR A 358 40.99 -25.49 -23.67
C THR A 358 40.96 -25.34 -25.19
N SER A 359 40.04 -26.05 -25.84
CA SER A 359 39.90 -26.01 -27.30
C SER A 359 39.58 -24.61 -27.81
N CYS A 360 38.71 -23.90 -27.09
CA CYS A 360 38.32 -22.56 -27.50
C CYS A 360 39.44 -21.55 -27.32
N LEU A 361 40.13 -21.62 -26.18
CA LEU A 361 41.26 -20.74 -25.92
C LEU A 361 42.36 -20.95 -26.94
N THR A 362 42.61 -22.21 -27.28
CA THR A 362 43.60 -22.56 -28.29
C THR A 362 43.17 -22.04 -29.67
N SER A 363 41.90 -22.26 -30.00
CA SER A 363 41.36 -21.82 -31.28
C SER A 363 41.38 -20.30 -31.42
N TRP A 364 41.28 -19.60 -30.30
CA TRP A 364 41.30 -18.15 -30.30
C TRP A 364 42.72 -17.63 -30.45
N GLN A 365 43.67 -18.31 -29.83
CA GLN A 365 45.07 -17.92 -29.89
C GLN A 365 45.69 -18.24 -31.24
N GLU A 366 45.32 -19.39 -31.80
CA GLU A 366 45.82 -19.82 -33.09
C GLU A 366 45.27 -18.97 -34.23
N SER A 367 44.11 -18.35 -33.99
CA SER A 367 43.48 -17.50 -35.00
C SER A 367 43.95 -16.05 -34.86
N GLU A 368 45.11 -15.87 -34.22
CA GLU A 368 45.70 -14.55 -34.01
C GLU A 368 44.75 -13.62 -33.27
N GLY A 369 44.09 -14.14 -32.25
CA GLY A 369 43.19 -13.34 -31.43
C GLY A 369 43.94 -12.56 -30.37
N GLN A 370 43.35 -11.47 -29.91
CA GLN A 370 44.00 -10.60 -28.94
C GLN A 370 43.54 -10.90 -27.51
N GLY A 371 44.39 -11.60 -26.76
CA GLY A 371 44.14 -11.87 -25.36
C GLY A 371 43.02 -12.85 -25.07
N CYS A 372 42.28 -12.57 -24.00
CA CYS A 372 41.16 -13.43 -23.58
C CYS A 372 40.03 -13.40 -24.60
N PRO A 373 39.47 -14.58 -24.92
CA PRO A 373 38.37 -14.69 -25.89
C PRO A 373 37.14 -13.85 -25.52
N PHE A 374 36.96 -13.59 -24.24
CA PHE A 374 35.82 -12.81 -23.77
C PHE A 374 36.10 -11.31 -23.72
N CYS A 375 37.00 -10.91 -22.81
CA CYS A 375 37.24 -9.50 -22.53
C CYS A 375 38.40 -8.90 -23.32
N ARG A 376 39.13 -9.75 -24.04
CA ARG A 376 40.28 -9.34 -24.86
C ARG A 376 41.39 -8.68 -24.04
N CYS A 377 41.46 -9.02 -22.75
CA CYS A 377 42.54 -8.53 -21.90
C CYS A 377 43.74 -9.48 -21.97
N GLU A 378 44.92 -8.96 -21.63
CA GLU A 378 46.15 -9.74 -21.71
C GLU A 378 46.12 -10.96 -20.79
N ILE A 379 46.62 -12.08 -21.30
CA ILE A 379 46.70 -13.30 -20.51
C ILE A 379 48.05 -13.43 -19.83
N LYS A 380 48.08 -13.21 -18.52
CA LYS A 380 49.32 -13.31 -17.75
C LYS A 380 49.64 -14.76 -17.42
N GLY A 381 48.60 -15.53 -17.10
CA GLY A 381 48.76 -16.93 -16.78
C GLY A 381 47.44 -17.69 -16.81
N THR A 382 47.54 -19.02 -16.83
CA THR A 382 46.34 -19.87 -16.86
C THR A 382 46.43 -20.97 -15.81
N GLU A 383 45.28 -21.37 -15.28
CA GLU A 383 45.20 -22.47 -14.33
C GLU A 383 44.01 -23.37 -14.62
N PRO A 384 44.21 -24.69 -14.54
CA PRO A 384 43.18 -25.67 -14.87
C PRO A 384 42.14 -25.85 -13.76
N ILE A 385 40.89 -26.06 -14.14
CA ILE A 385 39.82 -26.32 -13.18
C ILE A 385 39.08 -27.60 -13.51
N VAL A 386 38.46 -28.20 -12.50
CA VAL A 386 37.63 -29.39 -12.69
C VAL A 386 36.17 -29.03 -12.44
N VAL A 387 35.31 -29.29 -13.42
CA VAL A 387 33.93 -28.86 -13.35
C VAL A 387 33.00 -29.96 -12.83
N ASP A 388 33.32 -31.21 -13.18
CA ASP A 388 32.58 -32.36 -12.67
C ASP A 388 33.48 -33.15 -11.74
N PRO A 389 33.53 -32.75 -10.45
CA PRO A 389 34.50 -33.27 -9.48
C PRO A 389 34.26 -34.73 -9.10
N PHE A 390 33.00 -35.14 -9.08
CA PHE A 390 32.66 -36.49 -8.62
C PHE A 390 32.43 -37.42 -9.80
N ASP A 391 31.65 -36.95 -10.77
CA ASP A 391 31.32 -37.75 -11.95
C ASP A 391 32.35 -37.54 -13.05
N PRO B 3 32.40 16.16 34.39
CA PRO B 3 32.76 15.92 35.79
C PRO B 3 32.61 17.17 36.65
N PRO B 4 32.33 16.99 37.96
CA PRO B 4 32.21 18.12 38.89
C PRO B 4 33.55 18.79 39.16
N GLY B 5 33.62 20.10 38.95
CA GLY B 5 34.86 20.83 39.14
C GLY B 5 35.27 20.94 40.59
N THR B 6 36.55 21.21 40.82
CA THR B 6 37.07 21.35 42.17
C THR B 6 36.52 22.59 42.86
N VAL B 7 36.16 22.45 44.13
CA VAL B 7 35.54 23.54 44.87
C VAL B 7 36.56 24.51 45.44
N ASP B 8 36.45 25.77 45.04
CA ASP B 8 37.31 26.82 45.56
C ASP B 8 36.46 27.84 46.32
N LYS B 9 37.13 28.81 46.94
CA LYS B 9 36.42 29.84 47.71
C LYS B 9 35.63 30.78 46.81
N LYS B 10 36.05 30.88 45.56
CA LYS B 10 35.40 31.75 44.59
C LYS B 10 34.00 31.24 44.22
N MET B 11 33.86 29.92 44.18
CA MET B 11 32.58 29.30 43.87
C MET B 11 31.65 29.35 45.08
N VAL B 12 32.21 29.09 46.25
CA VAL B 12 31.45 29.10 47.49
C VAL B 12 30.90 30.49 47.80
N GLU B 13 31.74 31.50 47.59
CA GLU B 13 31.34 32.89 47.82
C GLU B 13 30.21 33.29 46.87
N LYS B 14 30.26 32.77 45.65
CA LYS B 14 29.21 33.00 44.66
C LYS B 14 27.94 32.29 45.07
N CYS B 15 28.09 31.08 45.60
CA CYS B 15 26.96 30.26 46.03
C CYS B 15 26.17 30.92 47.14
N TRP B 16 26.88 31.59 48.05
CA TRP B 16 26.25 32.29 49.17
C TRP B 16 25.41 33.46 48.68
N LYS B 17 25.92 34.17 47.69
CA LYS B 17 25.21 35.31 47.11
C LYS B 17 23.91 34.85 46.47
N LEU B 18 23.90 33.62 45.96
CA LEU B 18 22.71 33.05 45.35
C LEU B 18 21.70 32.61 46.41
N MET B 19 22.21 32.02 47.48
CA MET B 19 21.35 31.59 48.59
C MET B 19 20.73 32.79 49.28
N ASP B 20 21.49 33.87 49.38
CA ASP B 20 20.98 35.12 49.95
C ASP B 20 19.85 35.67 49.09
N LYS B 21 20.03 35.56 47.77
CA LYS B 21 19.06 36.05 46.80
C LYS B 21 17.70 35.37 46.94
N VAL B 22 17.72 34.06 47.16
CA VAL B 22 16.49 33.29 47.30
C VAL B 22 15.71 33.71 48.54
N VAL B 23 16.43 33.91 49.64
CA VAL B 23 15.83 34.35 50.90
C VAL B 23 15.09 35.67 50.73
N ARG B 24 15.70 36.60 50.00
CA ARG B 24 15.10 37.91 49.75
C ARG B 24 13.77 37.78 49.01
N LEU B 25 13.68 36.78 48.14
CA LEU B 25 12.49 36.58 47.32
C LEU B 25 11.35 35.91 48.09
N CYS B 26 11.71 35.09 49.08
CA CYS B 26 10.72 34.28 49.80
C CYS B 26 10.19 34.96 51.05
N GLN B 27 10.82 36.07 51.46
CA GLN B 27 10.39 36.81 52.63
C GLN B 27 9.17 37.68 52.32
N ASN B 28 8.86 37.81 51.03
CA ASN B 28 7.77 38.66 50.56
C ASN B 28 6.44 38.29 51.20
N PRO B 29 5.81 39.24 51.89
CA PRO B 29 4.50 39.07 52.53
C PRO B 29 3.41 38.65 51.53
N LYS B 30 3.59 38.99 50.26
CA LYS B 30 2.63 38.63 49.22
C LYS B 30 2.55 37.12 49.02
N LEU B 31 3.60 36.43 49.44
CA LEU B 31 3.65 34.97 49.33
C LEU B 31 2.95 34.29 50.49
N ALA B 32 3.34 34.65 51.71
CA ALA B 32 2.80 34.05 52.93
C ALA B 32 2.97 32.54 52.92
N LEU B 33 4.21 32.09 53.05
CA LEU B 33 4.51 30.66 53.05
C LEU B 33 4.08 29.97 54.34
N LYS B 34 4.08 28.65 54.32
CA LYS B 34 3.73 27.86 55.50
C LYS B 34 4.89 27.78 56.48
N ASN B 35 4.58 27.74 57.78
CA ASN B 35 5.58 27.55 58.80
C ASN B 35 5.99 26.08 58.88
N SER B 36 5.15 25.22 58.32
CA SER B 36 5.37 23.78 58.33
C SER B 36 6.47 23.37 57.37
N PRO B 37 7.23 22.32 57.73
CA PRO B 37 8.30 21.79 56.87
C PRO B 37 7.77 21.32 55.52
N PRO B 38 8.56 21.51 54.45
CA PRO B 38 9.88 22.15 54.48
C PRO B 38 9.79 23.68 54.41
N TYR B 39 10.42 24.34 55.38
CA TYR B 39 10.46 25.80 55.41
C TYR B 39 11.79 26.30 54.87
N ILE B 40 11.76 26.82 53.64
CA ILE B 40 12.98 27.23 52.95
C ILE B 40 13.68 28.40 53.65
N LEU B 41 12.91 29.23 54.34
CA LEU B 41 13.48 30.39 55.03
C LEU B 41 14.29 29.97 56.26
N ASP B 42 14.21 28.70 56.63
CA ASP B 42 15.01 28.16 57.71
C ASP B 42 16.08 27.21 57.19
N LEU B 43 15.76 26.51 56.11
CA LEU B 43 16.67 25.52 55.53
C LEU B 43 17.91 26.17 54.92
N LEU B 44 17.74 27.33 54.29
CA LEU B 44 18.85 28.01 53.63
C LEU B 44 19.85 28.64 54.62
N PRO B 45 19.36 29.34 55.67
CA PRO B 45 20.37 29.82 56.63
C PRO B 45 21.11 28.68 57.33
N ASP B 46 20.38 27.60 57.65
CA ASP B 46 20.97 26.44 58.29
C ASP B 46 22.02 25.78 57.40
N THR B 47 21.78 25.79 56.09
CA THR B 47 22.73 25.25 55.14
C THR B 47 23.98 26.12 55.10
N TYR B 48 23.77 27.44 55.08
CA TYR B 48 24.88 28.39 55.09
C TYR B 48 25.71 28.26 56.37
N GLN B 49 25.03 28.09 57.49
CA GLN B 49 25.69 27.97 58.78
C GLN B 49 26.50 26.67 58.88
N HIS B 50 25.99 25.62 58.25
CA HIS B 50 26.68 24.33 58.28
C HIS B 50 27.84 24.32 57.30
N LEU B 51 27.73 25.13 56.24
CA LEU B 51 28.83 25.30 55.30
C LEU B 51 29.96 26.10 55.93
N ARG B 52 29.58 27.06 56.78
CA ARG B 52 30.55 27.87 57.50
C ARG B 52 31.33 27.03 58.51
N THR B 53 30.67 26.00 59.03
CA THR B 53 31.30 25.09 59.98
C THR B 53 32.35 24.23 59.29
N ILE B 54 32.03 23.76 58.10
CA ILE B 54 32.96 22.94 57.32
C ILE B 54 34.19 23.74 56.90
N LEU B 55 33.96 25.00 56.50
CA LEU B 55 35.06 25.86 56.07
C LEU B 55 36.00 26.21 57.23
N SER B 56 35.44 26.32 58.44
CA SER B 56 36.23 26.67 59.61
C SER B 56 37.15 25.51 60.01
N ARG B 57 36.65 24.29 59.89
CA ARG B 57 37.43 23.09 60.15
C ARG B 57 38.56 22.95 59.14
N TYR B 58 38.21 22.96 57.86
CA TYR B 58 39.20 22.86 56.79
C TYR B 58 39.77 24.23 56.47
N GLU B 59 40.37 24.86 57.47
CA GLU B 59 40.93 26.20 57.33
C GLU B 59 42.36 26.15 56.82
N GLY B 60 43.20 25.33 57.48
CA GLY B 60 44.58 25.17 57.06
C GLY B 60 44.67 24.41 55.75
N LYS B 61 44.09 23.22 55.71
CA LYS B 61 44.07 22.43 54.49
C LYS B 61 42.76 22.58 53.74
N MET B 62 42.81 23.28 52.62
CA MET B 62 41.64 23.48 51.77
C MET B 62 41.72 22.56 50.55
N GLU B 63 42.93 22.06 50.28
CA GLU B 63 43.16 21.20 49.13
C GLU B 63 42.38 19.89 49.24
N THR B 64 42.35 19.31 50.44
CA THR B 64 41.68 18.05 50.66
C THR B 64 40.16 18.19 50.55
N LEU B 65 39.65 19.38 50.89
CA LEU B 65 38.21 19.63 50.80
C LEU B 65 37.78 19.87 49.36
N GLY B 66 38.62 20.56 48.60
CA GLY B 66 38.32 20.86 47.22
C GLY B 66 38.50 19.67 46.29
N GLU B 67 39.07 18.59 46.83
CA GLU B 67 39.33 17.39 46.03
C GLU B 67 38.35 16.28 46.36
N ASN B 68 37.50 16.52 47.36
CA ASN B 68 36.50 15.53 47.77
C ASN B 68 35.40 15.42 46.72
N GLU B 69 35.06 14.19 46.36
CA GLU B 69 34.09 13.95 45.31
C GLU B 69 32.68 14.40 45.70
N TYR B 70 32.29 14.12 46.95
CA TYR B 70 30.97 14.48 47.42
C TYR B 70 30.77 15.98 47.46
N PHE B 71 31.75 16.69 48.02
CA PHE B 71 31.64 18.14 48.19
C PHE B 71 31.60 18.86 46.85
N ARG B 72 32.21 18.26 45.83
CA ARG B 72 32.17 18.82 44.48
C ARG B 72 30.78 18.63 43.87
N VAL B 73 30.19 17.47 44.13
CA VAL B 73 28.85 17.17 43.64
C VAL B 73 27.80 18.01 44.36
N PHE B 74 27.93 18.12 45.68
CA PHE B 74 26.96 18.85 46.49
C PHE B 74 26.94 20.33 46.16
N MET B 75 28.11 20.95 46.14
CA MET B 75 28.21 22.38 45.89
C MET B 75 27.76 22.76 44.48
N GLU B 76 27.88 21.82 43.55
CA GLU B 76 27.40 22.03 42.20
C GLU B 76 25.87 21.91 42.17
N ASN B 77 25.36 20.90 42.84
CA ASN B 77 23.92 20.69 42.93
C ASN B 77 23.24 21.81 43.71
N LEU B 78 23.96 22.36 44.69
CA LEU B 78 23.43 23.45 45.51
C LEU B 78 23.24 24.71 44.68
N MET B 79 24.24 25.04 43.87
CA MET B 79 24.16 26.22 42.99
C MET B 79 23.08 26.03 41.93
N LYS B 80 22.99 24.82 41.39
CA LYS B 80 22.01 24.52 40.35
C LYS B 80 20.58 24.63 40.87
N LYS B 81 20.34 24.04 42.04
CA LYS B 81 19.01 24.09 42.66
C LYS B 81 18.68 25.51 43.12
N THR B 82 19.71 26.27 43.47
CA THR B 82 19.52 27.65 43.91
C THR B 82 19.15 28.55 42.72
N LYS B 83 19.89 28.39 41.62
CA LYS B 83 19.61 29.15 40.40
C LYS B 83 18.24 28.80 39.84
N GLN B 84 17.87 27.52 39.95
CA GLN B 84 16.58 27.04 39.48
C GLN B 84 15.44 27.74 40.21
N THR B 85 15.66 28.01 41.49
CA THR B 85 14.68 28.69 42.32
C THR B 85 14.59 30.17 41.96
N ILE B 86 15.74 30.80 41.76
CA ILE B 86 15.80 32.21 41.40
C ILE B 86 15.12 32.47 40.06
N SER B 87 15.40 31.61 39.08
CA SER B 87 14.82 31.75 37.76
C SER B 87 13.31 31.47 37.78
N LEU B 88 12.87 30.69 38.76
CA LEU B 88 11.46 30.37 38.90
C LEU B 88 10.65 31.62 39.23
N PHE B 89 11.21 32.48 40.07
CA PHE B 89 10.56 33.74 40.43
C PHE B 89 10.51 34.70 39.25
N LYS B 90 11.57 34.70 38.45
CA LYS B 90 11.65 35.56 37.28
C LYS B 90 10.66 35.13 36.20
N GLU B 91 10.55 33.82 35.99
CA GLU B 91 9.65 33.28 34.98
C GLU B 91 8.19 33.41 35.40
N GLY B 92 7.91 33.07 36.65
CA GLY B 92 6.54 33.10 37.16
C GLY B 92 6.02 34.50 37.41
N LYS B 93 6.92 35.41 37.79
CA LYS B 93 6.58 36.80 38.07
C LYS B 93 5.49 36.94 39.13
N GLU B 94 4.30 37.34 38.71
CA GLU B 94 3.20 37.59 39.64
C GLU B 94 2.39 36.33 39.93
N ARG B 95 2.73 35.22 39.28
CA ARG B 95 2.03 33.96 39.50
C ARG B 95 2.43 33.35 40.84
N MET B 96 3.56 33.78 41.37
CA MET B 96 4.07 33.27 42.65
C MET B 96 3.18 33.69 43.82
N TYR B 97 2.52 34.83 43.68
CA TYR B 97 1.72 35.39 44.76
C TYR B 97 0.45 34.58 45.03
N GLU B 98 -0.15 34.06 43.96
CA GLU B 98 -1.34 33.23 44.10
C GLU B 98 -0.95 31.82 44.52
N GLU B 99 -1.51 31.36 45.64
CA GLU B 99 -1.21 30.03 46.17
C GLU B 99 -1.71 28.93 45.23
N ASN B 100 -1.11 27.75 45.35
CA ASN B 100 -1.47 26.58 44.55
C ASN B 100 -1.27 26.75 43.04
N SER B 101 -0.59 27.83 42.65
CA SER B 101 -0.20 27.99 41.26
C SER B 101 0.96 27.05 40.96
N GLN B 102 1.07 26.59 39.72
CA GLN B 102 2.14 25.68 39.33
C GLN B 102 3.54 26.18 39.66
N PRO B 103 3.81 27.49 39.50
CA PRO B 103 5.13 27.94 39.98
C PRO B 103 5.29 27.80 41.49
N ARG B 104 4.22 28.01 42.25
CA ARG B 104 4.28 27.92 43.70
C ARG B 104 4.47 26.47 44.15
N ARG B 105 3.83 25.54 43.43
CA ARG B 105 3.96 24.12 43.76
C ARG B 105 5.36 23.62 43.47
N ASN B 106 6.03 24.25 42.51
CA ASN B 106 7.42 23.92 42.20
C ASN B 106 8.35 24.41 43.30
N LEU B 107 7.97 25.52 43.92
CA LEU B 107 8.75 26.09 45.03
C LEU B 107 8.68 25.16 46.24
N THR B 108 7.52 24.52 46.40
CA THR B 108 7.33 23.56 47.48
C THR B 108 8.20 22.32 47.24
N LYS B 109 8.27 21.90 45.99
CA LYS B 109 9.10 20.75 45.60
C LYS B 109 10.57 21.03 45.84
N LEU B 110 11.03 22.20 45.42
CA LEU B 110 12.43 22.59 45.60
C LEU B 110 12.77 22.74 47.08
N SER B 111 11.80 23.21 47.86
CA SER B 111 11.99 23.35 49.31
C SER B 111 12.20 21.99 49.95
N LEU B 112 11.52 20.98 49.42
CA LEU B 112 11.66 19.62 49.91
C LEU B 112 13.03 19.06 49.57
N ILE B 113 13.58 19.48 48.43
CA ILE B 113 14.90 19.04 48.01
C ILE B 113 15.99 19.62 48.91
N PHE B 114 15.89 20.92 49.18
CA PHE B 114 16.82 21.58 50.08
C PHE B 114 16.82 20.93 51.46
N SER B 115 15.64 20.54 51.91
CA SER B 115 15.47 19.85 53.18
C SER B 115 16.24 18.53 53.18
N HIS B 116 16.22 17.85 52.05
CA HIS B 116 16.95 16.60 51.90
C HIS B 116 18.46 16.84 51.79
N MET B 117 18.84 17.95 51.16
CA MET B 117 20.25 18.27 50.97
C MET B 117 20.94 18.60 52.30
N LEU B 118 20.23 19.33 53.16
CA LEU B 118 20.76 19.68 54.47
C LEU B 118 20.90 18.45 55.35
N ALA B 119 19.90 17.57 55.30
CA ALA B 119 19.91 16.33 56.06
C ALA B 119 21.04 15.42 55.58
N GLU B 120 21.36 15.54 54.30
CA GLU B 120 22.45 14.77 53.71
C GLU B 120 23.79 15.36 54.13
N LEU B 121 23.88 16.68 54.09
CA LEU B 121 25.11 17.39 54.41
C LEU B 121 25.51 17.20 55.88
N LYS B 122 24.52 17.20 56.76
CA LYS B 122 24.77 17.01 58.19
C LYS B 122 25.11 15.56 58.50
N GLY B 123 24.65 14.64 57.65
CA GLY B 123 24.93 13.23 57.83
C GLY B 123 26.30 12.83 57.33
N ILE B 124 26.76 13.48 56.27
CA ILE B 124 28.06 13.21 55.70
C ILE B 124 29.14 14.03 56.41
N PHE B 125 28.77 15.24 56.85
CA PHE B 125 29.70 16.09 57.57
C PHE B 125 29.23 16.44 58.99
N PRO B 126 29.35 15.48 59.92
CA PRO B 126 29.01 15.77 61.32
C PRO B 126 29.95 16.81 61.92
N SER B 127 29.39 17.88 62.46
CA SER B 127 30.17 18.97 63.05
C SER B 127 31.16 19.56 62.05
N GLY B 128 30.82 19.49 60.78
CA GLY B 128 31.65 20.04 59.71
C GLY B 128 32.90 19.23 59.44
N LEU B 129 32.77 17.91 59.55
CA LEU B 129 33.91 17.02 59.34
C LEU B 129 33.51 15.80 58.51
N PHE B 130 34.26 15.53 57.46
CA PHE B 130 33.91 14.46 56.51
C PHE B 130 33.99 13.07 57.14
N GLN B 131 32.83 12.46 57.34
CA GLN B 131 32.73 11.09 57.85
C GLN B 131 32.02 10.21 56.84
N GLY B 132 32.18 10.53 55.56
CA GLY B 132 31.47 9.85 54.49
C GLY B 132 31.99 8.46 54.16
N ASP B 133 33.30 8.28 54.24
CA ASP B 133 33.92 6.99 53.93
C ASP B 133 33.66 5.96 55.01
N THR B 134 33.15 6.41 56.15
CA THR B 134 32.83 5.52 57.26
C THR B 134 31.39 5.68 57.71
N PHE B 135 30.51 5.98 56.76
CA PHE B 135 29.09 6.12 57.06
C PHE B 135 28.47 4.75 57.33
N ARG B 136 27.78 4.63 58.46
CA ARG B 136 27.18 3.37 58.86
C ARG B 136 25.80 3.17 58.24
N ILE B 137 25.68 2.17 57.36
CA ILE B 137 24.40 1.81 56.78
C ILE B 137 23.64 0.93 57.77
N THR B 138 22.43 1.36 58.13
CA THR B 138 21.65 0.72 59.19
C THR B 138 21.40 -0.77 58.95
N LYS B 139 21.00 -1.12 57.73
CA LYS B 139 20.73 -2.51 57.40
C LYS B 139 21.98 -3.27 56.98
N ALA B 140 22.10 -4.52 57.44
CA ALA B 140 23.29 -5.33 57.22
C ALA B 140 23.48 -5.69 55.76
N ASP B 141 22.47 -6.31 55.15
CA ASP B 141 22.55 -6.73 53.76
C ASP B 141 22.76 -5.55 52.83
N ALA B 142 22.22 -4.39 53.20
CA ALA B 142 22.41 -3.17 52.42
C ALA B 142 23.84 -2.67 52.54
N ALA B 143 24.40 -2.74 53.73
CA ALA B 143 25.76 -2.29 53.99
C ALA B 143 26.78 -3.15 53.22
N GLU B 144 26.50 -4.44 53.14
CA GLU B 144 27.39 -5.37 52.45
C GLU B 144 27.38 -5.11 50.96
N PHE B 145 26.22 -4.73 50.44
CA PHE B 145 26.06 -4.43 49.02
C PHE B 145 26.88 -3.22 48.59
N TRP B 146 26.79 -2.15 49.38
CA TRP B 146 27.43 -0.88 49.02
C TRP B 146 28.95 -1.01 48.97
N ARG B 147 29.53 -1.63 50.00
CA ARG B 147 30.98 -1.81 50.07
C ARG B 147 31.49 -2.72 48.97
N LYS B 148 30.75 -3.80 48.71
CA LYS B 148 31.14 -4.75 47.68
C LYS B 148 31.06 -4.14 46.29
N ALA B 149 30.15 -3.17 46.13
CA ALA B 149 29.92 -2.56 44.83
C ALA B 149 30.75 -1.29 44.62
N PHE B 150 30.81 -0.43 45.63
CA PHE B 150 31.43 0.88 45.46
C PHE B 150 32.57 1.16 46.44
N GLY B 151 32.90 0.18 47.28
CA GLY B 151 34.00 0.33 48.21
C GLY B 151 33.72 1.35 49.30
N GLU B 152 34.60 2.34 49.42
CA GLU B 152 34.47 3.37 50.43
C GLU B 152 34.01 4.70 49.85
N LYS B 153 33.53 4.68 48.61
CA LYS B 153 33.05 5.89 47.96
C LYS B 153 31.79 6.42 48.65
N THR B 154 31.74 7.73 48.81
CA THR B 154 30.62 8.36 49.50
C THR B 154 29.41 8.49 48.58
N ILE B 155 29.66 8.75 47.30
CA ILE B 155 28.59 8.99 46.34
C ILE B 155 28.95 8.44 44.96
N VAL B 156 27.94 7.92 44.25
CA VAL B 156 28.13 7.34 42.92
C VAL B 156 27.05 7.81 41.96
N PRO B 157 27.38 7.94 40.67
CA PRO B 157 26.41 8.33 39.63
C PRO B 157 25.25 7.34 39.52
N TRP B 158 24.11 7.80 39.04
CA TRP B 158 22.93 6.95 38.91
C TRP B 158 23.15 5.82 37.92
N LYS B 159 23.89 6.10 36.85
CA LYS B 159 24.19 5.11 35.83
C LYS B 159 24.98 3.93 36.41
N SER B 160 25.90 4.23 37.33
CA SER B 160 26.71 3.19 37.96
C SER B 160 25.90 2.46 39.04
N PHE B 161 25.04 3.20 39.73
CA PHE B 161 24.23 2.62 40.78
C PHE B 161 23.17 1.69 40.21
N ARG B 162 22.58 2.08 39.08
CA ARG B 162 21.57 1.28 38.41
C ARG B 162 22.11 -0.10 38.05
N GLN B 163 23.27 -0.12 37.39
CA GLN B 163 23.88 -1.37 36.94
C GLN B 163 24.25 -2.27 38.11
N ALA B 164 24.68 -1.67 39.21
CA ALA B 164 25.08 -2.42 40.39
C ALA B 164 23.90 -3.11 41.05
N LEU B 165 22.83 -2.35 41.29
CA LEU B 165 21.62 -2.90 41.90
C LEU B 165 20.94 -3.88 40.97
N HIS B 166 21.16 -3.70 39.66
CA HIS B 166 20.56 -4.54 38.63
C HIS B 166 20.96 -6.01 38.76
N GLU B 167 22.21 -6.25 39.15
CA GLU B 167 22.73 -7.61 39.23
C GLU B 167 22.19 -8.37 40.45
N VAL B 168 21.73 -7.63 41.45
CA VAL B 168 21.16 -8.24 42.65
C VAL B 168 19.63 -8.31 42.53
N HIS B 169 19.02 -7.15 42.33
CA HIS B 169 17.58 -7.08 42.08
C HIS B 169 17.33 -6.64 40.64
N PRO B 170 16.64 -7.49 39.87
CA PRO B 170 16.41 -7.22 38.44
C PRO B 170 15.46 -6.04 38.20
N ILE B 171 15.89 -5.13 37.32
CA ILE B 171 15.03 -4.04 36.87
C ILE B 171 14.52 -4.35 35.47
N SER B 172 13.24 -4.69 35.38
CA SER B 172 12.65 -5.20 34.14
C SER B 172 12.74 -4.23 32.97
N SER B 173 12.43 -2.95 33.21
CA SER B 173 12.42 -1.96 32.15
C SER B 173 13.07 -0.65 32.57
N GLY B 174 13.37 0.18 31.59
CA GLY B 174 14.01 1.46 31.83
C GLY B 174 13.06 2.49 32.43
N LEU B 175 11.77 2.20 32.37
CA LEU B 175 10.76 3.08 32.94
C LEU B 175 10.63 2.83 34.44
N GLU B 176 10.84 1.58 34.84
CA GLU B 176 10.86 1.21 36.26
C GLU B 176 12.02 1.89 36.96
N ALA B 177 13.14 2.02 36.24
CA ALA B 177 14.34 2.65 36.77
C ALA B 177 14.12 4.14 37.04
N MET B 178 13.39 4.80 36.14
CA MET B 178 13.10 6.21 36.28
C MET B 178 12.17 6.45 37.47
N ALA B 179 11.28 5.51 37.71
CA ALA B 179 10.38 5.58 38.86
C ALA B 179 11.16 5.33 40.15
N LEU B 180 12.18 4.49 40.05
CA LEU B 180 13.04 4.19 41.18
C LEU B 180 13.90 5.40 41.53
N LYS B 181 14.42 6.04 40.50
CA LYS B 181 15.26 7.23 40.66
C LYS B 181 14.53 8.35 41.38
N SER B 182 13.25 8.52 41.08
CA SER B 182 12.45 9.57 41.69
C SER B 182 12.28 9.37 43.18
N THR B 183 12.39 8.12 43.62
CA THR B 183 12.20 7.77 45.02
C THR B 183 13.50 7.89 45.82
N ILE B 184 14.59 7.38 45.27
CA ILE B 184 15.85 7.27 46.01
C ILE B 184 16.75 8.51 45.85
N ASP B 185 16.64 9.19 44.71
CA ASP B 185 17.41 10.41 44.47
C ASP B 185 16.72 11.59 45.14
N LEU B 186 16.83 11.68 46.46
CA LEU B 186 16.15 12.72 47.22
C LEU B 186 16.66 14.12 46.89
N THR B 187 17.94 14.22 46.55
CA THR B 187 18.54 15.52 46.24
C THR B 187 18.39 15.89 44.76
N CYS B 188 17.99 14.92 43.95
CA CYS B 188 17.76 15.10 42.51
C CYS B 188 18.96 15.74 41.80
N ASN B 189 20.04 14.97 41.65
CA ASN B 189 21.24 15.44 40.98
C ASN B 189 21.92 14.34 40.16
N ASP B 190 21.16 13.29 39.86
CA ASP B 190 21.65 12.13 39.11
C ASP B 190 22.82 11.44 39.81
N TYR B 191 22.88 11.61 41.13
CA TYR B 191 23.90 10.96 41.95
C TYR B 191 23.24 10.28 43.15
N ILE B 192 23.75 9.11 43.52
CA ILE B 192 23.23 8.39 44.68
C ILE B 192 24.28 8.29 45.78
N SER B 193 24.00 8.90 46.92
CA SER B 193 24.93 8.87 48.04
C SER B 193 24.66 7.71 48.97
N VAL B 194 25.57 7.47 49.90
CA VAL B 194 25.39 6.42 50.90
C VAL B 194 24.26 6.82 51.84
N PHE B 195 24.05 8.13 51.98
CA PHE B 195 22.99 8.66 52.82
C PHE B 195 21.61 8.35 52.21
N GLU B 196 21.46 8.67 50.93
CA GLU B 196 20.24 8.39 50.19
C GLU B 196 19.96 6.90 50.13
N PHE B 197 21.03 6.13 49.95
CA PHE B 197 20.95 4.68 49.88
C PHE B 197 20.46 4.09 51.21
N ASP B 198 20.90 4.69 52.31
CA ASP B 198 20.54 4.21 53.65
C ASP B 198 19.06 4.40 53.92
N ILE B 199 18.54 5.58 53.61
CA ILE B 199 17.14 5.90 53.82
C ILE B 199 16.22 4.98 53.03
N PHE B 200 16.55 4.77 51.76
CA PHE B 200 15.76 3.92 50.89
C PHE B 200 15.73 2.48 51.38
N THR B 201 16.89 1.97 51.81
CA THR B 201 16.99 0.59 52.27
C THR B 201 16.29 0.37 53.60
N ARG B 202 16.10 1.45 54.36
CA ARG B 202 15.35 1.38 55.62
C ARG B 202 13.85 1.45 55.36
N LEU B 203 13.46 2.29 54.41
CA LEU B 203 12.04 2.45 54.06
C LEU B 203 11.44 1.17 53.50
N PHE B 204 12.17 0.52 52.59
CA PHE B 204 11.64 -0.66 51.91
C PHE B 204 12.42 -1.92 52.26
N GLN B 205 12.52 -2.19 53.56
CA GLN B 205 13.16 -3.41 54.06
C GLN B 205 12.16 -4.56 54.06
N PRO B 206 12.65 -5.82 54.03
CA PRO B 206 14.05 -6.26 54.03
C PRO B 206 14.75 -6.12 52.69
N TRP B 207 16.08 -6.18 52.71
CA TRP B 207 16.87 -6.07 51.49
C TRP B 207 16.65 -7.25 50.55
N SER B 208 16.25 -8.38 51.13
CA SER B 208 16.03 -9.61 50.37
C SER B 208 15.07 -9.41 49.20
N SER B 209 14.03 -8.61 49.43
CA SER B 209 13.06 -8.29 48.39
C SER B 209 12.87 -6.79 48.28
N LEU B 210 13.98 -6.07 48.07
CA LEU B 210 13.98 -4.61 48.05
C LEU B 210 13.02 -4.04 47.00
N LEU B 211 13.35 -4.26 45.73
CA LEU B 211 12.53 -3.74 44.64
C LEU B 211 11.12 -4.35 44.67
N ARG B 212 11.05 -5.61 45.09
CA ARG B 212 9.77 -6.31 45.19
C ARG B 212 8.87 -5.67 46.24
N ASN B 213 9.49 -5.06 47.25
CA ASN B 213 8.74 -4.34 48.29
C ASN B 213 8.40 -2.92 47.85
N TRP B 214 9.28 -2.31 47.07
CA TRP B 214 9.08 -0.95 46.60
C TRP B 214 7.94 -0.87 45.60
N ASN B 215 7.76 -1.94 44.83
CA ASN B 215 6.67 -2.01 43.87
C ASN B 215 5.30 -2.14 44.54
N SER B 216 5.26 -2.91 45.62
CA SER B 216 4.01 -3.24 46.28
C SER B 216 3.60 -2.20 47.33
N LEU B 217 4.54 -1.34 47.72
CA LEU B 217 4.28 -0.37 48.78
C LEU B 217 4.22 1.06 48.28
N ALA B 218 5.02 1.37 47.26
CA ALA B 218 5.14 2.74 46.77
C ALA B 218 4.45 2.97 45.44
N VAL B 219 4.66 2.06 44.49
CA VAL B 219 4.18 2.27 43.13
C VAL B 219 2.71 1.92 42.96
N THR B 220 2.34 0.68 43.29
CA THR B 220 0.98 0.21 43.05
C THR B 220 0.14 0.14 44.31
N HIS B 221 0.33 1.10 45.22
CA HIS B 221 -0.46 1.15 46.44
C HIS B 221 -1.15 2.50 46.59
N PRO B 222 -2.48 2.48 46.76
CA PRO B 222 -3.30 3.69 46.88
C PRO B 222 -2.93 4.53 48.10
N GLY B 223 -2.42 3.89 49.15
CA GLY B 223 -2.13 4.57 50.40
C GLY B 223 -0.87 5.41 50.40
N TYR B 224 0.05 5.12 49.49
CA TYR B 224 1.31 5.84 49.42
C TYR B 224 1.10 7.32 49.05
N MET B 225 1.54 8.19 49.95
CA MET B 225 1.30 9.63 49.79
C MET B 225 2.59 10.41 49.64
N ALA B 226 3.71 9.69 49.57
CA ALA B 226 5.05 10.30 49.53
C ALA B 226 5.24 11.23 50.73
N PHE B 227 5.72 12.44 50.48
CA PHE B 227 5.97 13.39 51.55
C PHE B 227 4.80 14.34 51.79
N LEU B 228 4.17 14.22 52.95
CA LEU B 228 3.10 15.12 53.36
C LEU B 228 3.31 15.63 54.77
N THR B 229 2.56 16.66 55.15
CA THR B 229 2.55 17.15 56.52
C THR B 229 1.40 16.49 57.26
N TYR B 230 1.49 16.42 58.59
CA TYR B 230 0.41 15.84 59.38
C TYR B 230 -0.90 16.60 59.17
N ASP B 231 -0.79 17.90 58.90
CA ASP B 231 -1.97 18.71 58.57
C ASP B 231 -2.57 18.26 57.24
N GLU B 232 -1.70 17.93 56.28
CA GLU B 232 -2.12 17.51 54.96
C GLU B 232 -2.69 16.09 55.00
N VAL B 233 -2.21 15.29 55.94
CA VAL B 233 -2.72 13.94 56.13
C VAL B 233 -4.16 13.98 56.64
N LYS B 234 -4.40 14.84 57.62
CA LYS B 234 -5.74 15.01 58.17
C LYS B 234 -6.71 15.59 57.15
N ALA B 235 -6.16 16.40 56.23
CA ALA B 235 -6.95 16.99 55.16
C ALA B 235 -7.46 15.92 54.20
N ARG B 236 -6.58 14.98 53.86
CA ARG B 236 -6.94 13.89 52.96
C ARG B 236 -7.90 12.91 53.63
N LEU B 237 -7.68 12.67 54.91
CA LEU B 237 -8.51 11.72 55.66
C LEU B 237 -9.80 12.33 56.17
N GLN B 238 -10.02 13.62 55.92
CA GLN B 238 -11.21 14.29 56.43
C GLN B 238 -12.47 13.81 55.70
N LYS B 239 -12.32 13.44 54.44
CA LYS B 239 -13.44 12.95 53.65
C LYS B 239 -14.07 11.70 54.27
N PHE B 240 -13.22 10.85 54.82
CA PHE B 240 -13.66 9.56 55.34
C PHE B 240 -13.69 9.53 56.87
N ILE B 241 -13.99 10.69 57.45
CA ILE B 241 -14.04 10.84 58.90
C ILE B 241 -15.16 9.99 59.51
N HIS B 242 -16.14 9.63 58.69
CA HIS B 242 -17.25 8.78 59.11
C HIS B 242 -17.03 7.35 58.65
N LYS B 243 -15.77 7.01 58.38
CA LYS B 243 -15.42 5.69 57.88
C LYS B 243 -14.17 5.15 58.56
N PRO B 244 -14.33 4.54 59.75
CA PRO B 244 -13.23 3.92 60.49
C PRO B 244 -12.56 2.81 59.70
N GLY B 245 -11.23 2.84 59.64
CA GLY B 245 -10.48 1.87 58.86
C GLY B 245 -9.79 2.52 57.68
N SER B 246 -10.16 3.77 57.41
CA SER B 246 -9.56 4.52 56.32
C SER B 246 -8.16 4.99 56.70
N TYR B 247 -7.18 4.64 55.88
CA TYR B 247 -5.78 4.91 56.22
C TYR B 247 -4.94 5.33 55.03
N ILE B 248 -3.93 6.15 55.31
CA ILE B 248 -2.88 6.49 54.34
C ILE B 248 -1.55 6.52 55.07
N PHE B 249 -0.46 6.26 54.35
CA PHE B 249 0.87 6.36 54.94
C PHE B 249 1.76 7.30 54.14
N ARG B 250 2.59 8.06 54.85
CA ARG B 250 3.39 9.10 54.22
C ARG B 250 4.83 9.14 54.74
N LEU B 251 5.65 9.94 54.07
CA LEU B 251 7.03 10.15 54.48
C LEU B 251 7.19 11.51 55.14
N SER B 252 7.98 11.56 56.21
CA SER B 252 8.27 12.81 56.89
C SER B 252 9.66 13.31 56.51
N CYS B 253 9.74 14.57 56.10
CA CYS B 253 11.03 15.16 55.74
C CYS B 253 11.85 15.48 56.98
N THR B 254 11.20 15.46 58.14
CA THR B 254 11.88 15.71 59.40
C THR B 254 12.41 14.42 59.99
N ARG B 255 11.76 13.31 59.64
CA ARG B 255 12.19 11.99 60.06
C ARG B 255 12.37 11.05 58.87
N LEU B 256 13.48 11.21 58.16
CA LEU B 256 13.78 10.37 57.00
C LEU B 256 14.08 8.94 57.45
N GLY B 257 13.59 7.98 56.68
CA GLY B 257 13.84 6.58 56.97
C GLY B 257 12.68 5.88 57.67
N GLN B 258 11.72 6.68 58.15
CA GLN B 258 10.56 6.12 58.83
C GLN B 258 9.26 6.54 58.18
N TRP B 259 8.20 5.77 58.44
CA TRP B 259 6.87 6.06 57.89
C TRP B 259 5.96 6.64 58.95
N ALA B 260 4.87 7.26 58.50
CA ALA B 260 3.89 7.84 59.40
C ALA B 260 2.47 7.51 58.92
N ILE B 261 1.94 6.39 59.40
CA ILE B 261 0.61 5.94 59.02
C ILE B 261 -0.49 6.75 59.70
N GLY B 262 -1.31 7.42 58.89
CA GLY B 262 -2.47 8.12 59.40
C GLY B 262 -3.71 7.29 59.17
N TYR B 263 -4.63 7.25 60.14
CA TYR B 263 -5.82 6.43 60.03
C TYR B 263 -7.01 7.00 60.79
N VAL B 264 -8.20 6.59 60.39
CA VAL B 264 -9.44 7.06 61.01
C VAL B 264 -9.98 6.02 61.99
N THR B 265 -10.26 6.46 63.21
CA THR B 265 -10.76 5.57 64.24
C THR B 265 -12.28 5.54 64.29
N ALA B 266 -12.81 4.77 65.25
CA ALA B 266 -14.25 4.62 65.39
C ALA B 266 -14.88 5.81 66.09
N ASP B 267 -14.06 6.62 66.73
CA ASP B 267 -14.55 7.77 67.48
C ASP B 267 -14.59 9.03 66.60
N GLY B 268 -14.34 8.84 65.31
CA GLY B 268 -14.36 9.95 64.37
C GLY B 268 -13.16 10.87 64.53
N ASN B 269 -12.03 10.29 64.94
CA ASN B 269 -10.79 11.05 65.08
C ASN B 269 -9.69 10.49 64.19
N ILE B 270 -8.77 11.38 63.79
CA ILE B 270 -7.64 10.98 62.96
C ILE B 270 -6.37 10.84 63.79
N LEU B 271 -5.82 9.63 63.83
CA LEU B 271 -4.62 9.37 64.61
C LEU B 271 -3.41 9.14 63.70
N GLN B 272 -2.24 9.00 64.32
CA GLN B 272 -0.99 8.87 63.59
C GLN B 272 0.00 8.01 64.36
N THR B 273 0.45 6.92 63.75
CA THR B 273 1.38 6.02 64.41
C THR B 273 2.64 5.82 63.59
N ILE B 274 3.73 5.40 64.23
CA ILE B 274 5.02 5.24 63.58
C ILE B 274 5.57 3.81 63.72
N PRO B 275 5.70 3.10 62.59
CA PRO B 275 6.34 1.78 62.58
C PRO B 275 7.81 1.88 62.98
N HIS B 276 8.27 0.97 63.82
CA HIS B 276 9.63 1.05 64.35
C HIS B 276 10.52 -0.12 63.93
N ASN B 277 10.22 -1.31 64.46
CA ASN B 277 11.07 -2.47 64.26
C ASN B 277 10.72 -3.26 63.00
N LYS B 278 9.43 -3.37 62.73
CA LYS B 278 8.94 -4.18 61.62
C LYS B 278 9.00 -3.47 60.28
N PRO B 279 9.10 -4.24 59.18
CA PRO B 279 8.95 -3.69 57.83
C PRO B 279 7.55 -3.11 57.65
N LEU B 280 7.40 -2.16 56.72
CA LEU B 280 6.14 -1.46 56.55
C LEU B 280 4.98 -2.38 56.19
N PHE B 281 5.23 -3.37 55.34
CA PHE B 281 4.16 -4.26 54.91
C PHE B 281 3.67 -5.15 56.06
N GLN B 282 4.57 -5.48 56.99
CA GLN B 282 4.19 -6.30 58.13
C GLN B 282 3.31 -5.50 59.09
N ALA B 283 3.54 -4.18 59.14
CA ALA B 283 2.72 -3.30 59.94
C ALA B 283 1.34 -3.15 59.32
N LEU B 284 1.29 -3.18 57.99
CA LEU B 284 0.03 -3.07 57.27
C LEU B 284 -0.78 -4.36 57.35
N ILE B 285 -0.08 -5.49 57.33
CA ILE B 285 -0.74 -6.79 57.49
C ILE B 285 -1.35 -6.94 58.87
N ASP B 286 -0.56 -6.65 59.91
CA ASP B 286 -1.02 -6.72 61.28
C ASP B 286 -2.18 -5.76 61.53
N GLY B 287 -2.10 -4.57 60.96
CA GLY B 287 -3.14 -3.58 61.10
C GLY B 287 -4.39 -3.94 60.31
N PHE B 288 -4.21 -4.76 59.28
CA PHE B 288 -5.33 -5.19 58.45
C PHE B 288 -6.16 -6.26 59.18
N ARG B 289 -5.47 -7.14 59.90
CA ARG B 289 -6.14 -8.20 60.64
C ARG B 289 -6.86 -7.64 61.88
N GLU B 290 -6.25 -6.63 62.50
CA GLU B 290 -6.83 -5.99 63.67
C GLU B 290 -8.04 -5.14 63.29
N GLY B 291 -8.04 -4.63 62.06
CA GLY B 291 -9.15 -3.85 61.54
C GLY B 291 -8.97 -2.36 61.68
N PHE B 292 -7.72 -1.90 61.66
CA PHE B 292 -7.44 -0.47 61.75
C PHE B 292 -7.06 0.10 60.39
N TYR B 293 -6.34 -0.69 59.59
CA TYR B 293 -5.95 -0.27 58.25
C TYR B 293 -6.69 -1.11 57.22
N LEU B 294 -7.85 -0.62 56.76
CA LEU B 294 -8.71 -1.41 55.90
C LEU B 294 -8.94 -0.78 54.52
N PHE B 295 -8.94 0.54 54.45
CA PHE B 295 -9.25 1.22 53.19
C PHE B 295 -8.19 2.24 52.80
N PRO B 296 -7.30 1.86 51.87
CA PRO B 296 -6.24 2.77 51.39
C PRO B 296 -6.83 3.97 50.67
N ASP B 297 -6.63 5.15 51.25
CA ASP B 297 -7.19 6.40 50.74
C ASP B 297 -8.71 6.30 50.66
N GLY B 298 -9.29 5.54 51.59
CA GLY B 298 -10.73 5.40 51.67
C GLY B 298 -11.33 4.47 50.64
N ARG B 299 -10.48 3.71 49.95
CA ARG B 299 -10.95 2.80 48.91
C ARG B 299 -11.18 1.39 49.46
N ASN B 300 -12.34 0.83 49.15
CA ASN B 300 -12.78 -0.43 49.72
C ASN B 300 -11.95 -1.65 49.32
N GLN B 301 -11.10 -1.49 48.31
CA GLN B 301 -10.28 -2.60 47.83
C GLN B 301 -8.83 -2.47 48.30
N ASN B 302 -8.52 -3.11 49.41
CA ASN B 302 -7.18 -3.06 49.99
C ASN B 302 -6.27 -4.14 49.42
N PRO B 303 -5.04 -3.76 49.06
CA PRO B 303 -4.05 -4.69 48.50
C PRO B 303 -3.65 -5.80 49.47
N ASP B 304 -3.25 -6.95 48.92
CA ASP B 304 -2.75 -8.05 49.74
C ASP B 304 -1.23 -8.10 49.67
N LEU B 305 -0.58 -8.12 50.82
CA LEU B 305 0.88 -8.07 50.88
C LEU B 305 1.48 -9.30 51.54
N THR B 306 0.67 -10.34 51.72
CA THR B 306 1.11 -11.56 52.40
C THR B 306 2.19 -12.30 51.61
N GLY B 307 2.29 -12.00 50.33
CA GLY B 307 3.30 -12.60 49.48
C GLY B 307 4.69 -12.07 49.76
N LEU B 308 4.76 -10.94 50.45
CA LEU B 308 6.04 -10.32 50.77
C LEU B 308 6.68 -10.95 52.01
N CYS B 309 6.03 -11.96 52.56
CA CYS B 309 6.54 -12.65 53.75
C CYS B 309 7.55 -13.73 53.37
N GLU B 310 7.32 -14.38 52.24
CA GLU B 310 8.23 -15.40 51.74
C GLU B 310 8.70 -15.06 50.32
N PRO B 311 10.02 -15.13 50.10
CA PRO B 311 10.61 -14.81 48.79
C PRO B 311 10.32 -15.88 47.74
N THR B 312 10.88 -15.67 46.53
CA THR B 312 10.81 -16.63 45.43
C THR B 312 9.41 -16.82 44.83
N PRO B 313 9.35 -17.05 43.51
CA PRO B 313 8.15 -17.40 42.74
C PRO B 313 7.40 -18.61 43.34
N GLN B 314 6.15 -18.84 42.95
CA GLN B 314 5.47 -18.09 41.91
C GLN B 314 4.24 -17.33 42.43
N ASP B 315 4.11 -16.06 42.05
CA ASP B 315 5.10 -15.38 41.21
C ASP B 315 5.26 -13.94 41.66
N HIS B 316 6.41 -13.34 41.38
CA HIS B 316 6.64 -11.95 41.73
C HIS B 316 5.69 -11.05 40.94
N ILE B 317 5.06 -10.11 41.62
CA ILE B 317 4.07 -9.25 40.98
C ILE B 317 4.73 -8.31 39.97
N LYS B 318 4.03 -8.06 38.88
CA LYS B 318 4.53 -7.18 37.83
C LYS B 318 3.72 -5.87 37.80
N VAL B 319 4.40 -4.79 37.42
CA VAL B 319 3.77 -3.48 37.35
C VAL B 319 3.63 -3.01 35.91
N THR B 320 2.45 -2.54 35.53
CA THR B 320 2.22 -2.04 34.18
C THR B 320 3.06 -0.80 33.92
N GLN B 321 3.41 -0.58 32.65
CA GLN B 321 4.25 0.54 32.27
C GLN B 321 3.56 1.87 32.56
N GLU B 322 2.23 1.87 32.51
CA GLU B 322 1.45 3.06 32.78
C GLU B 322 1.60 3.51 34.23
N GLN B 323 1.54 2.56 35.16
CA GLN B 323 1.67 2.85 36.57
C GLN B 323 3.03 3.47 36.92
N TYR B 324 4.06 3.09 36.17
CA TYR B 324 5.40 3.65 36.40
C TYR B 324 5.46 5.11 35.99
N GLU B 325 4.82 5.44 34.87
CA GLU B 325 4.78 6.82 34.39
C GLU B 325 3.96 7.69 35.34
N LEU B 326 2.88 7.11 35.86
CA LEU B 326 2.01 7.83 36.79
C LEU B 326 2.75 8.11 38.09
N PHE B 327 3.66 7.21 38.45
CA PHE B 327 4.45 7.35 39.66
C PHE B 327 5.45 8.50 39.53
N CYS B 328 5.96 8.70 38.32
CA CYS B 328 6.91 9.77 38.06
C CYS B 328 6.23 11.14 38.16
N GLU B 329 4.93 11.17 37.91
CA GLU B 329 4.18 12.42 37.90
C GLU B 329 3.60 12.78 39.27
N MET B 330 3.80 11.90 40.25
CA MET B 330 3.21 12.10 41.57
C MET B 330 3.90 13.19 42.38
N GLY B 331 5.23 13.14 42.44
CA GLY B 331 6.01 14.05 43.27
C GLY B 331 5.87 15.52 42.93
N SER B 332 5.59 15.82 41.68
CA SER B 332 5.51 17.21 41.24
C SER B 332 4.30 17.48 40.35
N THR B 333 4.29 18.64 39.71
CA THR B 333 3.20 19.02 38.82
C THR B 333 3.35 18.36 37.45
N PHE B 334 2.28 18.41 36.67
CA PHE B 334 2.25 17.81 35.34
C PHE B 334 3.08 18.62 34.34
N GLN B 335 3.36 19.87 34.71
CA GLN B 335 4.03 20.80 33.80
C GLN B 335 5.51 20.48 33.57
N LEU B 336 6.17 19.96 34.58
CA LEU B 336 7.62 19.79 34.55
C LEU B 336 8.10 18.54 33.81
N CYS B 337 9.17 18.69 33.05
CA CYS B 337 9.87 17.55 32.47
C CYS B 337 10.54 16.76 33.57
N LYS B 338 10.24 15.47 33.66
CA LYS B 338 10.67 14.65 34.79
C LYS B 338 12.12 14.17 34.67
N ILE B 339 12.81 14.58 33.61
CA ILE B 339 14.21 14.22 33.42
C ILE B 339 15.13 15.25 34.09
N CYS B 340 15.00 16.50 33.66
CA CYS B 340 15.83 17.58 34.18
C CYS B 340 15.19 18.24 35.41
N ALA B 341 13.87 18.13 35.50
CA ALA B 341 13.08 18.76 36.57
C ALA B 341 13.35 20.26 36.65
N GLU B 342 13.33 20.92 35.49
CA GLU B 342 13.58 22.36 35.42
C GLU B 342 12.70 23.03 34.38
N ASN B 343 12.80 22.58 33.13
CA ASN B 343 12.00 23.15 32.05
C ASN B 343 10.65 22.46 31.90
N ASP B 344 9.71 23.13 31.25
CA ASP B 344 8.39 22.57 31.00
C ASP B 344 8.41 21.61 29.82
N LYS B 345 7.44 20.71 29.77
CA LYS B 345 7.30 19.79 28.64
C LYS B 345 6.90 20.56 27.38
N ASP B 346 7.45 20.15 26.24
CA ASP B 346 7.07 20.78 24.97
C ASP B 346 7.31 19.86 23.76
N VAL B 347 7.38 18.55 24.00
CA VAL B 347 7.56 17.60 22.91
C VAL B 347 7.05 16.21 23.30
N LYS B 348 6.32 15.57 22.38
CA LYS B 348 5.76 14.24 22.61
C LYS B 348 6.39 13.21 21.68
N ILE B 349 6.74 12.06 22.23
CA ILE B 349 7.40 11.01 21.46
C ILE B 349 6.40 9.99 20.92
N GLU B 350 6.57 9.61 19.66
CA GLU B 350 5.73 8.60 19.04
C GLU B 350 6.54 7.33 18.78
N PRO B 351 5.92 6.15 18.95
CA PRO B 351 4.52 5.96 19.37
C PRO B 351 4.35 5.55 20.82
N CYS B 352 5.27 5.93 21.71
CA CYS B 352 5.16 5.54 23.12
C CYS B 352 4.38 6.59 23.92
N GLY B 353 4.34 7.81 23.42
CA GLY B 353 3.50 8.85 24.00
C GLY B 353 4.02 9.47 25.29
N HIS B 354 5.33 9.42 25.50
CA HIS B 354 5.92 10.00 26.70
C HIS B 354 6.25 11.47 26.48
N LEU B 355 6.30 12.24 27.57
CA LEU B 355 6.48 13.68 27.49
C LEU B 355 7.78 14.14 28.15
N MET B 356 8.37 15.19 27.59
CA MET B 356 9.63 15.74 28.07
C MET B 356 9.88 17.11 27.47
N CYS B 357 11.03 17.70 27.79
CA CYS B 357 11.43 18.95 27.15
C CYS B 357 12.38 18.64 26.01
N THR B 358 12.54 19.60 25.10
CA THR B 358 13.34 19.39 23.88
C THR B 358 14.83 19.24 24.20
N SER B 359 15.30 20.01 25.17
CA SER B 359 16.72 20.00 25.54
C SER B 359 17.17 18.65 26.09
N CYS B 360 16.28 17.96 26.77
CA CYS B 360 16.60 16.63 27.32
C CYS B 360 16.63 15.58 26.23
N LEU B 361 15.66 15.64 25.32
CA LEU B 361 15.61 14.72 24.19
C LEU B 361 16.83 14.88 23.30
N THR B 362 17.29 16.11 23.14
CA THR B 362 18.48 16.40 22.34
C THR B 362 19.73 15.89 23.05
N SER B 363 19.80 16.13 24.36
CA SER B 363 20.95 15.69 25.15
C SER B 363 21.06 14.17 25.19
N TRP B 364 19.92 13.48 25.13
CA TRP B 364 19.90 12.02 25.14
C TRP B 364 20.38 11.47 23.79
N GLN B 365 19.90 12.08 22.71
CA GLN B 365 20.27 11.67 21.36
C GLN B 365 21.74 11.94 21.08
N GLU B 366 22.23 13.11 21.50
CA GLU B 366 23.62 13.49 21.29
C GLU B 366 24.57 12.67 22.16
N SER B 367 24.03 12.06 23.22
CA SER B 367 24.84 11.22 24.09
C SER B 367 24.79 9.76 23.66
N GLU B 368 24.47 9.54 22.38
CA GLU B 368 24.37 8.21 21.79
C GLU B 368 23.40 7.32 22.55
N GLY B 369 22.28 7.90 22.98
CA GLY B 369 21.26 7.17 23.69
C GLY B 369 20.35 6.40 22.75
N GLN B 370 19.92 5.22 23.17
CA GLN B 370 19.09 4.37 22.34
C GLN B 370 17.60 4.65 22.52
N GLY B 371 17.00 5.31 21.53
CA GLY B 371 15.57 5.55 21.53
C GLY B 371 15.10 6.61 22.50
N CYS B 372 13.93 6.38 23.09
CA CYS B 372 13.33 7.32 24.03
C CYS B 372 14.05 7.33 25.36
N PRO B 373 14.23 8.53 25.95
CA PRO B 373 14.89 8.67 27.26
C PRO B 373 14.23 7.85 28.38
N PHE B 374 12.94 7.55 28.25
CA PHE B 374 12.22 6.84 29.30
C PHE B 374 12.18 5.33 29.09
N CYS B 375 11.66 4.89 27.94
CA CYS B 375 11.43 3.47 27.69
C CYS B 375 12.40 2.87 26.67
N ARG B 376 13.23 3.72 26.08
CA ARG B 376 14.26 3.30 25.13
C ARG B 376 13.69 2.59 23.90
N CYS B 377 12.45 2.93 23.53
CA CYS B 377 11.85 2.40 22.33
C CYS B 377 12.19 3.29 21.13
N GLU B 378 12.07 2.75 19.93
CA GLU B 378 12.41 3.47 18.72
C GLU B 378 11.55 4.73 18.55
N ILE B 379 12.18 5.82 18.12
CA ILE B 379 11.47 7.09 17.92
C ILE B 379 11.06 7.24 16.46
N LYS B 380 9.78 7.07 16.18
CA LYS B 380 9.27 7.15 14.82
C LYS B 380 9.00 8.61 14.41
N GLY B 381 8.60 9.42 15.38
CA GLY B 381 8.32 10.82 15.12
C GLY B 381 8.10 11.61 16.39
N THR B 382 8.12 12.94 16.27
CA THR B 382 7.91 13.82 17.42
C THR B 382 6.91 14.94 17.09
N GLU B 383 6.07 15.28 18.06
CA GLU B 383 5.10 16.37 17.89
C GLU B 383 5.19 17.35 19.06
N PRO B 384 5.03 18.66 18.77
CA PRO B 384 5.13 19.72 19.78
C PRO B 384 3.87 19.87 20.63
N ILE B 385 4.06 20.24 21.90
CA ILE B 385 2.94 20.48 22.81
C ILE B 385 3.16 21.72 23.66
N VAL B 386 2.07 22.32 24.13
CA VAL B 386 2.15 23.48 25.01
C VAL B 386 1.46 23.14 26.34
N VAL B 387 2.14 23.42 27.45
CA VAL B 387 1.64 23.02 28.75
C VAL B 387 0.83 24.12 29.44
N ASP B 388 1.31 25.36 29.38
CA ASP B 388 0.58 26.49 29.94
C ASP B 388 0.21 27.49 28.85
N PRO B 389 -0.93 27.26 28.19
CA PRO B 389 -1.37 28.08 27.05
C PRO B 389 -1.70 29.51 27.46
N PHE B 390 -2.35 29.65 28.61
CA PHE B 390 -2.81 30.95 29.08
C PHE B 390 -1.71 31.66 29.86
N ASP B 391 -0.99 30.87 30.67
CA ASP B 391 0.06 31.32 31.59
C ASP B 391 -0.22 32.67 32.27
N PRO C 3 -19.52 -18.28 24.15
CA PRO C 3 -18.74 -19.41 23.65
C PRO C 3 -17.36 -19.01 23.13
N PRO C 4 -16.44 -18.68 24.05
CA PRO C 4 -15.08 -18.27 23.65
C PRO C 4 -14.25 -19.46 23.16
N GLY C 5 -14.22 -20.54 23.93
CA GLY C 5 -13.50 -21.74 23.55
C GLY C 5 -12.12 -21.83 24.16
N THR C 6 -11.76 -23.04 24.60
CA THR C 6 -10.45 -23.28 25.22
C THR C 6 -9.30 -22.89 24.29
N VAL C 7 -8.15 -22.59 24.89
CA VAL C 7 -7.00 -22.10 24.13
C VAL C 7 -5.89 -23.13 24.05
N ASP C 8 -5.45 -23.42 22.83
CA ASP C 8 -4.35 -24.35 22.61
C ASP C 8 -3.15 -23.62 22.02
N LYS C 9 -1.97 -24.23 22.12
CA LYS C 9 -0.77 -23.65 21.53
C LYS C 9 -0.81 -23.77 20.01
N LYS C 10 -1.56 -24.76 19.53
CA LYS C 10 -1.76 -24.93 18.10
C LYS C 10 -2.68 -23.84 17.56
N MET C 11 -3.51 -23.29 18.42
CA MET C 11 -4.41 -22.20 18.06
C MET C 11 -3.65 -20.89 17.97
N VAL C 12 -2.69 -20.71 18.87
CA VAL C 12 -1.87 -19.51 18.91
C VAL C 12 -0.95 -19.44 17.68
N GLU C 13 -0.34 -20.57 17.35
CA GLU C 13 0.53 -20.63 16.18
C GLU C 13 -0.24 -20.42 14.89
N LYS C 14 -1.51 -20.82 14.89
CA LYS C 14 -2.39 -20.60 13.75
C LYS C 14 -2.66 -19.10 13.58
N CYS C 15 -2.77 -18.40 14.72
CA CYS C 15 -2.98 -16.96 14.70
C CYS C 15 -1.70 -16.24 14.31
N TRP C 16 -0.57 -16.76 14.76
CA TRP C 16 0.74 -16.19 14.42
C TRP C 16 0.96 -16.20 12.91
N LYS C 17 0.56 -17.29 12.26
CA LYS C 17 0.68 -17.42 10.82
C LYS C 17 -0.20 -16.39 10.13
N LEU C 18 -1.42 -16.20 10.65
CA LEU C 18 -2.34 -15.23 10.09
C LEU C 18 -1.81 -13.80 10.23
N MET C 19 -1.20 -13.51 11.37
CA MET C 19 -0.66 -12.17 11.62
C MET C 19 0.50 -11.86 10.68
N ASP C 20 1.24 -12.89 10.29
CA ASP C 20 2.39 -12.74 9.41
C ASP C 20 1.94 -12.47 7.96
N LYS C 21 0.77 -12.97 7.61
CA LYS C 21 0.22 -12.74 6.28
C LYS C 21 -0.16 -11.27 6.11
N VAL C 22 -0.66 -10.67 7.18
CA VAL C 22 -1.01 -9.25 7.18
C VAL C 22 0.26 -8.41 7.08
N VAL C 23 1.34 -8.91 7.68
CA VAL C 23 2.62 -8.23 7.64
C VAL C 23 3.13 -8.13 6.20
N ARG C 24 3.17 -9.25 5.50
CA ARG C 24 3.64 -9.29 4.12
C ARG C 24 2.81 -8.40 3.20
N LEU C 25 1.52 -8.28 3.49
CA LEU C 25 0.63 -7.44 2.70
C LEU C 25 0.97 -5.96 2.87
N CYS C 26 1.23 -5.55 4.10
CA CYS C 26 1.51 -4.15 4.39
C CYS C 26 2.97 -3.79 4.08
N GLN C 27 3.72 -4.78 3.62
CA GLN C 27 5.12 -4.58 3.29
C GLN C 27 5.32 -3.73 2.03
N ASN C 28 4.43 -3.88 1.06
CA ASN C 28 4.59 -3.19 -0.21
C ASN C 28 4.45 -1.67 -0.06
N PRO C 29 5.31 -0.92 -0.77
CA PRO C 29 5.32 0.54 -0.70
C PRO C 29 4.18 1.18 -1.48
N LYS C 30 3.39 0.38 -2.18
CA LYS C 30 2.24 0.89 -2.92
C LYS C 30 1.18 1.45 -1.97
N LEU C 31 1.08 0.85 -0.79
CA LEU C 31 0.15 1.32 0.23
C LEU C 31 0.54 2.70 0.73
N ALA C 32 1.85 2.94 0.80
CA ALA C 32 2.38 4.19 1.35
C ALA C 32 1.76 4.48 2.71
N LEU C 33 1.91 3.53 3.63
CA LEU C 33 1.34 3.63 4.97
C LEU C 33 1.70 4.94 5.64
N LYS C 34 0.70 5.57 6.25
CA LYS C 34 0.89 6.86 6.91
C LYS C 34 1.93 6.77 8.02
N ASN C 35 3.02 7.53 7.85
CA ASN C 35 4.06 7.59 8.87
C ASN C 35 3.57 8.30 10.12
N SER C 36 2.57 7.70 10.76
CA SER C 36 1.92 8.27 11.94
C SER C 36 1.13 7.17 12.64
N PRO C 37 1.04 7.24 13.97
CA PRO C 37 0.32 6.25 14.77
C PRO C 37 -1.12 6.05 14.29
N PRO C 38 -1.58 4.78 14.25
CA PRO C 38 -0.80 3.61 14.65
C PRO C 38 0.07 3.05 13.53
N TYR C 39 1.23 2.50 13.90
CA TYR C 39 2.11 1.82 12.95
C TYR C 39 1.85 0.32 12.98
N ILE C 40 0.97 -0.16 12.11
CA ILE C 40 0.59 -1.56 12.11
C ILE C 40 1.78 -2.47 11.78
N LEU C 41 2.79 -1.92 11.11
CA LEU C 41 3.99 -2.66 10.79
C LEU C 41 4.81 -2.94 12.05
N ASP C 42 4.61 -2.14 13.08
CA ASP C 42 5.30 -2.34 14.35
C ASP C 42 4.41 -3.07 15.35
N LEU C 43 3.11 -2.78 15.30
CA LEU C 43 2.16 -3.33 16.27
C LEU C 43 2.08 -4.86 16.25
N LEU C 44 2.00 -5.43 15.06
CA LEU C 44 1.84 -6.88 14.91
C LEU C 44 3.05 -7.69 15.38
N PRO C 45 4.29 -7.27 15.03
CA PRO C 45 5.42 -8.00 15.62
C PRO C 45 5.52 -7.80 17.13
N ASP C 46 5.13 -6.63 17.60
CA ASP C 46 5.17 -6.32 19.03
C ASP C 46 4.05 -7.06 19.78
N THR C 47 3.00 -7.42 19.06
CA THR C 47 1.92 -8.20 19.65
C THR C 47 2.36 -9.67 19.73
N TYR C 48 3.10 -10.10 18.73
CA TYR C 48 3.63 -11.47 18.66
C TYR C 48 4.63 -11.75 19.77
N GLN C 49 5.57 -10.83 19.98
CA GLN C 49 6.60 -11.02 21.00
C GLN C 49 6.04 -11.02 22.41
N HIS C 50 4.93 -10.30 22.60
CA HIS C 50 4.32 -10.21 23.91
C HIS C 50 3.51 -11.47 24.23
N LEU C 51 3.07 -12.15 23.18
CA LEU C 51 2.35 -13.42 23.35
C LEU C 51 3.30 -14.52 23.77
N ARG C 52 4.55 -14.44 23.30
CA ARG C 52 5.57 -15.40 23.70
C ARG C 52 5.92 -15.22 25.16
N THR C 53 5.92 -13.97 25.61
CA THR C 53 6.19 -13.64 27.00
C THR C 53 5.13 -14.24 27.91
N ILE C 54 3.88 -14.18 27.45
CA ILE C 54 2.76 -14.77 28.19
C ILE C 54 2.88 -16.29 28.21
N LEU C 55 3.31 -16.86 27.08
CA LEU C 55 3.43 -18.31 26.96
C LEU C 55 4.63 -18.86 27.75
N SER C 56 5.69 -18.08 27.83
CA SER C 56 6.89 -18.50 28.57
C SER C 56 6.63 -18.51 30.07
N ARG C 57 5.91 -17.50 30.54
CA ARG C 57 5.54 -17.40 31.95
C ARG C 57 4.56 -18.51 32.34
N TYR C 58 3.67 -18.84 31.42
CA TYR C 58 2.69 -19.91 31.64
C TYR C 58 3.11 -21.20 30.95
N GLU C 59 4.37 -21.57 31.14
CA GLU C 59 4.91 -22.76 30.48
C GLU C 59 4.41 -24.03 31.15
N GLY C 60 4.60 -24.13 32.46
CA GLY C 60 4.18 -25.30 33.21
C GLY C 60 2.72 -25.27 33.60
N LYS C 61 2.12 -24.07 33.56
CA LYS C 61 0.71 -23.92 33.92
C LYS C 61 -0.11 -23.49 32.70
N MET C 62 0.02 -24.24 31.61
CA MET C 62 -0.69 -23.92 30.38
C MET C 62 -2.18 -24.23 30.51
N GLU C 63 -2.52 -25.16 31.40
CA GLU C 63 -3.90 -25.54 31.63
C GLU C 63 -4.65 -24.42 32.36
N THR C 64 -3.91 -23.60 33.09
CA THR C 64 -4.48 -22.47 33.81
C THR C 64 -4.78 -21.32 32.85
N LEU C 65 -3.91 -21.14 31.87
CA LEU C 65 -4.05 -20.07 30.89
C LEU C 65 -5.30 -20.27 30.03
N GLY C 66 -5.64 -21.51 29.75
CA GLY C 66 -6.82 -21.82 28.96
C GLY C 66 -8.10 -21.66 29.76
N GLU C 67 -7.99 -21.75 31.08
CA GLU C 67 -9.13 -21.58 31.96
C GLU C 67 -9.46 -20.11 32.15
N ASN C 68 -8.52 -19.24 31.80
CA ASN C 68 -8.71 -17.80 31.93
C ASN C 68 -9.79 -17.29 30.99
N GLU C 69 -10.72 -16.51 31.52
CA GLU C 69 -11.85 -16.02 30.73
C GLU C 69 -11.45 -14.91 29.76
N TYR C 70 -10.56 -14.03 30.21
CA TYR C 70 -10.12 -12.91 29.39
C TYR C 70 -9.30 -13.36 28.19
N PHE C 71 -8.43 -14.33 28.40
CA PHE C 71 -7.50 -14.76 27.38
C PHE C 71 -8.22 -15.44 26.22
N ARG C 72 -9.30 -16.15 26.53
CA ARG C 72 -10.11 -16.80 25.51
C ARG C 72 -10.77 -15.75 24.61
N VAL C 73 -11.30 -14.69 25.23
CA VAL C 73 -11.95 -13.61 24.50
C VAL C 73 -10.97 -12.85 23.62
N PHE C 74 -9.78 -12.60 24.16
CA PHE C 74 -8.75 -11.85 23.44
C PHE C 74 -8.28 -12.60 22.18
N MET C 75 -7.93 -13.87 22.34
CA MET C 75 -7.41 -14.67 21.23
C MET C 75 -8.51 -14.99 20.23
N GLU C 76 -9.76 -15.01 20.68
CA GLU C 76 -10.90 -15.22 19.79
C GLU C 76 -11.09 -14.00 18.90
N ASN C 77 -11.00 -12.82 19.49
CA ASN C 77 -11.17 -11.58 18.76
C ASN C 77 -9.94 -11.22 17.95
N LEU C 78 -8.77 -11.64 18.41
CA LEU C 78 -7.52 -11.38 17.71
C LEU C 78 -7.51 -12.09 16.35
N MET C 79 -8.05 -13.30 16.33
CA MET C 79 -8.10 -14.08 15.09
C MET C 79 -9.17 -13.53 14.15
N LYS C 80 -10.28 -13.07 14.71
CA LYS C 80 -11.36 -12.50 13.91
C LYS C 80 -10.93 -11.19 13.27
N LYS C 81 -10.24 -10.35 14.04
CA LYS C 81 -9.76 -9.07 13.54
C LYS C 81 -8.65 -9.26 12.49
N THR C 82 -7.93 -10.36 12.62
CA THR C 82 -6.84 -10.67 11.68
C THR C 82 -7.39 -11.17 10.36
N LYS C 83 -8.34 -12.10 10.43
CA LYS C 83 -8.99 -12.63 9.23
C LYS C 83 -9.72 -11.53 8.49
N GLN C 84 -10.36 -10.64 9.26
CA GLN C 84 -11.10 -9.52 8.71
C GLN C 84 -10.17 -8.58 7.94
N THR C 85 -8.92 -8.52 8.38
CA THR C 85 -7.93 -7.65 7.74
C THR C 85 -7.43 -8.25 6.44
N ILE C 86 -7.20 -9.57 6.44
CA ILE C 86 -6.78 -10.26 5.22
C ILE C 86 -7.92 -10.29 4.21
N SER C 87 -9.14 -10.41 4.72
CA SER C 87 -10.33 -10.37 3.89
C SER C 87 -10.48 -9.02 3.22
N LEU C 88 -10.02 -7.97 3.90
CA LEU C 88 -10.07 -6.61 3.37
C LEU C 88 -9.13 -6.47 2.17
N PHE C 89 -8.01 -7.17 2.22
CA PHE C 89 -7.03 -7.12 1.14
C PHE C 89 -7.46 -7.95 -0.06
N LYS C 90 -8.24 -9.00 0.19
CA LYS C 90 -8.71 -9.88 -0.87
C LYS C 90 -9.85 -9.24 -1.67
N GLU C 91 -10.77 -8.60 -0.95
CA GLU C 91 -11.93 -7.98 -1.57
C GLU C 91 -11.63 -6.55 -2.05
N GLY C 92 -10.64 -5.92 -1.42
CA GLY C 92 -10.27 -4.56 -1.75
C GLY C 92 -9.50 -4.46 -3.06
N LYS C 93 -8.55 -5.37 -3.24
CA LYS C 93 -7.74 -5.45 -4.46
C LYS C 93 -6.99 -4.15 -4.78
N GLU C 94 -7.22 -3.62 -5.97
CA GLU C 94 -6.46 -2.47 -6.47
C GLU C 94 -6.80 -1.16 -5.74
N ARG C 95 -7.93 -1.13 -5.06
CA ARG C 95 -8.35 0.08 -4.36
C ARG C 95 -7.46 0.39 -3.17
N MET C 96 -6.71 -0.61 -2.72
CA MET C 96 -5.82 -0.46 -1.56
C MET C 96 -4.68 0.52 -1.86
N TYR C 97 -4.29 0.61 -3.12
CA TYR C 97 -3.13 1.43 -3.50
C TYR C 97 -3.54 2.87 -3.75
N GLU C 98 -4.84 3.15 -3.64
CA GLU C 98 -5.35 4.51 -3.83
C GLU C 98 -5.72 5.14 -2.49
N GLU C 99 -5.20 6.33 -2.24
CA GLU C 99 -5.46 7.01 -0.98
C GLU C 99 -6.93 7.40 -0.86
N ASN C 100 -7.41 7.47 0.37
CA ASN C 100 -8.77 7.90 0.70
C ASN C 100 -9.87 7.01 0.11
N SER C 101 -9.53 5.76 -0.18
CA SER C 101 -10.53 4.80 -0.66
C SER C 101 -11.18 4.07 0.51
N GLN C 102 -12.42 3.63 0.33
CA GLN C 102 -13.18 2.97 1.39
C GLN C 102 -12.49 1.74 2.00
N PRO C 103 -11.87 0.86 1.17
CA PRO C 103 -11.15 -0.24 1.81
C PRO C 103 -9.91 0.23 2.57
N ARG C 104 -9.15 1.15 1.97
CA ARG C 104 -7.94 1.69 2.57
C ARG C 104 -8.25 2.41 3.88
N ARG C 105 -9.41 3.06 3.93
CA ARG C 105 -9.84 3.79 5.12
C ARG C 105 -10.24 2.83 6.24
N ASN C 106 -10.77 1.67 5.86
CA ASN C 106 -11.14 0.63 6.82
C ASN C 106 -9.91 0.07 7.51
N LEU C 107 -8.83 -0.03 6.76
CA LEU C 107 -7.56 -0.56 7.26
C LEU C 107 -7.03 0.29 8.41
N THR C 108 -7.11 1.61 8.24
CA THR C 108 -6.66 2.55 9.25
C THR C 108 -7.47 2.36 10.54
N LYS C 109 -8.77 2.11 10.39
CA LYS C 109 -9.64 1.82 11.53
C LYS C 109 -9.23 0.54 12.23
N LEU C 110 -8.89 -0.48 11.44
CA LEU C 110 -8.45 -1.77 11.99
C LEU C 110 -7.08 -1.66 12.64
N SER C 111 -6.21 -0.85 12.06
CA SER C 111 -4.89 -0.60 12.63
C SER C 111 -5.05 0.11 13.97
N LEU C 112 -6.10 0.91 14.07
CA LEU C 112 -6.40 1.64 15.29
C LEU C 112 -6.92 0.71 16.38
N ILE C 113 -7.50 -0.41 15.95
CA ILE C 113 -7.99 -1.43 16.89
C ILE C 113 -6.84 -2.24 17.46
N PHE C 114 -5.90 -2.62 16.59
CA PHE C 114 -4.70 -3.36 17.01
C PHE C 114 -3.91 -2.57 18.05
N SER C 115 -3.93 -1.25 17.93
CA SER C 115 -3.22 -0.37 18.86
C SER C 115 -3.85 -0.41 20.25
N HIS C 116 -5.15 -0.72 20.31
CA HIS C 116 -5.86 -0.78 21.57
C HIS C 116 -5.75 -2.16 22.19
N MET C 117 -5.67 -3.18 21.33
CA MET C 117 -5.58 -4.56 21.80
C MET C 117 -4.23 -4.84 22.47
N LEU C 118 -3.16 -4.32 21.88
CA LEU C 118 -1.83 -4.49 22.45
C LEU C 118 -1.68 -3.66 23.71
N ALA C 119 -2.30 -2.48 23.72
CA ALA C 119 -2.29 -1.61 24.89
C ALA C 119 -3.11 -2.21 26.02
N GLU C 120 -4.08 -3.04 25.65
CA GLU C 120 -4.92 -3.72 26.63
C GLU C 120 -4.24 -4.99 27.15
N LEU C 121 -3.59 -5.71 26.24
CA LEU C 121 -2.92 -6.95 26.59
C LEU C 121 -1.76 -6.71 27.56
N LYS C 122 -1.01 -5.63 27.31
CA LYS C 122 0.09 -5.26 28.18
C LYS C 122 -0.41 -4.74 29.54
N GLY C 123 -1.64 -4.23 29.54
CA GLY C 123 -2.26 -3.74 30.75
C GLY C 123 -2.76 -4.86 31.64
N ILE C 124 -3.32 -5.89 31.03
CA ILE C 124 -3.82 -7.05 31.77
C ILE C 124 -2.68 -8.04 32.02
N PHE C 125 -1.75 -8.12 31.09
CA PHE C 125 -0.61 -9.04 31.23
C PHE C 125 0.73 -8.29 31.19
N PRO C 126 1.06 -7.56 32.26
CA PRO C 126 2.38 -6.93 32.30
C PRO C 126 3.49 -7.98 32.50
N SER C 127 4.46 -7.99 31.60
CA SER C 127 5.55 -8.97 31.61
C SER C 127 5.03 -10.41 31.56
N GLY C 128 3.84 -10.59 30.97
CA GLY C 128 3.29 -11.92 30.75
C GLY C 128 2.53 -12.50 31.91
N LEU C 129 2.27 -11.69 32.94
CA LEU C 129 1.58 -12.16 34.13
C LEU C 129 0.17 -11.59 34.25
N PHE C 130 -0.80 -12.47 34.47
CA PHE C 130 -2.20 -12.05 34.58
C PHE C 130 -2.45 -11.27 35.86
N GLN C 131 -2.52 -9.95 35.74
CA GLN C 131 -2.77 -9.07 36.88
C GLN C 131 -4.11 -8.37 36.71
N GLY C 132 -5.09 -9.06 36.16
CA GLY C 132 -6.37 -8.47 35.83
C GLY C 132 -7.33 -8.33 37.01
N ASP C 133 -7.27 -9.29 37.93
CA ASP C 133 -8.17 -9.30 39.07
C ASP C 133 -7.89 -8.16 40.05
N THR C 134 -6.71 -7.55 39.92
CA THR C 134 -6.33 -6.44 40.80
C THR C 134 -5.95 -5.19 40.01
N PHE C 135 -6.52 -5.04 38.82
CA PHE C 135 -6.27 -3.86 38.00
C PHE C 135 -6.86 -2.64 38.70
N ARG C 136 -6.00 -1.71 39.08
CA ARG C 136 -6.43 -0.53 39.82
C ARG C 136 -7.01 0.53 38.90
N ILE C 137 -8.28 0.84 39.08
CA ILE C 137 -8.95 1.89 38.32
C ILE C 137 -8.60 3.24 38.91
N THR C 138 -8.16 4.15 38.04
CA THR C 138 -7.65 5.45 38.46
C THR C 138 -8.63 6.23 39.35
N LYS C 139 -9.88 6.32 38.92
CA LYS C 139 -10.90 7.07 39.66
C LYS C 139 -11.58 6.20 40.72
N ALA C 140 -11.60 6.69 41.95
CA ALA C 140 -12.13 5.92 43.08
C ALA C 140 -13.63 5.65 42.94
N ASP C 141 -14.38 6.67 42.56
CA ASP C 141 -15.82 6.54 42.38
C ASP C 141 -16.17 5.47 41.35
N ALA C 142 -15.39 5.44 40.27
CA ALA C 142 -15.58 4.46 39.22
C ALA C 142 -15.16 3.07 39.69
N ALA C 143 -14.12 3.02 40.52
CA ALA C 143 -13.60 1.75 41.02
C ALA C 143 -14.61 1.07 41.94
N GLU C 144 -15.30 1.87 42.74
CA GLU C 144 -16.29 1.33 43.67
C GLU C 144 -17.43 0.66 42.93
N PHE C 145 -17.86 1.26 41.82
CA PHE C 145 -18.93 0.71 41.00
C PHE C 145 -18.55 -0.62 40.37
N TRP C 146 -17.35 -0.69 39.82
CA TRP C 146 -16.89 -1.87 39.11
C TRP C 146 -16.75 -3.08 40.03
N ARG C 147 -16.17 -2.86 41.20
CA ARG C 147 -15.92 -3.94 42.13
C ARG C 147 -17.19 -4.36 42.86
N LYS C 148 -18.16 -3.46 42.96
CA LYS C 148 -19.43 -3.77 43.64
C LYS C 148 -20.41 -4.46 42.70
N ALA C 149 -20.17 -4.35 41.39
CA ALA C 149 -21.06 -4.91 40.41
C ALA C 149 -20.53 -6.20 39.81
N PHE C 150 -19.22 -6.25 39.55
CA PHE C 150 -18.62 -7.39 38.87
C PHE C 150 -17.64 -8.14 39.75
N GLY C 151 -17.11 -7.48 40.77
CA GLY C 151 -16.14 -8.10 41.66
C GLY C 151 -14.75 -8.10 41.08
N GLU C 152 -14.12 -9.27 41.07
CA GLU C 152 -12.75 -9.39 40.57
C GLU C 152 -12.72 -9.78 39.10
N LYS C 153 -13.81 -9.53 38.40
CA LYS C 153 -13.91 -9.87 36.98
C LYS C 153 -13.12 -8.89 36.12
N THR C 154 -12.29 -9.44 35.24
CA THR C 154 -11.44 -8.62 34.37
C THR C 154 -12.22 -8.10 33.17
N ILE C 155 -13.11 -8.92 32.64
CA ILE C 155 -13.89 -8.54 31.47
C ILE C 155 -15.34 -8.99 31.58
N VAL C 156 -16.25 -8.21 30.98
CA VAL C 156 -17.68 -8.52 31.01
C VAL C 156 -18.32 -8.25 29.65
N PRO C 157 -19.34 -9.04 29.28
CA PRO C 157 -20.09 -8.78 28.06
C PRO C 157 -20.84 -7.46 28.14
N TRP C 158 -21.12 -6.85 26.99
CA TRP C 158 -21.74 -5.53 26.95
C TRP C 158 -23.12 -5.50 27.61
N LYS C 159 -23.89 -6.56 27.42
CA LYS C 159 -25.24 -6.63 27.98
C LYS C 159 -25.22 -6.57 29.50
N SER C 160 -24.25 -7.25 30.11
CA SER C 160 -24.10 -7.23 31.55
C SER C 160 -23.62 -5.88 32.04
N PHE C 161 -22.72 -5.27 31.27
CA PHE C 161 -22.17 -3.96 31.62
C PHE C 161 -23.21 -2.86 31.47
N ARG C 162 -24.06 -2.98 30.45
CA ARG C 162 -25.11 -2.00 30.20
C ARG C 162 -26.14 -1.99 31.32
N GLN C 163 -26.63 -3.17 31.68
CA GLN C 163 -27.63 -3.30 32.74
C GLN C 163 -27.07 -2.86 34.09
N ALA C 164 -25.76 -3.03 34.26
CA ALA C 164 -25.09 -2.62 35.50
C ALA C 164 -24.96 -1.10 35.56
N LEU C 165 -24.48 -0.50 34.48
CA LEU C 165 -24.30 0.94 34.41
C LEU C 165 -25.64 1.67 34.44
N HIS C 166 -26.67 0.99 33.92
CA HIS C 166 -28.01 1.57 33.85
C HIS C 166 -28.59 1.85 35.24
N GLU C 167 -28.20 1.04 36.22
CA GLU C 167 -28.67 1.20 37.59
C GLU C 167 -28.21 2.52 38.19
N VAL C 168 -26.95 2.88 37.92
CA VAL C 168 -26.38 4.11 38.46
C VAL C 168 -26.71 5.31 37.57
N HIS C 169 -26.28 5.24 36.32
CA HIS C 169 -26.60 6.27 35.33
C HIS C 169 -27.58 5.74 34.30
N PRO C 170 -28.78 6.31 34.25
CA PRO C 170 -29.87 5.87 33.37
C PRO C 170 -29.53 5.97 31.88
N ILE C 171 -29.90 4.95 31.12
CA ILE C 171 -29.79 4.98 29.67
C ILE C 171 -31.19 5.16 29.08
N SER C 172 -31.40 6.29 28.41
CA SER C 172 -32.73 6.70 28.00
C SER C 172 -33.26 5.97 26.77
N SER C 173 -32.37 5.41 25.96
CA SER C 173 -32.78 4.73 24.74
C SER C 173 -31.79 3.66 24.32
N GLY C 174 -32.23 2.76 23.44
CA GLY C 174 -31.39 1.71 22.93
C GLY C 174 -30.32 2.25 21.99
N LEU C 175 -30.63 3.34 21.30
CA LEU C 175 -29.68 3.96 20.38
C LEU C 175 -28.59 4.69 21.16
N GLU C 176 -28.93 5.19 22.34
CA GLU C 176 -27.96 5.83 23.22
C GLU C 176 -26.95 4.81 23.71
N ALA C 177 -27.44 3.61 24.01
CA ALA C 177 -26.58 2.51 24.45
C ALA C 177 -25.66 2.07 23.32
N MET C 178 -26.13 2.23 22.08
CA MET C 178 -25.34 1.83 20.92
C MET C 178 -24.22 2.83 20.65
N ALA C 179 -24.48 4.10 20.92
CA ALA C 179 -23.48 5.15 20.72
C ALA C 179 -22.46 5.16 21.86
N LEU C 180 -22.89 4.75 23.05
CA LEU C 180 -21.99 4.65 24.19
C LEU C 180 -20.98 3.54 23.98
N LYS C 181 -21.45 2.43 23.43
CA LYS C 181 -20.61 1.29 23.12
C LYS C 181 -19.56 1.66 22.06
N SER C 182 -19.90 2.61 21.20
CA SER C 182 -18.99 3.07 20.16
C SER C 182 -17.76 3.75 20.74
N THR C 183 -17.91 4.30 21.94
CA THR C 183 -16.82 5.04 22.58
C THR C 183 -16.02 4.17 23.53
N ILE C 184 -16.69 3.38 24.34
CA ILE C 184 -16.03 2.63 25.40
C ILE C 184 -15.43 1.31 24.90
N ASP C 185 -16.06 0.69 23.90
CA ASP C 185 -15.55 -0.55 23.33
C ASP C 185 -14.46 -0.26 22.32
N LEU C 186 -13.22 -0.11 22.80
CA LEU C 186 -12.09 0.20 21.96
C LEU C 186 -11.69 -0.96 21.05
N THR C 187 -11.68 -2.17 21.62
CA THR C 187 -11.23 -3.35 20.89
C THR C 187 -12.30 -3.91 19.96
N CYS C 188 -13.51 -3.39 20.07
CA CYS C 188 -14.64 -3.81 19.22
C CYS C 188 -14.87 -5.31 19.24
N ASN C 189 -15.22 -5.84 20.41
CA ASN C 189 -15.46 -7.27 20.55
C ASN C 189 -16.71 -7.57 21.38
N ASP C 190 -17.54 -6.54 21.56
CA ASP C 190 -18.75 -6.63 22.37
C ASP C 190 -18.43 -7.04 23.80
N TYR C 191 -17.24 -6.68 24.27
CA TYR C 191 -16.80 -6.98 25.63
C TYR C 191 -16.14 -5.77 26.27
N ILE C 192 -16.54 -5.47 27.50
CA ILE C 192 -15.95 -4.36 28.25
C ILE C 192 -15.00 -4.88 29.32
N SER C 193 -13.74 -4.48 29.23
CA SER C 193 -12.74 -4.90 30.20
C SER C 193 -12.46 -3.78 31.21
N VAL C 194 -11.67 -4.09 32.23
CA VAL C 194 -11.28 -3.10 33.23
C VAL C 194 -10.46 -1.99 32.59
N PHE C 195 -9.58 -2.39 31.67
CA PHE C 195 -8.71 -1.45 30.96
C PHE C 195 -9.51 -0.43 30.18
N GLU C 196 -10.56 -0.89 29.51
CA GLU C 196 -11.43 -0.01 28.74
C GLU C 196 -12.26 0.90 29.64
N PHE C 197 -12.78 0.33 30.72
CA PHE C 197 -13.61 1.07 31.66
C PHE C 197 -12.81 2.17 32.34
N ASP C 198 -11.53 1.93 32.58
CA ASP C 198 -10.67 2.91 33.20
C ASP C 198 -10.46 4.11 32.30
N ILE C 199 -10.19 3.83 31.02
CA ILE C 199 -9.95 4.87 30.04
C ILE C 199 -11.16 5.78 29.86
N PHE C 200 -12.35 5.18 29.83
CA PHE C 200 -13.58 5.93 29.65
C PHE C 200 -13.85 6.88 30.82
N THR C 201 -13.84 6.35 32.03
CA THR C 201 -14.15 7.14 33.24
C THR C 201 -13.15 8.26 33.46
N ARG C 202 -11.92 8.05 33.01
CA ARG C 202 -10.87 9.07 33.10
C ARG C 202 -11.08 10.14 32.04
N LEU C 203 -11.57 9.72 30.88
CA LEU C 203 -11.83 10.64 29.78
C LEU C 203 -13.05 11.52 30.04
N PHE C 204 -14.09 10.93 30.62
CA PHE C 204 -15.33 11.68 30.87
C PHE C 204 -15.61 11.82 32.37
N GLN C 205 -14.56 12.17 33.11
CA GLN C 205 -14.68 12.49 34.53
C GLN C 205 -15.42 13.82 34.70
N PRO C 206 -16.07 14.03 35.86
CA PRO C 206 -16.19 13.12 37.01
C PRO C 206 -17.25 12.04 36.82
N TRP C 207 -17.18 11.02 37.67
CA TRP C 207 -18.11 9.90 37.62
C TRP C 207 -19.51 10.31 38.03
N SER C 208 -19.61 11.37 38.84
CA SER C 208 -20.88 11.84 39.37
C SER C 208 -21.87 12.22 38.27
N SER C 209 -21.35 12.68 37.14
CA SER C 209 -22.17 13.02 35.99
C SER C 209 -21.58 12.43 34.71
N LEU C 210 -21.21 11.16 34.77
CA LEU C 210 -20.49 10.48 33.69
C LEU C 210 -21.16 10.62 32.32
N LEU C 211 -22.38 10.11 32.19
CA LEU C 211 -23.08 10.12 30.92
C LEU C 211 -23.43 11.53 30.45
N ARG C 212 -23.72 12.42 31.41
CA ARG C 212 -24.05 13.80 31.09
C ARG C 212 -22.81 14.51 30.54
N ASN C 213 -21.64 14.08 31.01
CA ASN C 213 -20.38 14.59 30.48
C ASN C 213 -20.12 14.06 29.08
N TRP C 214 -20.38 12.78 28.87
CA TRP C 214 -20.15 12.13 27.58
C TRP C 214 -21.09 12.66 26.50
N ASN C 215 -22.34 12.93 26.87
CA ASN C 215 -23.33 13.45 25.93
C ASN C 215 -22.98 14.87 25.48
N SER C 216 -22.35 15.64 26.36
CA SER C 216 -22.08 17.05 26.10
C SER C 216 -20.71 17.27 25.47
N LEU C 217 -19.79 16.33 25.68
CA LEU C 217 -18.42 16.49 25.21
C LEU C 217 -18.12 15.71 23.93
N ALA C 218 -18.88 14.65 23.68
CA ALA C 218 -18.61 13.79 22.53
C ALA C 218 -19.78 13.76 21.54
N VAL C 219 -20.96 13.43 22.04
CA VAL C 219 -22.12 13.22 21.18
C VAL C 219 -22.57 14.49 20.47
N THR C 220 -22.72 15.57 21.23
CA THR C 220 -23.30 16.80 20.68
C THR C 220 -22.32 17.97 20.62
N HIS C 221 -21.03 17.70 20.79
CA HIS C 221 -20.03 18.76 20.74
C HIS C 221 -19.32 18.76 19.39
N PRO C 222 -19.36 19.90 18.69
CA PRO C 222 -18.74 20.07 17.36
C PRO C 222 -17.23 19.89 17.37
N GLY C 223 -16.61 20.04 18.53
CA GLY C 223 -15.17 19.95 18.64
C GLY C 223 -14.62 18.53 18.78
N TYR C 224 -15.48 17.60 19.19
CA TYR C 224 -15.05 16.22 19.40
C TYR C 224 -14.66 15.53 18.10
N MET C 225 -13.39 15.16 17.98
CA MET C 225 -12.86 14.57 16.77
C MET C 225 -12.48 13.11 16.94
N ALA C 226 -12.75 12.57 18.14
CA ALA C 226 -12.34 11.21 18.50
C ALA C 226 -10.84 11.01 18.29
N PHE C 227 -10.45 9.85 17.78
CA PHE C 227 -9.04 9.56 17.55
C PHE C 227 -8.52 10.22 16.28
N LEU C 228 -7.39 10.92 16.42
CA LEU C 228 -6.76 11.58 15.28
C LEU C 228 -5.24 11.64 15.42
N THR C 229 -4.59 12.13 14.36
CA THR C 229 -3.17 12.39 14.36
C THR C 229 -2.95 13.90 14.49
N TYR C 230 -1.81 14.30 15.03
CA TYR C 230 -1.49 15.72 15.12
C TYR C 230 -1.36 16.33 13.72
N ASP C 231 -0.94 15.52 12.75
CA ASP C 231 -0.87 15.94 11.36
C ASP C 231 -2.27 16.13 10.80
N GLU C 232 -3.20 15.28 11.24
CA GLU C 232 -4.58 15.36 10.82
C GLU C 232 -5.28 16.55 11.46
N VAL C 233 -4.87 16.88 12.69
CA VAL C 233 -5.44 18.01 13.41
C VAL C 233 -5.00 19.33 12.79
N LYS C 234 -3.72 19.45 12.48
CA LYS C 234 -3.19 20.66 11.84
C LYS C 234 -3.75 20.82 10.43
N ALA C 235 -4.24 19.73 9.86
CA ALA C 235 -4.85 19.76 8.53
C ALA C 235 -6.25 20.37 8.57
N ARG C 236 -7.05 19.93 9.51
CA ARG C 236 -8.43 20.41 9.65
C ARG C 236 -8.47 21.84 10.17
N LEU C 237 -7.50 22.19 11.01
CA LEU C 237 -7.44 23.54 11.58
C LEU C 237 -6.81 24.54 10.61
N GLN C 238 -6.24 24.04 9.52
CA GLN C 238 -5.61 24.90 8.53
C GLN C 238 -6.66 25.74 7.80
N LYS C 239 -7.89 25.24 7.78
CA LYS C 239 -9.00 25.96 7.17
C LYS C 239 -9.31 27.25 7.92
N PHE C 240 -9.10 27.21 9.23
CA PHE C 240 -9.41 28.35 10.09
C PHE C 240 -8.15 28.99 10.67
N ILE C 241 -7.08 28.99 9.88
CA ILE C 241 -5.81 29.58 10.28
C ILE C 241 -5.94 31.10 10.40
N HIS C 242 -6.96 31.65 9.73
CA HIS C 242 -7.20 33.09 9.74
C HIS C 242 -8.20 33.47 10.83
N LYS C 243 -8.73 32.48 11.52
CA LYS C 243 -9.77 32.70 12.53
C LYS C 243 -9.31 32.22 13.92
N PRO C 244 -8.64 33.10 14.66
CA PRO C 244 -8.17 32.79 16.02
C PRO C 244 -9.32 32.42 16.95
N GLY C 245 -9.10 31.43 17.81
CA GLY C 245 -10.13 30.95 18.70
C GLY C 245 -10.69 29.62 18.24
N SER C 246 -10.39 29.25 17.00
CA SER C 246 -10.82 27.97 16.44
C SER C 246 -10.12 26.82 17.15
N TYR C 247 -10.89 25.83 17.59
CA TYR C 247 -10.32 24.72 18.36
C TYR C 247 -11.04 23.40 18.13
N ILE C 248 -10.31 22.31 18.31
CA ILE C 248 -10.86 20.96 18.31
C ILE C 248 -10.11 20.13 19.34
N PHE C 249 -10.77 19.14 19.92
CA PHE C 249 -10.10 18.24 20.85
C PHE C 249 -10.21 16.79 20.40
N ARG C 250 -9.11 16.06 20.54
CA ARG C 250 -9.00 14.71 19.99
C ARG C 250 -8.60 13.67 21.03
N LEU C 251 -8.55 12.42 20.58
CA LEU C 251 -8.00 11.33 21.38
C LEU C 251 -6.72 10.84 20.72
N SER C 252 -5.89 10.12 21.46
CA SER C 252 -4.64 9.58 20.92
C SER C 252 -4.47 8.12 21.29
N CYS C 253 -4.17 7.30 20.29
CA CYS C 253 -4.00 5.86 20.51
C CYS C 253 -2.74 5.56 21.33
N THR C 254 -1.85 6.55 21.41
CA THR C 254 -0.62 6.40 22.17
C THR C 254 -0.83 6.74 23.64
N ARG C 255 -1.59 7.81 23.89
CA ARG C 255 -1.91 8.22 25.25
C ARG C 255 -3.38 8.01 25.57
N LEU C 256 -3.77 6.75 25.76
CA LEU C 256 -5.16 6.41 26.08
C LEU C 256 -5.57 6.97 27.44
N GLY C 257 -6.75 7.56 27.50
CA GLY C 257 -7.27 8.10 28.75
C GLY C 257 -7.11 9.60 28.88
N GLN C 258 -6.32 10.19 27.98
CA GLN C 258 -6.09 11.63 28.02
C GLN C 258 -6.60 12.34 26.76
N TRP C 259 -6.88 13.63 26.91
CA TRP C 259 -7.35 14.44 25.79
C TRP C 259 -6.19 15.24 25.17
N ALA C 260 -6.47 15.86 24.05
CA ALA C 260 -5.49 16.72 23.37
C ALA C 260 -6.21 17.82 22.60
N ILE C 261 -6.09 19.05 23.10
CA ILE C 261 -6.79 20.18 22.49
C ILE C 261 -5.90 20.96 21.54
N GLY C 262 -6.27 20.98 20.27
CA GLY C 262 -5.58 21.78 19.28
C GLY C 262 -6.34 23.07 19.03
N TYR C 263 -5.61 24.18 18.92
CA TYR C 263 -6.26 25.48 18.78
C TYR C 263 -5.48 26.43 17.89
N VAL C 264 -6.16 27.47 17.41
CA VAL C 264 -5.56 28.49 16.56
C VAL C 264 -5.29 29.77 17.34
N THR C 265 -4.07 30.28 17.23
CA THR C 265 -3.68 31.48 17.96
C THR C 265 -3.91 32.74 17.14
N ALA C 266 -3.75 33.90 17.78
CA ALA C 266 -3.96 35.18 17.13
C ALA C 266 -2.83 35.52 16.16
N ASP C 267 -1.70 34.84 16.31
CA ASP C 267 -0.54 35.08 15.46
C ASP C 267 -0.68 34.35 14.12
N GLY C 268 -1.56 33.35 14.09
CA GLY C 268 -1.78 32.57 12.88
C GLY C 268 -1.05 31.25 12.91
N ASN C 269 -1.01 30.62 14.08
CA ASN C 269 -0.33 29.34 14.25
C ASN C 269 -1.24 28.30 14.88
N ILE C 270 -0.79 27.05 14.88
CA ILE C 270 -1.55 25.96 15.47
C ILE C 270 -0.77 25.30 16.61
N LEU C 271 -1.33 25.36 17.81
CA LEU C 271 -0.68 24.78 18.97
C LEU C 271 -1.52 23.66 19.58
N GLN C 272 -0.92 22.93 20.52
CA GLN C 272 -1.59 21.78 21.13
C GLN C 272 -1.40 21.78 22.65
N THR C 273 -2.37 21.24 23.37
CA THR C 273 -2.33 21.25 24.83
C THR C 273 -2.96 19.99 25.44
N ILE C 274 -2.32 19.45 26.48
CA ILE C 274 -2.84 18.29 27.19
C ILE C 274 -3.35 18.67 28.58
N PRO C 275 -4.68 18.70 28.76
CA PRO C 275 -5.30 19.01 30.05
C PRO C 275 -5.26 17.84 31.03
N HIS C 276 -4.83 18.11 32.26
CA HIS C 276 -4.64 17.10 33.29
C HIS C 276 -4.24 17.76 34.60
N ASN C 277 -4.82 17.33 35.72
CA ASN C 277 -5.82 16.27 35.75
C ASN C 277 -7.21 16.81 36.12
N LYS C 278 -7.82 17.52 35.19
CA LYS C 278 -9.14 18.09 35.41
C LYS C 278 -10.12 17.59 34.35
N PRO C 279 -11.43 17.64 34.64
CA PRO C 279 -12.43 17.29 33.63
C PRO C 279 -12.26 18.14 32.37
N LEU C 280 -12.60 17.57 31.21
CA LEU C 280 -12.38 18.24 29.94
C LEU C 280 -13.17 19.55 29.84
N PHE C 281 -14.39 19.56 30.37
CA PHE C 281 -15.23 20.74 30.26
C PHE C 281 -14.67 21.91 31.07
N GLN C 282 -13.92 21.60 32.13
CA GLN C 282 -13.32 22.65 32.95
C GLN C 282 -12.20 23.33 32.17
N ALA C 283 -11.48 22.56 31.36
CA ALA C 283 -10.42 23.10 30.53
C ALA C 283 -11.01 23.90 29.36
N LEU C 284 -12.20 23.52 28.95
CA LEU C 284 -12.89 24.23 27.86
C LEU C 284 -13.55 25.51 28.36
N ILE C 285 -14.06 25.47 29.60
CA ILE C 285 -14.68 26.64 30.20
C ILE C 285 -13.65 27.73 30.44
N ASP C 286 -12.51 27.35 31.01
CA ASP C 286 -11.43 28.29 31.28
C ASP C 286 -10.84 28.86 29.99
N GLY C 287 -10.69 28.00 28.99
CA GLY C 287 -10.13 28.43 27.72
C GLY C 287 -11.06 29.34 26.95
N PHE C 288 -12.36 29.15 27.15
CA PHE C 288 -13.36 29.97 26.49
C PHE C 288 -13.39 31.38 27.05
N ARG C 289 -13.09 31.49 28.34
CA ARG C 289 -13.08 32.78 29.02
C ARG C 289 -11.78 33.54 28.77
N GLU C 290 -10.71 32.80 28.53
CA GLU C 290 -9.41 33.40 28.24
C GLU C 290 -9.31 33.80 26.77
N GLY C 291 -10.27 33.36 25.97
CA GLY C 291 -10.33 33.72 24.57
C GLY C 291 -9.45 32.86 23.68
N PHE C 292 -9.23 31.62 24.10
CA PHE C 292 -8.42 30.68 23.33
C PHE C 292 -9.27 29.63 22.64
N TYR C 293 -10.26 29.11 23.35
CA TYR C 293 -11.17 28.12 22.78
C TYR C 293 -12.52 28.74 22.50
N LEU C 294 -12.65 29.40 21.35
CA LEU C 294 -13.84 30.18 21.05
C LEU C 294 -14.73 29.56 19.97
N PHE C 295 -14.12 28.87 19.00
CA PHE C 295 -14.88 28.33 17.88
C PHE C 295 -14.64 26.84 17.67
N PRO C 296 -15.60 26.01 18.12
CA PRO C 296 -15.50 24.55 17.92
C PRO C 296 -15.64 24.19 16.45
N ASP C 297 -14.59 23.62 15.87
CA ASP C 297 -14.55 23.25 14.46
C ASP C 297 -14.82 24.46 13.57
N GLY C 298 -14.44 25.64 14.04
CA GLY C 298 -14.60 26.86 13.27
C GLY C 298 -16.00 27.47 13.36
N ARG C 299 -16.90 26.78 14.04
CA ARG C 299 -18.28 27.24 14.16
C ARG C 299 -18.43 28.32 15.23
N ASN C 300 -19.18 29.36 14.92
CA ASN C 300 -19.33 30.51 15.80
C ASN C 300 -20.18 30.19 17.03
N GLN C 301 -20.96 29.12 16.96
CA GLN C 301 -21.83 28.72 18.07
C GLN C 301 -21.10 27.76 19.01
N ASN C 302 -20.71 28.26 20.18
CA ASN C 302 -19.96 27.47 21.14
C ASN C 302 -20.86 27.02 22.29
N PRO C 303 -20.91 25.69 22.53
CA PRO C 303 -21.70 25.09 23.60
C PRO C 303 -21.37 25.66 24.98
N ASP C 304 -22.42 25.97 25.75
CA ASP C 304 -22.25 26.48 27.11
C ASP C 304 -22.12 25.30 28.07
N LEU C 305 -20.91 25.10 28.58
CA LEU C 305 -20.61 23.93 29.39
C LEU C 305 -20.61 24.23 30.89
N THR C 306 -21.17 25.37 31.27
CA THR C 306 -21.12 25.79 32.68
C THR C 306 -22.13 25.02 33.54
N GLY C 307 -22.95 24.18 32.92
CA GLY C 307 -23.94 23.41 33.65
C GLY C 307 -23.42 22.07 34.13
N LEU C 308 -22.27 21.66 33.63
CA LEU C 308 -21.68 20.38 34.01
C LEU C 308 -20.97 20.45 35.36
N CYS C 309 -20.87 21.65 35.92
CA CYS C 309 -20.19 21.84 37.19
C CYS C 309 -21.10 21.49 38.36
N GLU C 310 -22.32 22.02 38.33
CA GLU C 310 -23.27 21.79 39.42
C GLU C 310 -24.35 20.79 39.01
N PRO C 311 -24.57 19.78 39.85
CA PRO C 311 -25.61 18.77 39.63
C PRO C 311 -27.01 19.40 39.64
N THR C 312 -27.60 19.54 38.47
CA THR C 312 -28.91 20.19 38.35
C THR C 312 -30.03 19.16 38.19
N PRO C 313 -30.93 19.11 39.19
CA PRO C 313 -32.13 18.27 39.12
C PRO C 313 -32.99 18.62 37.92
N GLN C 314 -33.03 19.92 37.60
CA GLN C 314 -33.76 20.41 36.43
C GLN C 314 -32.96 21.50 35.73
N ASP C 315 -32.59 21.26 34.48
CA ASP C 315 -32.92 20.00 33.79
C ASP C 315 -31.73 19.49 32.98
N HIS C 316 -31.42 18.21 33.12
CA HIS C 316 -30.33 17.60 32.36
C HIS C 316 -30.66 17.60 30.87
N ILE C 317 -29.69 18.02 30.06
CA ILE C 317 -29.91 18.14 28.61
C ILE C 317 -30.18 16.79 27.97
N LYS C 318 -31.05 16.80 26.95
CA LYS C 318 -31.41 15.58 26.24
C LYS C 318 -30.92 15.63 24.80
N VAL C 319 -30.71 14.44 24.23
CA VAL C 319 -30.14 14.33 22.89
C VAL C 319 -31.12 13.66 21.93
N THR C 320 -31.20 14.19 20.71
CA THR C 320 -32.07 13.62 19.69
C THR C 320 -31.50 12.30 19.16
N GLN C 321 -32.38 11.45 18.64
CA GLN C 321 -31.97 10.17 18.07
C GLN C 321 -31.11 10.37 16.82
N GLU C 322 -31.30 11.51 16.15
CA GLU C 322 -30.52 11.83 14.97
C GLU C 322 -29.06 12.09 15.31
N GLN C 323 -28.82 12.67 16.48
CA GLN C 323 -27.46 12.97 16.91
C GLN C 323 -26.72 11.72 17.41
N TYR C 324 -27.47 10.76 17.94
CA TYR C 324 -26.88 9.49 18.34
C TYR C 324 -26.54 8.64 17.12
N GLU C 325 -27.32 8.79 16.05
CA GLU C 325 -27.10 8.06 14.82
C GLU C 325 -25.87 8.61 14.10
N LEU C 326 -25.69 9.92 14.15
CA LEU C 326 -24.49 10.56 13.60
C LEU C 326 -23.24 10.07 14.31
N PHE C 327 -23.38 9.84 15.61
CA PHE C 327 -22.26 9.45 16.45
C PHE C 327 -21.77 8.04 16.13
N CYS C 328 -22.70 7.13 15.84
CA CYS C 328 -22.37 5.75 15.53
C CYS C 328 -21.65 5.64 14.17
N GLU C 329 -22.00 6.54 13.25
CA GLU C 329 -21.45 6.51 11.91
C GLU C 329 -20.20 7.39 11.78
N MET C 330 -19.71 7.89 12.92
CA MET C 330 -18.60 8.83 12.93
C MET C 330 -17.23 8.14 12.84
N GLY C 331 -17.04 7.11 13.64
CA GLY C 331 -15.76 6.44 13.75
C GLY C 331 -15.22 5.83 12.47
N SER C 332 -16.11 5.52 11.54
CA SER C 332 -15.70 4.89 10.28
C SER C 332 -16.47 5.46 9.10
N THR C 333 -16.41 4.74 7.98
CA THR C 333 -17.11 5.16 6.77
C THR C 333 -18.58 4.79 6.84
N PHE C 334 -19.38 5.37 5.95
CA PHE C 334 -20.81 5.13 5.92
C PHE C 334 -21.13 3.74 5.36
N GLN C 335 -20.14 3.13 4.71
CA GLN C 335 -20.31 1.83 4.08
C GLN C 335 -20.66 0.72 5.07
N LEU C 336 -19.91 0.67 6.17
CA LEU C 336 -19.95 -0.47 7.08
C LEU C 336 -21.18 -0.55 7.97
N CYS C 337 -21.66 -1.76 8.20
CA CYS C 337 -22.68 -2.03 9.20
C CYS C 337 -22.07 -1.79 10.58
N LYS C 338 -22.82 -1.13 11.46
CA LYS C 338 -22.28 -0.71 12.74
C LYS C 338 -22.53 -1.73 13.86
N ILE C 339 -23.22 -2.81 13.54
CA ILE C 339 -23.48 -3.86 14.52
C ILE C 339 -22.34 -4.87 14.56
N CYS C 340 -21.94 -5.36 13.38
CA CYS C 340 -20.90 -6.37 13.27
C CYS C 340 -19.55 -5.75 12.92
N ALA C 341 -19.60 -4.58 12.28
CA ALA C 341 -18.40 -3.87 11.84
C ALA C 341 -17.52 -4.75 10.95
N GLU C 342 -18.13 -5.39 9.96
CA GLU C 342 -17.42 -6.26 9.05
C GLU C 342 -18.06 -6.23 7.67
N ASN C 343 -19.36 -6.49 7.63
CA ASN C 343 -20.11 -6.46 6.38
C ASN C 343 -20.67 -5.06 6.12
N ASP C 344 -20.99 -4.78 4.85
CA ASP C 344 -21.58 -3.50 4.49
C ASP C 344 -23.08 -3.49 4.71
N LYS C 345 -23.70 -2.32 4.61
CA LYS C 345 -25.14 -2.19 4.75
C LYS C 345 -25.86 -2.68 3.50
N ASP C 346 -26.95 -3.42 3.69
CA ASP C 346 -27.69 -3.97 2.56
C ASP C 346 -29.18 -4.13 2.87
N VAL C 347 -29.67 -3.42 3.88
CA VAL C 347 -31.08 -3.49 4.25
C VAL C 347 -31.48 -2.27 5.09
N LYS C 348 -32.73 -1.83 4.92
CA LYS C 348 -33.24 -0.68 5.66
C LYS C 348 -34.54 -1.03 6.38
N ILE C 349 -34.63 -0.65 7.65
CA ILE C 349 -35.78 -0.96 8.47
C ILE C 349 -36.83 0.15 8.39
N GLU C 350 -38.10 -0.25 8.35
CA GLU C 350 -39.20 0.70 8.37
C GLU C 350 -39.98 0.57 9.68
N PRO C 351 -40.47 1.70 10.23
CA PRO C 351 -40.32 3.06 9.70
C PRO C 351 -39.23 3.87 10.41
N CYS C 352 -38.32 3.22 11.12
CA CYS C 352 -37.28 3.92 11.85
C CYS C 352 -36.17 4.42 10.93
N GLY C 353 -35.96 3.69 9.82
CA GLY C 353 -34.97 4.08 8.84
C GLY C 353 -33.53 3.84 9.28
N HIS C 354 -33.29 2.71 9.94
CA HIS C 354 -31.94 2.38 10.39
C HIS C 354 -31.29 1.36 9.47
N LEU C 355 -30.01 1.57 9.19
CA LEU C 355 -29.29 0.73 8.22
C LEU C 355 -28.42 -0.30 8.92
N MET C 356 -28.26 -1.44 8.26
CA MET C 356 -27.48 -2.57 8.79
C MET C 356 -27.28 -3.61 7.70
N CYS C 357 -26.64 -4.72 8.05
CA CYS C 357 -26.53 -5.85 7.13
C CYS C 357 -27.57 -6.90 7.47
N THR C 358 -27.91 -7.73 6.49
CA THR C 358 -28.98 -8.72 6.66
C THR C 358 -28.63 -9.77 7.70
N SER C 359 -27.36 -10.14 7.77
CA SER C 359 -26.92 -11.18 8.71
C SER C 359 -27.10 -10.77 10.16
N CYS C 360 -26.87 -9.49 10.46
CA CYS C 360 -27.03 -8.98 11.82
C CYS C 360 -28.50 -8.93 12.22
N LEU C 361 -29.35 -8.54 11.28
CA LEU C 361 -30.79 -8.48 11.53
C LEU C 361 -31.36 -9.88 11.77
N THR C 362 -30.81 -10.87 11.08
CA THR C 362 -31.23 -12.25 11.25
C THR C 362 -30.80 -12.78 12.61
N SER C 363 -29.59 -12.40 13.03
CA SER C 363 -29.06 -12.83 14.32
C SER C 363 -29.86 -12.23 15.48
N TRP C 364 -30.24 -10.96 15.33
CA TRP C 364 -31.02 -10.28 16.35
C TRP C 364 -32.44 -10.83 16.45
N GLN C 365 -32.99 -11.23 15.31
CA GLN C 365 -34.34 -11.79 15.27
C GLN C 365 -34.36 -13.22 15.79
N GLU C 366 -33.35 -14.00 15.43
CA GLU C 366 -33.28 -15.41 15.83
C GLU C 366 -32.94 -15.55 17.31
N SER C 367 -32.33 -14.52 17.89
CA SER C 367 -31.97 -14.54 19.30
C SER C 367 -33.04 -13.93 20.18
N GLU C 368 -34.28 -13.93 19.67
CA GLU C 368 -35.43 -13.39 20.38
C GLU C 368 -35.23 -11.92 20.78
N GLY C 369 -34.66 -11.14 19.87
CA GLY C 369 -34.44 -9.73 20.11
C GLY C 369 -35.66 -8.90 19.73
N GLN C 370 -35.96 -7.89 20.54
CA GLN C 370 -37.15 -7.08 20.34
C GLN C 370 -36.94 -5.97 19.31
N GLY C 371 -37.64 -6.09 18.18
CA GLY C 371 -37.66 -5.05 17.17
C GLY C 371 -36.32 -4.76 16.50
N CYS C 372 -36.10 -3.49 16.19
CA CYS C 372 -34.87 -3.05 15.54
C CYS C 372 -33.67 -3.22 16.47
N PRO C 373 -32.53 -3.65 15.91
CA PRO C 373 -31.30 -3.81 16.69
C PRO C 373 -30.86 -2.52 17.38
N PHE C 374 -31.13 -1.38 16.76
CA PHE C 374 -30.72 -0.09 17.31
C PHE C 374 -31.75 0.51 18.26
N CYS C 375 -32.95 0.77 17.74
CA CYS C 375 -33.97 1.52 18.48
C CYS C 375 -35.00 0.65 19.17
N ARG C 376 -35.04 -0.63 18.81
CA ARG C 376 -35.98 -1.60 19.37
C ARG C 376 -37.44 -1.23 19.14
N CYS C 377 -37.73 -0.69 17.97
CA CYS C 377 -39.12 -0.38 17.60
C CYS C 377 -39.68 -1.49 16.72
N GLU C 378 -41.00 -1.58 16.65
CA GLU C 378 -41.66 -2.62 15.87
C GLU C 378 -41.35 -2.50 14.39
N ILE C 379 -40.71 -3.53 13.84
CA ILE C 379 -40.35 -3.55 12.43
C ILE C 379 -41.56 -3.81 11.56
N LYS C 380 -41.99 -2.79 10.83
CA LYS C 380 -43.17 -2.89 9.97
C LYS C 380 -42.81 -3.48 8.60
N GLY C 381 -41.63 -3.12 8.10
CA GLY C 381 -41.19 -3.59 6.80
C GLY C 381 -39.70 -3.44 6.58
N THR C 382 -39.20 -4.05 5.52
CA THR C 382 -37.78 -3.98 5.17
C THR C 382 -37.59 -3.75 3.67
N GLU C 383 -36.44 -3.18 3.31
CA GLU C 383 -36.11 -2.95 1.91
C GLU C 383 -34.59 -2.95 1.69
N PRO C 384 -34.13 -3.73 0.71
CA PRO C 384 -32.70 -3.91 0.44
C PRO C 384 -32.05 -2.67 -0.19
N ILE C 385 -30.80 -2.40 0.19
CA ILE C 385 -30.04 -1.29 -0.37
C ILE C 385 -28.68 -1.75 -0.87
N VAL C 386 -28.08 -0.96 -1.76
CA VAL C 386 -26.73 -1.24 -2.26
C VAL C 386 -25.82 -0.06 -1.93
N VAL C 387 -24.75 -0.32 -1.19
CA VAL C 387 -23.88 0.76 -0.75
C VAL C 387 -22.79 1.07 -1.78
N ASP C 388 -22.25 0.03 -2.41
CA ASP C 388 -21.24 0.20 -3.44
C ASP C 388 -21.64 -0.55 -4.70
N PRO C 389 -22.32 0.13 -5.63
CA PRO C 389 -22.76 -0.47 -6.90
C PRO C 389 -21.58 -0.89 -7.78
N PHE C 390 -20.53 -0.09 -7.78
CA PHE C 390 -19.33 -0.41 -8.54
C PHE C 390 -18.11 -0.37 -7.62
N ASP C 391 -17.26 -1.39 -7.73
CA ASP C 391 -16.08 -1.48 -6.87
C ASP C 391 -14.83 -1.68 -7.71
N PRO D 3 -50.81 35.33 13.80
CA PRO D 3 -50.87 35.75 15.20
C PRO D 3 -51.39 34.66 16.13
N PRO D 4 -50.54 33.69 16.49
CA PRO D 4 -50.93 32.58 17.36
C PRO D 4 -51.26 33.03 18.79
N GLY D 5 -52.25 32.38 19.40
CA GLY D 5 -52.61 32.67 20.78
C GLY D 5 -51.97 31.67 21.72
N THR D 6 -51.93 32.00 23.00
CA THR D 6 -51.34 31.14 24.01
C THR D 6 -52.12 29.83 24.13
N VAL D 7 -51.45 28.79 24.62
CA VAL D 7 -52.05 27.46 24.67
C VAL D 7 -52.59 27.10 26.05
N ASP D 8 -53.89 26.82 26.11
CA ASP D 8 -54.53 26.38 27.34
C ASP D 8 -54.43 24.87 27.47
N LYS D 9 -54.74 24.36 28.66
CA LYS D 9 -54.78 22.91 28.88
C LYS D 9 -56.01 22.33 28.19
N LYS D 10 -57.04 23.17 28.05
CA LYS D 10 -58.28 22.76 27.39
C LYS D 10 -58.11 22.74 25.87
N MET D 11 -57.11 23.46 25.38
CA MET D 11 -56.83 23.49 23.95
C MET D 11 -56.18 22.19 23.50
N VAL D 12 -55.24 21.69 24.31
CA VAL D 12 -54.56 20.44 24.01
C VAL D 12 -55.55 19.28 24.11
N GLU D 13 -56.50 19.41 25.03
CA GLU D 13 -57.54 18.40 25.21
C GLU D 13 -58.46 18.35 23.99
N LYS D 14 -58.71 19.50 23.40
CA LYS D 14 -59.55 19.59 22.20
C LYS D 14 -58.85 18.95 21.01
N CYS D 15 -57.53 19.12 20.94
CA CYS D 15 -56.73 18.49 19.88
C CYS D 15 -56.73 16.98 20.03
N TRP D 16 -56.61 16.51 21.27
CA TRP D 16 -56.61 15.07 21.55
C TRP D 16 -57.91 14.42 21.10
N LYS D 17 -59.03 15.09 21.35
CA LYS D 17 -60.33 14.59 20.93
C LYS D 17 -60.43 14.57 19.41
N LEU D 18 -59.82 15.56 18.76
CA LEU D 18 -59.80 15.64 17.31
C LEU D 18 -58.94 14.52 16.72
N MET D 19 -57.78 14.30 17.32
CA MET D 19 -56.87 13.26 16.87
C MET D 19 -57.47 11.86 17.07
N ASP D 20 -58.35 11.74 18.07
CA ASP D 20 -59.00 10.47 18.36
C ASP D 20 -59.93 10.10 17.22
N LYS D 21 -60.67 11.08 16.71
CA LYS D 21 -61.64 10.85 15.65
C LYS D 21 -60.96 10.44 14.35
N VAL D 22 -59.82 11.04 14.06
CA VAL D 22 -59.07 10.72 12.85
C VAL D 22 -58.60 9.27 12.85
N VAL D 23 -58.18 8.79 14.02
CA VAL D 23 -57.77 7.41 14.17
C VAL D 23 -58.94 6.46 13.94
N ARG D 24 -60.09 6.81 14.49
CA ARG D 24 -61.30 6.00 14.34
C ARG D 24 -61.74 5.90 12.89
N LEU D 25 -61.59 7.01 12.16
CA LEU D 25 -61.94 7.04 10.75
C LEU D 25 -60.97 6.21 9.92
N CYS D 26 -59.72 6.14 10.37
CA CYS D 26 -58.68 5.41 9.65
C CYS D 26 -58.67 3.93 10.03
N GLN D 27 -59.14 3.60 11.23
CA GLN D 27 -59.14 2.22 11.70
C GLN D 27 -60.14 1.35 10.95
N ASN D 28 -60.94 1.97 10.10
CA ASN D 28 -61.91 1.25 9.28
C ASN D 28 -61.19 0.35 8.27
N PRO D 29 -61.44 -0.96 8.34
CA PRO D 29 -60.82 -1.94 7.44
C PRO D 29 -61.24 -1.75 5.98
N LYS D 30 -62.36 -1.08 5.75
CA LYS D 30 -62.85 -0.84 4.39
C LYS D 30 -61.94 0.12 3.64
N LEU D 31 -61.17 0.91 4.38
CA LEU D 31 -60.22 1.84 3.77
C LEU D 31 -59.08 1.12 3.08
N ALA D 32 -58.70 -0.04 3.64
CA ALA D 32 -57.56 -0.81 3.17
C ALA D 32 -56.29 0.04 3.13
N LEU D 33 -55.82 0.43 4.32
CA LEU D 33 -54.62 1.25 4.44
C LEU D 33 -53.39 0.49 3.97
N LYS D 34 -52.63 1.10 3.07
CA LYS D 34 -51.42 0.49 2.52
C LYS D 34 -50.33 0.44 3.58
N ASN D 35 -49.94 -0.77 3.98
CA ASN D 35 -48.92 -0.96 5.00
C ASN D 35 -47.54 -0.51 4.54
N SER D 36 -47.33 0.79 4.54
CA SER D 36 -46.05 1.38 4.17
C SER D 36 -45.99 2.81 4.70
N PRO D 37 -44.78 3.30 5.01
CA PRO D 37 -44.60 4.67 5.52
C PRO D 37 -45.22 5.71 4.60
N PRO D 38 -45.96 6.68 5.17
CA PRO D 38 -46.20 6.81 6.61
C PRO D 38 -47.39 5.97 7.10
N TYR D 39 -47.32 5.54 8.35
CA TYR D 39 -48.41 4.79 8.97
C TYR D 39 -49.24 5.74 9.84
N ILE D 40 -50.43 6.08 9.36
CA ILE D 40 -51.29 7.04 10.03
C ILE D 40 -51.79 6.51 11.38
N LEU D 41 -51.92 5.19 11.49
CA LEU D 41 -52.42 4.56 12.71
C LEU D 41 -51.42 4.64 13.86
N ASP D 42 -50.15 4.84 13.52
CA ASP D 42 -49.09 4.90 14.52
C ASP D 42 -48.77 6.32 14.95
N LEU D 43 -48.72 7.23 13.97
CA LEU D 43 -48.27 8.61 14.19
C LEU D 43 -49.12 9.37 15.20
N LEU D 44 -50.45 9.25 15.08
CA LEU D 44 -51.35 10.04 15.91
C LEU D 44 -51.34 9.65 17.39
N PRO D 45 -51.34 8.34 17.71
CA PRO D 45 -51.15 8.03 19.13
C PRO D 45 -49.76 8.39 19.62
N ASP D 46 -48.75 8.27 18.75
CA ASP D 46 -47.38 8.61 19.10
C ASP D 46 -47.22 10.10 19.36
N THR D 47 -47.84 10.92 18.51
CA THR D 47 -47.81 12.36 18.69
C THR D 47 -48.54 12.74 19.96
N TYR D 48 -49.63 12.02 20.25
CA TYR D 48 -50.39 12.23 21.47
C TYR D 48 -49.55 11.89 22.70
N GLN D 49 -48.73 10.86 22.59
CA GLN D 49 -47.89 10.43 23.71
C GLN D 49 -46.73 11.39 23.95
N HIS D 50 -46.14 11.90 22.87
CA HIS D 50 -45.00 12.79 23.00
C HIS D 50 -45.44 14.17 23.50
N LEU D 51 -46.64 14.58 23.11
CA LEU D 51 -47.22 15.82 23.62
C LEU D 51 -47.57 15.68 25.11
N ARG D 52 -47.89 14.45 25.51
CA ARG D 52 -48.16 14.16 26.91
C ARG D 52 -46.89 14.26 27.73
N THR D 53 -45.78 13.80 27.16
CA THR D 53 -44.48 13.86 27.83
C THR D 53 -44.06 15.30 28.07
N ILE D 54 -44.33 16.17 27.09
CA ILE D 54 -44.02 17.58 27.21
C ILE D 54 -44.84 18.24 28.32
N LEU D 55 -46.14 17.94 28.33
CA LEU D 55 -47.03 18.44 29.38
C LEU D 55 -46.63 17.92 30.75
N SER D 56 -46.01 16.75 30.78
CA SER D 56 -45.56 16.13 32.02
C SER D 56 -44.37 16.88 32.60
N ARG D 57 -43.42 17.23 31.75
CA ARG D 57 -42.19 17.90 32.18
C ARG D 57 -42.37 19.40 32.38
N TYR D 58 -43.48 19.94 31.90
CA TYR D 58 -43.74 21.37 32.01
C TYR D 58 -44.91 21.68 32.92
N GLU D 59 -45.18 20.78 33.86
CA GLU D 59 -46.30 20.96 34.78
C GLU D 59 -46.00 22.03 35.82
N GLY D 60 -44.72 22.17 36.18
CA GLY D 60 -44.31 23.15 37.17
C GLY D 60 -44.40 24.57 36.66
N LYS D 61 -44.15 24.74 35.36
CA LYS D 61 -44.20 26.06 34.74
C LYS D 61 -44.96 26.02 33.42
N MET D 62 -46.28 25.86 33.50
CA MET D 62 -47.13 25.82 32.32
C MET D 62 -47.15 27.17 31.60
N GLU D 63 -46.89 28.23 32.36
CA GLU D 63 -46.84 29.58 31.80
C GLU D 63 -45.68 29.72 30.82
N THR D 64 -44.59 29.02 31.10
CA THR D 64 -43.41 29.06 30.26
C THR D 64 -43.66 28.35 28.92
N LEU D 65 -44.30 27.19 29.00
CA LEU D 65 -44.58 26.39 27.81
C LEU D 65 -45.60 27.08 26.91
N GLY D 66 -46.63 27.67 27.51
CA GLY D 66 -47.67 28.34 26.76
C GLY D 66 -47.21 29.63 26.11
N GLU D 67 -46.08 30.15 26.56
CA GLU D 67 -45.52 31.39 26.03
C GLU D 67 -44.57 31.13 24.87
N ASN D 68 -44.07 29.91 24.78
CA ASN D 68 -43.15 29.53 23.70
C ASN D 68 -43.85 29.59 22.35
N GLU D 69 -43.27 30.35 21.42
CA GLU D 69 -43.90 30.62 20.14
C GLU D 69 -44.03 29.38 19.26
N TYR D 70 -43.00 28.53 19.27
CA TYR D 70 -43.02 27.33 18.44
C TYR D 70 -44.15 26.39 18.84
N PHE D 71 -44.40 26.28 20.13
CA PHE D 71 -45.43 25.38 20.64
C PHE D 71 -46.82 25.89 20.29
N ARG D 72 -46.99 27.20 20.31
CA ARG D 72 -48.28 27.80 19.95
C ARG D 72 -48.58 27.56 18.48
N VAL D 73 -47.55 27.63 17.65
CA VAL D 73 -47.68 27.42 16.21
C VAL D 73 -47.97 25.96 15.90
N PHE D 74 -47.25 25.06 16.57
CA PHE D 74 -47.42 23.63 16.34
C PHE D 74 -48.83 23.16 16.66
N MET D 75 -49.32 23.53 17.84
CA MET D 75 -50.66 23.15 18.27
C MET D 75 -51.73 23.77 17.37
N GLU D 76 -51.48 25.00 16.93
CA GLU D 76 -52.41 25.67 16.02
C GLU D 76 -52.44 24.96 14.68
N ASN D 77 -51.26 24.56 14.19
CA ASN D 77 -51.16 23.82 12.94
C ASN D 77 -51.69 22.40 13.10
N LEU D 78 -51.53 21.85 14.30
CA LEU D 78 -52.01 20.50 14.60
C LEU D 78 -53.52 20.45 14.52
N MET D 79 -54.18 21.45 15.10
CA MET D 79 -55.64 21.52 15.09
C MET D 79 -56.17 21.73 13.68
N LYS D 80 -55.45 22.49 12.87
CA LYS D 80 -55.85 22.78 11.51
C LYS D 80 -55.77 21.53 10.63
N LYS D 81 -54.61 20.88 10.66
CA LYS D 81 -54.38 19.67 9.88
C LYS D 81 -55.28 18.52 10.31
N THR D 82 -55.63 18.49 11.59
CA THR D 82 -56.47 17.43 12.13
C THR D 82 -57.91 17.60 11.70
N LYS D 83 -58.42 18.82 11.80
CA LYS D 83 -59.78 19.14 11.35
C LYS D 83 -59.89 18.93 9.83
N GLN D 84 -58.79 19.20 9.13
CA GLN D 84 -58.74 19.08 7.68
C GLN D 84 -58.94 17.63 7.23
N THR D 85 -58.30 16.70 7.94
CA THR D 85 -58.43 15.28 7.64
C THR D 85 -59.83 14.79 7.97
N ILE D 86 -60.42 15.34 9.02
CA ILE D 86 -61.76 14.98 9.44
C ILE D 86 -62.80 15.38 8.39
N SER D 87 -62.71 16.63 7.91
CA SER D 87 -63.66 17.13 6.92
C SER D 87 -63.50 16.44 5.58
N LEU D 88 -62.26 16.05 5.26
CA LEU D 88 -61.97 15.34 4.02
C LEU D 88 -62.70 14.01 3.97
N PHE D 89 -62.83 13.37 5.14
CA PHE D 89 -63.55 12.10 5.25
C PHE D 89 -65.05 12.30 5.04
N LYS D 90 -65.57 13.43 5.52
CA LYS D 90 -66.99 13.72 5.40
C LYS D 90 -67.38 14.01 3.96
N GLU D 91 -66.63 14.89 3.31
CA GLU D 91 -66.90 15.27 1.93
C GLU D 91 -66.47 14.18 0.94
N GLY D 92 -65.43 13.45 1.31
CA GLY D 92 -64.93 12.37 0.47
C GLY D 92 -65.90 11.22 0.36
N LYS D 93 -66.50 10.86 1.51
CA LYS D 93 -67.53 9.82 1.57
C LYS D 93 -67.04 8.47 1.03
N GLU D 94 -67.76 7.94 0.05
CA GLU D 94 -67.49 6.62 -0.49
C GLU D 94 -66.19 6.56 -1.28
N ARG D 95 -65.75 7.71 -1.79
CA ARG D 95 -64.54 7.79 -2.60
C ARG D 95 -63.28 7.49 -1.77
N MET D 96 -63.40 7.65 -0.45
CA MET D 96 -62.29 7.37 0.45
C MET D 96 -61.91 5.89 0.43
N TYR D 97 -62.91 5.02 0.48
CA TYR D 97 -62.68 3.58 0.50
C TYR D 97 -62.11 3.10 -0.83
N GLU D 98 -62.51 3.75 -1.91
CA GLU D 98 -61.98 3.45 -3.23
C GLU D 98 -60.54 3.93 -3.34
N GLU D 99 -59.68 3.11 -3.94
CA GLU D 99 -58.26 3.42 -4.04
C GLU D 99 -57.97 4.41 -5.16
N ASN D 100 -56.81 5.06 -5.06
CA ASN D 100 -56.34 6.03 -6.05
C ASN D 100 -57.32 7.17 -6.31
N SER D 101 -58.20 7.43 -5.36
CA SER D 101 -59.16 8.51 -5.49
C SER D 101 -58.52 9.86 -5.16
N GLN D 102 -59.08 10.93 -5.70
CA GLN D 102 -58.60 12.28 -5.43
C GLN D 102 -58.66 12.65 -3.94
N PRO D 103 -59.77 12.32 -3.24
CA PRO D 103 -59.72 12.61 -1.81
C PRO D 103 -58.84 11.61 -1.05
N ARG D 104 -58.63 10.43 -1.63
CA ARG D 104 -57.80 9.41 -1.01
C ARG D 104 -56.32 9.78 -1.06
N ARG D 105 -55.91 10.40 -2.16
CA ARG D 105 -54.53 10.83 -2.33
C ARG D 105 -54.19 11.97 -1.36
N ASN D 106 -55.21 12.74 -0.98
CA ASN D 106 -55.02 13.82 -0.03
C ASN D 106 -54.80 13.29 1.39
N LEU D 107 -55.36 12.11 1.66
CA LEU D 107 -55.12 11.45 2.95
C LEU D 107 -53.67 11.02 3.04
N THR D 108 -53.10 10.60 1.90
CA THR D 108 -51.70 10.21 1.83
C THR D 108 -50.81 11.41 2.06
N LYS D 109 -51.15 12.54 1.44
CA LYS D 109 -50.40 13.78 1.61
C LYS D 109 -50.42 14.27 3.05
N LEU D 110 -51.60 14.19 3.67
CA LEU D 110 -51.75 14.65 5.05
C LEU D 110 -51.01 13.75 6.02
N SER D 111 -50.98 12.44 5.74
CA SER D 111 -50.24 11.50 6.56
C SER D 111 -48.76 11.77 6.48
N LEU D 112 -48.30 12.22 5.31
CA LEU D 112 -46.91 12.58 5.10
C LEU D 112 -46.55 13.78 5.96
N ILE D 113 -47.51 14.69 6.15
CA ILE D 113 -47.29 15.87 6.97
C ILE D 113 -47.22 15.50 8.45
N PHE D 114 -48.11 14.60 8.88
CA PHE D 114 -48.12 14.14 10.27
C PHE D 114 -46.80 13.48 10.66
N SER D 115 -46.20 12.77 9.71
CA SER D 115 -44.90 12.15 9.92
C SER D 115 -43.80 13.20 10.01
N HIS D 116 -43.95 14.28 9.22
CA HIS D 116 -42.99 15.37 9.23
C HIS D 116 -43.08 16.17 10.52
N MET D 117 -44.31 16.35 11.01
CA MET D 117 -44.53 17.13 12.23
C MET D 117 -43.97 16.44 13.47
N LEU D 118 -44.18 15.13 13.56
CA LEU D 118 -43.68 14.35 14.69
C LEU D 118 -42.16 14.34 14.71
N ALA D 119 -41.55 14.25 13.54
CA ALA D 119 -40.10 14.29 13.42
C ALA D 119 -39.56 15.63 13.88
N GLU D 120 -40.30 16.69 13.57
CA GLU D 120 -39.93 18.04 13.97
C GLU D 120 -40.11 18.22 15.48
N LEU D 121 -41.18 17.64 16.00
CA LEU D 121 -41.51 17.77 17.41
C LEU D 121 -40.48 17.09 18.30
N LYS D 122 -39.99 15.94 17.85
CA LYS D 122 -38.98 15.20 18.60
C LYS D 122 -37.60 15.85 18.44
N GLY D 123 -37.46 16.71 17.43
CA GLY D 123 -36.22 17.41 17.20
C GLY D 123 -36.14 18.72 17.97
N ILE D 124 -37.30 19.28 18.28
CA ILE D 124 -37.37 20.52 19.03
C ILE D 124 -37.61 20.23 20.52
N PHE D 125 -38.34 19.16 20.78
CA PHE D 125 -38.59 18.73 22.16
C PHE D 125 -38.06 17.32 22.41
N PRO D 126 -36.73 17.16 22.48
CA PRO D 126 -36.17 15.84 22.78
C PRO D 126 -36.50 15.38 24.20
N SER D 127 -37.19 14.25 24.31
CA SER D 127 -37.60 13.70 25.60
C SER D 127 -38.46 14.67 26.40
N GLY D 128 -39.19 15.53 25.70
CA GLY D 128 -40.14 16.42 26.34
C GLY D 128 -39.59 17.76 26.80
N LEU D 129 -38.34 18.05 26.46
CA LEU D 129 -37.72 19.32 26.87
C LEU D 129 -37.38 20.19 25.66
N PHE D 130 -37.81 21.45 25.70
CA PHE D 130 -37.57 22.38 24.60
C PHE D 130 -36.10 22.75 24.48
N GLN D 131 -35.49 22.38 23.36
CA GLN D 131 -34.10 22.74 23.08
C GLN D 131 -33.97 23.30 21.67
N GLY D 132 -35.00 24.03 21.22
CA GLY D 132 -35.02 24.59 19.89
C GLY D 132 -33.99 25.70 19.67
N ASP D 133 -33.62 26.37 20.76
CA ASP D 133 -32.64 27.45 20.68
C ASP D 133 -31.23 26.91 20.57
N THR D 134 -31.05 25.64 20.94
CA THR D 134 -29.74 24.99 20.85
C THR D 134 -29.76 23.86 19.83
N PHE D 135 -30.60 24.01 18.81
CA PHE D 135 -30.66 23.03 17.74
C PHE D 135 -29.47 23.23 16.81
N ARG D 136 -28.76 22.14 16.53
CA ARG D 136 -27.56 22.23 15.70
C ARG D 136 -27.86 21.92 14.24
N ILE D 137 -27.60 22.91 13.39
CA ILE D 137 -27.72 22.73 11.95
C ILE D 137 -26.48 22.00 11.43
N THR D 138 -26.71 20.91 10.72
CA THR D 138 -25.62 20.01 10.30
C THR D 138 -24.54 20.72 9.48
N LYS D 139 -24.95 21.49 8.47
CA LYS D 139 -23.99 22.20 7.63
C LYS D 139 -23.54 23.51 8.27
N ALA D 140 -22.25 23.80 8.18
CA ALA D 140 -21.65 24.95 8.84
C ALA D 140 -22.16 26.29 8.30
N ASP D 141 -22.02 26.49 6.99
CA ASP D 141 -22.43 27.75 6.35
C ASP D 141 -23.93 27.98 6.51
N ALA D 142 -24.69 26.88 6.56
CA ALA D 142 -26.12 26.96 6.77
C ALA D 142 -26.43 27.49 8.17
N ALA D 143 -25.70 26.98 9.15
CA ALA D 143 -25.87 27.42 10.54
C ALA D 143 -25.43 28.86 10.70
N GLU D 144 -24.43 29.27 9.92
CA GLU D 144 -23.93 30.63 9.98
C GLU D 144 -24.99 31.63 9.55
N PHE D 145 -25.77 31.27 8.55
CA PHE D 145 -26.83 32.14 8.04
C PHE D 145 -28.01 32.25 9.00
N TRP D 146 -28.50 31.10 9.45
CA TRP D 146 -29.68 31.05 10.31
C TRP D 146 -29.49 31.80 11.63
N ARG D 147 -28.40 31.48 12.32
CA ARG D 147 -28.12 32.08 13.63
C ARG D 147 -27.84 33.58 13.52
N LYS D 148 -27.31 34.00 12.37
CA LYS D 148 -26.98 35.41 12.17
C LYS D 148 -28.22 36.24 11.81
N ALA D 149 -29.13 35.63 11.07
CA ALA D 149 -30.31 36.33 10.56
C ALA D 149 -31.47 36.33 11.55
N PHE D 150 -31.59 35.25 12.33
CA PHE D 150 -32.74 35.10 13.21
C PHE D 150 -32.35 34.96 14.69
N GLY D 151 -31.05 34.92 14.96
CA GLY D 151 -30.59 34.78 16.32
C GLY D 151 -30.76 33.37 16.84
N GLU D 152 -31.47 33.24 17.96
CA GLU D 152 -31.72 31.93 18.57
C GLU D 152 -33.16 31.49 18.37
N LYS D 153 -33.83 32.08 17.40
CA LYS D 153 -35.22 31.75 17.11
C LYS D 153 -35.35 30.34 16.57
N THR D 154 -36.40 29.65 17.00
CA THR D 154 -36.66 28.27 16.58
C THR D 154 -37.51 28.26 15.31
N ILE D 155 -38.39 29.24 15.18
CA ILE D 155 -39.31 29.29 14.05
C ILE D 155 -39.50 30.73 13.56
N VAL D 156 -39.69 30.89 12.25
CA VAL D 156 -39.90 32.19 11.64
C VAL D 156 -40.97 32.13 10.55
N PRO D 157 -41.76 33.21 10.40
CA PRO D 157 -42.75 33.30 9.32
C PRO D 157 -42.10 33.22 7.95
N TRP D 158 -42.84 32.73 6.96
CA TRP D 158 -42.29 32.55 5.62
C TRP D 158 -41.81 33.85 4.99
N LYS D 159 -42.58 34.92 5.19
CA LYS D 159 -42.23 36.23 4.62
C LYS D 159 -40.90 36.73 5.18
N SER D 160 -40.67 36.47 6.47
CA SER D 160 -39.43 36.87 7.12
C SER D 160 -38.26 36.01 6.64
N PHE D 161 -38.53 34.73 6.45
CA PHE D 161 -37.51 33.79 5.98
C PHE D 161 -37.12 34.10 4.54
N ARG D 162 -38.11 34.45 3.73
CA ARG D 162 -37.89 34.74 2.31
C ARG D 162 -37.07 36.02 2.13
N GLN D 163 -37.45 37.07 2.85
CA GLN D 163 -36.76 38.35 2.76
C GLN D 163 -35.31 38.25 3.22
N ALA D 164 -35.06 37.39 4.20
CA ALA D 164 -33.71 37.19 4.71
C ALA D 164 -32.85 36.41 3.73
N LEU D 165 -33.43 35.36 3.16
CA LEU D 165 -32.71 34.50 2.21
C LEU D 165 -32.46 35.20 0.88
N HIS D 166 -33.35 36.13 0.54
CA HIS D 166 -33.26 36.88 -0.71
C HIS D 166 -31.94 37.64 -0.82
N GLU D 167 -31.38 38.02 0.33
CA GLU D 167 -30.13 38.75 0.37
C GLU D 167 -28.94 37.85 0.02
N VAL D 168 -29.01 36.59 0.46
CA VAL D 168 -27.94 35.63 0.20
C VAL D 168 -28.12 34.98 -1.17
N HIS D 169 -29.22 34.26 -1.35
CA HIS D 169 -29.55 33.66 -2.63
C HIS D 169 -30.79 34.32 -3.22
N PRO D 170 -30.60 35.14 -4.26
CA PRO D 170 -31.65 35.94 -4.89
C PRO D 170 -32.86 35.14 -5.37
N ILE D 171 -34.05 35.67 -5.12
CA ILE D 171 -35.28 35.10 -5.63
C ILE D 171 -35.94 36.11 -6.57
N SER D 172 -35.88 35.82 -7.87
CA SER D 172 -36.24 36.80 -8.89
C SER D 172 -37.73 36.81 -9.25
N SER D 173 -38.48 35.83 -8.76
CA SER D 173 -39.91 35.77 -9.04
C SER D 173 -40.70 35.23 -7.85
N GLY D 174 -41.94 35.70 -7.71
CA GLY D 174 -42.81 35.25 -6.64
C GLY D 174 -43.27 33.83 -6.85
N LEU D 175 -43.25 33.39 -8.11
CA LEU D 175 -43.64 32.04 -8.45
C LEU D 175 -42.55 31.04 -8.07
N GLU D 176 -41.29 31.50 -8.09
CA GLU D 176 -40.18 30.69 -7.62
C GLU D 176 -40.21 30.57 -6.11
N ALA D 177 -40.62 31.65 -5.44
CA ALA D 177 -40.73 31.68 -3.99
C ALA D 177 -41.77 30.67 -3.52
N MET D 178 -42.91 30.62 -4.21
CA MET D 178 -43.95 29.66 -3.91
C MET D 178 -43.46 28.23 -4.13
N ALA D 179 -42.70 28.03 -5.21
CA ALA D 179 -42.13 26.73 -5.51
C ALA D 179 -41.13 26.31 -4.46
N LEU D 180 -40.38 27.28 -3.94
CA LEU D 180 -39.39 27.01 -2.89
C LEU D 180 -40.08 26.58 -1.60
N LYS D 181 -41.18 27.25 -1.28
CA LYS D 181 -41.94 26.94 -0.08
C LYS D 181 -42.50 25.52 -0.13
N SER D 182 -42.83 25.06 -1.33
CA SER D 182 -43.35 23.72 -1.53
C SER D 182 -42.35 22.65 -1.07
N THR D 183 -41.07 22.99 -1.09
CA THR D 183 -40.03 22.04 -0.73
C THR D 183 -39.62 22.12 0.73
N ILE D 184 -39.34 23.33 1.21
CA ILE D 184 -38.77 23.53 2.54
C ILE D 184 -39.83 23.52 3.64
N ASP D 185 -41.03 24.01 3.34
CA ASP D 185 -42.12 24.01 4.31
C ASP D 185 -42.73 22.61 4.38
N LEU D 186 -42.09 21.73 5.14
CA LEU D 186 -42.51 20.35 5.25
C LEU D 186 -43.81 20.18 6.02
N THR D 187 -44.03 21.03 7.02
CA THR D 187 -45.22 20.93 7.85
C THR D 187 -46.41 21.70 7.27
N CYS D 188 -46.17 22.45 6.21
CA CYS D 188 -47.21 23.26 5.54
C CYS D 188 -48.01 24.12 6.51
N ASN D 189 -47.38 25.17 7.03
CA ASN D 189 -48.02 26.05 7.99
C ASN D 189 -47.56 27.51 7.88
N ASP D 190 -47.00 27.85 6.73
CA ASP D 190 -46.48 29.20 6.46
C ASP D 190 -45.39 29.59 7.45
N TYR D 191 -44.72 28.59 8.01
CA TYR D 191 -43.65 28.81 8.98
C TYR D 191 -42.45 27.92 8.66
N ILE D 192 -41.27 28.53 8.67
CA ILE D 192 -40.02 27.78 8.48
C ILE D 192 -39.27 27.66 9.80
N SER D 193 -39.05 26.42 10.23
CA SER D 193 -38.31 26.17 11.47
C SER D 193 -36.86 25.82 11.19
N VAL D 194 -36.07 25.72 12.24
CA VAL D 194 -34.66 25.38 12.12
C VAL D 194 -34.51 23.91 11.72
N PHE D 195 -35.53 23.11 12.05
CA PHE D 195 -35.55 21.70 11.71
C PHE D 195 -35.74 21.51 10.21
N GLU D 196 -36.73 22.22 9.66
CA GLU D 196 -36.99 22.19 8.22
C GLU D 196 -35.82 22.78 7.46
N PHE D 197 -35.28 23.86 7.98
CA PHE D 197 -34.12 24.52 7.39
C PHE D 197 -32.93 23.58 7.32
N ASP D 198 -32.76 22.78 8.36
CA ASP D 198 -31.66 21.82 8.43
C ASP D 198 -31.78 20.76 7.33
N ILE D 199 -32.96 20.18 7.21
CA ILE D 199 -33.23 19.13 6.22
C ILE D 199 -33.02 19.65 4.80
N PHE D 200 -33.44 20.88 4.56
CA PHE D 200 -33.32 21.47 3.23
C PHE D 200 -31.87 21.76 2.88
N THR D 201 -31.14 22.39 3.80
CA THR D 201 -29.73 22.73 3.56
C THR D 201 -28.85 21.49 3.45
N ARG D 202 -29.32 20.38 4.01
CA ARG D 202 -28.60 19.11 3.94
C ARG D 202 -28.86 18.43 2.60
N LEU D 203 -30.11 18.45 2.17
CA LEU D 203 -30.52 17.82 0.92
C LEU D 203 -29.98 18.54 -0.30
N PHE D 204 -29.90 19.86 -0.22
CA PHE D 204 -29.46 20.66 -1.37
C PHE D 204 -28.15 21.38 -1.11
N GLN D 205 -27.23 20.69 -0.44
CA GLN D 205 -25.88 21.21 -0.22
C GLN D 205 -25.09 21.15 -1.54
N PRO D 206 -24.05 21.98 -1.70
CA PRO D 206 -23.50 22.96 -0.74
C PRO D 206 -24.33 24.24 -0.62
N TRP D 207 -24.05 25.01 0.43
CA TRP D 207 -24.75 26.26 0.69
C TRP D 207 -24.33 27.37 -0.28
N SER D 208 -23.13 27.22 -0.85
CA SER D 208 -22.57 28.21 -1.76
C SER D 208 -23.46 28.41 -2.99
N SER D 209 -24.09 27.34 -3.44
CA SER D 209 -25.01 27.40 -4.58
C SER D 209 -26.31 26.68 -4.24
N LEU D 210 -26.94 27.09 -3.14
CA LEU D 210 -28.13 26.42 -2.63
C LEU D 210 -29.28 26.38 -3.63
N LEU D 211 -29.76 27.55 -4.03
CA LEU D 211 -30.89 27.63 -4.96
C LEU D 211 -30.50 27.20 -6.37
N ARG D 212 -29.22 27.30 -6.69
CA ARG D 212 -28.73 26.83 -7.98
C ARG D 212 -28.75 25.31 -8.02
N ASN D 213 -28.67 24.70 -6.84
CA ASN D 213 -28.78 23.25 -6.72
C ASN D 213 -30.24 22.81 -6.68
N TRP D 214 -31.06 23.57 -5.97
CA TRP D 214 -32.49 23.27 -5.85
C TRP D 214 -33.20 23.36 -7.19
N ASN D 215 -32.80 24.32 -8.01
CA ASN D 215 -33.39 24.47 -9.34
C ASN D 215 -33.04 23.32 -10.27
N SER D 216 -31.80 22.83 -10.16
CA SER D 216 -31.29 21.85 -11.10
C SER D 216 -31.55 20.40 -10.67
N LEU D 217 -31.89 20.20 -9.40
CA LEU D 217 -32.08 18.85 -8.89
C LEU D 217 -33.54 18.49 -8.64
N ALA D 218 -34.33 19.49 -8.24
CA ALA D 218 -35.71 19.23 -7.87
C ALA D 218 -36.70 19.79 -8.89
N VAL D 219 -36.51 21.05 -9.28
CA VAL D 219 -37.45 21.73 -10.15
C VAL D 219 -37.39 21.23 -11.59
N THR D 220 -36.21 21.33 -12.20
CA THR D 220 -36.05 21.00 -13.60
C THR D 220 -35.29 19.68 -13.80
N HIS D 221 -35.81 18.61 -13.20
CA HIS D 221 -35.18 17.30 -13.31
C HIS D 221 -36.22 16.19 -13.28
N PRO D 222 -36.30 15.42 -14.38
CA PRO D 222 -37.26 14.30 -14.51
C PRO D 222 -37.09 13.22 -13.44
N GLY D 223 -35.87 13.07 -12.92
CA GLY D 223 -35.58 12.04 -11.94
C GLY D 223 -36.19 12.26 -10.57
N TYR D 224 -36.36 13.52 -10.19
CA TYR D 224 -36.93 13.87 -8.89
C TYR D 224 -38.34 13.29 -8.72
N MET D 225 -38.64 12.80 -7.53
CA MET D 225 -39.89 12.10 -7.27
C MET D 225 -40.53 12.47 -5.94
N ALA D 226 -39.90 13.40 -5.23
CA ALA D 226 -40.31 13.78 -3.88
C ALA D 226 -40.37 12.56 -2.96
N PHE D 227 -41.41 12.47 -2.15
CA PHE D 227 -41.53 11.37 -1.19
C PHE D 227 -42.28 10.17 -1.76
N LEU D 228 -41.61 9.02 -1.80
CA LEU D 228 -42.20 7.78 -2.27
C LEU D 228 -41.80 6.59 -1.40
N THR D 229 -42.56 5.51 -1.52
CA THR D 229 -42.19 4.25 -0.88
C THR D 229 -41.36 3.44 -1.87
N TYR D 230 -40.52 2.54 -1.36
CA TYR D 230 -39.69 1.71 -2.23
C TYR D 230 -40.55 0.87 -3.16
N ASP D 231 -41.75 0.53 -2.70
CA ASP D 231 -42.72 -0.17 -3.54
C ASP D 231 -43.13 0.71 -4.71
N GLU D 232 -43.40 1.98 -4.41
CA GLU D 232 -43.82 2.94 -5.42
C GLU D 232 -42.67 3.31 -6.34
N VAL D 233 -41.45 3.28 -5.80
CA VAL D 233 -40.25 3.54 -6.59
C VAL D 233 -40.01 2.40 -7.58
N LYS D 234 -40.16 1.17 -7.10
CA LYS D 234 -39.97 -0.01 -7.93
C LYS D 234 -41.10 -0.15 -8.94
N ALA D 235 -42.29 0.29 -8.57
CA ALA D 235 -43.45 0.20 -9.44
C ALA D 235 -43.30 1.08 -10.68
N ARG D 236 -42.81 2.29 -10.46
CA ARG D 236 -42.59 3.24 -11.56
C ARG D 236 -41.45 2.78 -12.47
N LEU D 237 -40.43 2.16 -11.87
CA LEU D 237 -39.28 1.69 -12.62
C LEU D 237 -39.54 0.36 -13.32
N GLN D 238 -40.61 -0.31 -12.92
CA GLN D 238 -40.96 -1.61 -13.50
C GLN D 238 -41.26 -1.49 -14.99
N LYS D 239 -41.82 -0.35 -15.38
CA LYS D 239 -42.19 -0.11 -16.77
C LYS D 239 -40.97 0.03 -17.67
N PHE D 240 -39.81 0.22 -17.06
CA PHE D 240 -38.57 0.36 -17.81
C PHE D 240 -37.57 -0.72 -17.42
N ILE D 241 -38.09 -1.91 -17.12
CA ILE D 241 -37.25 -3.04 -16.74
C ILE D 241 -36.42 -3.52 -17.93
N HIS D 242 -36.91 -3.26 -19.14
CA HIS D 242 -36.24 -3.69 -20.36
C HIS D 242 -35.11 -2.76 -20.76
N LYS D 243 -35.01 -1.63 -20.08
CA LYS D 243 -33.95 -0.66 -20.33
C LYS D 243 -33.00 -0.57 -19.14
N PRO D 244 -31.76 -1.03 -19.33
CA PRO D 244 -30.72 -0.98 -18.29
C PRO D 244 -30.22 0.43 -18.05
N GLY D 245 -30.57 1.01 -16.90
CA GLY D 245 -30.08 2.34 -16.55
C GLY D 245 -31.17 3.32 -16.17
N SER D 246 -32.42 2.86 -16.15
CA SER D 246 -33.53 3.71 -15.78
C SER D 246 -33.51 4.03 -14.29
N TYR D 247 -33.38 5.30 -13.95
CA TYR D 247 -33.24 5.69 -12.54
C TYR D 247 -34.16 6.83 -12.12
N ILE D 248 -34.62 6.74 -10.88
CA ILE D 248 -35.34 7.82 -10.23
C ILE D 248 -34.84 7.95 -8.79
N PHE D 249 -34.86 9.17 -8.25
CA PHE D 249 -34.45 9.37 -6.86
C PHE D 249 -35.56 10.05 -6.05
N ARG D 250 -35.70 9.64 -4.80
CA ARG D 250 -36.81 10.08 -3.97
C ARG D 250 -36.36 10.64 -2.62
N LEU D 251 -37.34 10.96 -1.78
CA LEU D 251 -37.08 11.38 -0.41
C LEU D 251 -37.78 10.41 0.55
N SER D 252 -37.02 9.85 1.47
CA SER D 252 -37.61 8.95 2.47
C SER D 252 -38.15 9.76 3.64
N CYS D 253 -39.43 9.57 3.93
CA CYS D 253 -40.08 10.28 5.03
C CYS D 253 -39.54 9.81 6.37
N THR D 254 -38.94 8.62 6.38
CA THR D 254 -38.37 8.05 7.59
C THR D 254 -36.96 8.59 7.82
N ARG D 255 -36.19 8.71 6.74
CA ARG D 255 -34.85 9.25 6.80
C ARG D 255 -34.77 10.63 6.18
N LEU D 256 -35.31 11.62 6.88
CA LEU D 256 -35.32 13.00 6.40
C LEU D 256 -33.90 13.55 6.29
N GLY D 257 -33.61 14.18 5.16
CA GLY D 257 -32.31 14.77 4.93
C GLY D 257 -31.45 13.94 3.99
N GLN D 258 -31.90 12.73 3.68
CA GLN D 258 -31.16 11.84 2.81
C GLN D 258 -31.94 11.46 1.55
N TRP D 259 -31.22 11.29 0.45
CA TRP D 259 -31.84 10.87 -0.81
C TRP D 259 -31.91 9.35 -0.88
N ALA D 260 -32.69 8.85 -1.84
CA ALA D 260 -32.83 7.41 -2.04
C ALA D 260 -32.94 7.09 -3.53
N ILE D 261 -31.81 6.75 -4.14
CA ILE D 261 -31.76 6.50 -5.58
C ILE D 261 -32.10 5.06 -5.93
N GLY D 262 -33.15 4.89 -6.73
CA GLY D 262 -33.51 3.59 -7.26
C GLY D 262 -33.07 3.51 -8.71
N TYR D 263 -32.64 2.32 -9.14
CA TYR D 263 -32.11 2.17 -10.50
C TYR D 263 -32.33 0.76 -11.05
N VAL D 264 -31.95 0.58 -12.32
CA VAL D 264 -32.15 -0.68 -13.02
C VAL D 264 -30.83 -1.29 -13.45
N THR D 265 -30.65 -2.58 -13.16
CA THR D 265 -29.44 -3.30 -13.54
C THR D 265 -29.58 -3.89 -14.94
N ALA D 266 -28.46 -4.38 -15.48
CA ALA D 266 -28.44 -4.98 -16.80
C ALA D 266 -29.02 -6.39 -16.79
N ASP D 267 -29.15 -6.95 -15.59
CA ASP D 267 -29.71 -8.29 -15.43
C ASP D 267 -31.23 -8.26 -15.38
N GLY D 268 -31.79 -7.05 -15.26
CA GLY D 268 -33.23 -6.88 -15.22
C GLY D 268 -33.79 -6.88 -13.82
N ASN D 269 -33.16 -6.11 -12.93
CA ASN D 269 -33.60 -6.01 -11.54
C ASN D 269 -33.66 -4.57 -11.06
N ILE D 270 -34.38 -4.33 -9.97
CA ILE D 270 -34.49 -3.00 -9.40
C ILE D 270 -33.89 -2.95 -8.00
N LEU D 271 -32.88 -2.10 -7.82
CA LEU D 271 -32.19 -1.99 -6.54
C LEU D 271 -32.33 -0.59 -5.96
N GLN D 272 -31.73 -0.38 -4.78
CA GLN D 272 -31.79 0.90 -4.11
C GLN D 272 -30.42 1.28 -3.54
N THR D 273 -30.17 2.57 -3.39
CA THR D 273 -28.89 3.03 -2.85
C THR D 273 -29.03 4.38 -2.15
N ILE D 274 -28.09 4.68 -1.25
CA ILE D 274 -28.12 5.94 -0.52
C ILE D 274 -26.78 6.66 -0.57
N PRO D 275 -26.72 7.82 -1.23
CA PRO D 275 -25.52 8.66 -1.21
C PRO D 275 -25.25 9.19 0.19
N HIS D 276 -24.00 9.13 0.63
CA HIS D 276 -23.65 9.41 2.01
C HIS D 276 -23.42 10.89 2.31
N ASN D 277 -22.17 11.33 2.14
CA ASN D 277 -21.77 12.68 2.56
C ASN D 277 -21.69 13.68 1.43
N LYS D 278 -21.42 13.20 0.22
CA LYS D 278 -21.32 14.08 -0.94
C LYS D 278 -22.70 14.53 -1.41
N PRO D 279 -22.78 15.73 -2.01
CA PRO D 279 -24.05 16.23 -2.58
C PRO D 279 -24.64 15.29 -3.62
N LEU D 280 -25.95 15.43 -3.86
CA LEU D 280 -26.67 14.48 -4.72
C LEU D 280 -26.17 14.49 -6.17
N PHE D 281 -25.81 15.66 -6.68
CA PHE D 281 -25.45 15.78 -8.10
C PHE D 281 -24.17 15.02 -8.43
N GLN D 282 -23.25 14.93 -7.47
CA GLN D 282 -22.01 14.19 -7.68
C GLN D 282 -22.27 12.70 -7.69
N ALA D 283 -23.28 12.27 -6.92
CA ALA D 283 -23.63 10.87 -6.84
C ALA D 283 -24.34 10.40 -8.11
N LEU D 284 -25.04 11.32 -8.76
CA LEU D 284 -25.73 11.01 -10.02
C LEU D 284 -24.74 10.94 -11.16
N ILE D 285 -23.74 11.82 -11.12
CA ILE D 285 -22.70 11.86 -12.14
C ILE D 285 -21.86 10.58 -12.13
N ASP D 286 -21.50 10.12 -10.94
CA ASP D 286 -20.71 8.90 -10.79
C ASP D 286 -21.45 7.69 -11.33
N GLY D 287 -22.76 7.66 -11.15
CA GLY D 287 -23.58 6.54 -11.58
C GLY D 287 -23.91 6.55 -13.06
N PHE D 288 -23.79 7.71 -13.67
CA PHE D 288 -24.01 7.84 -15.10
C PHE D 288 -22.79 7.34 -15.85
N ARG D 289 -21.61 7.72 -15.36
CA ARG D 289 -20.35 7.30 -15.96
C ARG D 289 -20.07 5.82 -15.65
N GLU D 290 -20.75 5.30 -14.63
CA GLU D 290 -20.63 3.89 -14.28
C GLU D 290 -21.58 3.05 -15.12
N GLY D 291 -22.63 3.70 -15.64
CA GLY D 291 -23.60 3.03 -16.48
C GLY D 291 -24.81 2.50 -15.73
N PHE D 292 -25.06 3.05 -14.54
CA PHE D 292 -26.17 2.59 -13.72
C PHE D 292 -27.34 3.57 -13.73
N TYR D 293 -27.03 4.86 -13.71
CA TYR D 293 -28.06 5.90 -13.73
C TYR D 293 -28.08 6.61 -15.08
N LEU D 294 -28.76 6.02 -16.06
CA LEU D 294 -28.74 6.57 -17.41
C LEU D 294 -30.05 7.26 -17.78
N PHE D 295 -31.16 6.58 -17.56
CA PHE D 295 -32.45 7.09 -17.98
C PHE D 295 -33.27 7.64 -16.81
N PRO D 296 -33.34 8.97 -16.67
CA PRO D 296 -34.19 9.57 -15.63
C PRO D 296 -35.67 9.39 -15.94
N ASP D 297 -36.40 8.76 -15.02
CA ASP D 297 -37.83 8.48 -15.18
C ASP D 297 -38.11 7.63 -16.41
N GLY D 298 -37.10 6.92 -16.89
CA GLY D 298 -37.24 6.12 -18.10
C GLY D 298 -36.94 6.94 -19.35
N ARG D 299 -37.04 8.27 -19.22
CA ARG D 299 -36.79 9.17 -20.34
C ARG D 299 -35.33 9.12 -20.79
N ASN D 300 -35.13 9.07 -22.10
CA ASN D 300 -33.79 8.87 -22.67
C ASN D 300 -32.82 10.00 -22.39
N GLN D 301 -33.31 11.24 -22.48
CA GLN D 301 -32.46 12.41 -22.29
C GLN D 301 -32.13 12.62 -20.81
N ASN D 302 -30.83 12.69 -20.50
CA ASN D 302 -30.38 12.90 -19.13
C ASN D 302 -29.83 14.31 -18.93
N PRO D 303 -30.22 14.95 -17.81
CA PRO D 303 -29.75 16.31 -17.49
C PRO D 303 -28.25 16.39 -17.24
N ASP D 304 -27.65 17.52 -17.59
CA ASP D 304 -26.23 17.75 -17.36
C ASP D 304 -26.00 18.55 -16.09
N LEU D 305 -25.33 17.95 -15.11
CA LEU D 305 -25.15 18.58 -13.81
C LEU D 305 -23.71 19.01 -13.54
N THR D 306 -22.95 19.26 -14.59
CA THR D 306 -21.56 19.64 -14.43
C THR D 306 -21.39 21.08 -13.95
N GLY D 307 -22.45 21.88 -14.07
CA GLY D 307 -22.39 23.29 -13.72
C GLY D 307 -22.42 23.54 -12.23
N LEU D 308 -22.83 22.53 -11.46
CA LEU D 308 -22.93 22.66 -10.01
C LEU D 308 -21.58 22.51 -9.33
N CYS D 309 -20.60 22.01 -10.08
CA CYS D 309 -19.24 21.88 -9.57
C CYS D 309 -18.47 23.18 -9.79
N GLU D 310 -18.87 23.93 -10.80
CA GLU D 310 -18.27 25.23 -11.08
C GLU D 310 -19.05 26.34 -10.38
N PRO D 311 -18.33 27.21 -9.65
CA PRO D 311 -18.97 28.26 -8.85
C PRO D 311 -19.07 29.61 -9.57
N THR D 312 -18.91 29.62 -10.89
CA THR D 312 -18.81 30.88 -11.62
C THR D 312 -19.94 31.11 -12.63
N PRO D 313 -20.80 32.09 -12.35
CA PRO D 313 -21.76 32.62 -13.33
C PRO D 313 -21.16 33.83 -14.08
N GLN D 314 -21.25 33.86 -15.41
CA GLN D 314 -21.92 32.86 -16.24
C GLN D 314 -21.11 31.57 -16.33
N ASP D 315 -21.78 30.43 -16.57
CA ASP D 315 -23.21 30.38 -16.83
C ASP D 315 -24.04 29.84 -15.67
N HIS D 316 -25.14 30.53 -15.38
CA HIS D 316 -26.11 30.07 -14.39
C HIS D 316 -27.42 29.78 -15.09
N ILE D 317 -28.12 28.74 -14.64
CA ILE D 317 -29.33 28.29 -15.33
C ILE D 317 -30.58 29.05 -14.85
N LYS D 318 -31.50 29.28 -15.77
CA LYS D 318 -32.77 29.94 -15.45
C LYS D 318 -33.95 29.02 -15.74
N VAL D 319 -35.04 29.23 -15.04
CA VAL D 319 -36.20 28.34 -15.11
C VAL D 319 -37.45 29.08 -15.58
N THR D 320 -38.21 28.45 -16.47
CA THR D 320 -39.47 29.02 -16.95
C THR D 320 -40.50 29.12 -15.82
N GLN D 321 -41.42 30.07 -15.95
CA GLN D 321 -42.48 30.25 -14.98
C GLN D 321 -43.42 29.05 -14.96
N GLU D 322 -43.58 28.42 -16.12
CA GLU D 322 -44.43 27.24 -16.23
C GLU D 322 -43.87 26.07 -15.42
N GLN D 323 -42.56 25.85 -15.54
CA GLN D 323 -41.89 24.78 -14.80
C GLN D 323 -42.04 24.93 -13.29
N TYR D 324 -42.04 26.18 -12.82
CA TYR D 324 -42.24 26.45 -11.41
C TYR D 324 -43.66 26.11 -10.99
N GLU D 325 -44.61 26.42 -11.86
CA GLU D 325 -46.01 26.12 -11.61
C GLU D 325 -46.25 24.61 -11.63
N LEU D 326 -45.58 23.91 -12.53
CA LEU D 326 -45.69 22.46 -12.63
C LEU D 326 -45.17 21.79 -11.36
N PHE D 327 -44.19 22.42 -10.72
CA PHE D 327 -43.57 21.89 -9.51
C PHE D 327 -44.54 21.91 -8.33
N CYS D 328 -45.34 22.96 -8.25
CA CYS D 328 -46.28 23.14 -7.15
C CYS D 328 -47.43 22.13 -7.21
N GLU D 329 -47.71 21.63 -8.41
CA GLU D 329 -48.81 20.69 -8.61
C GLU D 329 -48.35 19.24 -8.45
N MET D 330 -47.06 19.06 -8.16
CA MET D 330 -46.47 17.72 -8.12
C MET D 330 -46.88 16.92 -6.90
N GLY D 331 -46.69 17.50 -5.72
CA GLY D 331 -46.87 16.79 -4.46
C GLY D 331 -48.25 16.23 -4.20
N SER D 332 -49.28 16.83 -4.81
CA SER D 332 -50.65 16.42 -4.55
C SER D 332 -51.49 16.34 -5.81
N THR D 333 -52.80 16.36 -5.63
CA THR D 333 -53.74 16.29 -6.75
C THR D 333 -53.90 17.66 -7.41
N PHE D 334 -54.44 17.66 -8.63
CA PHE D 334 -54.70 18.89 -9.37
C PHE D 334 -55.86 19.65 -8.73
N GLN D 335 -56.68 18.94 -7.97
CA GLN D 335 -57.88 19.51 -7.38
C GLN D 335 -57.61 20.65 -6.41
N LEU D 336 -56.64 20.45 -5.52
CA LEU D 336 -56.42 21.36 -4.40
C LEU D 336 -55.75 22.68 -4.79
N CYS D 337 -56.19 23.76 -4.16
CA CYS D 337 -55.52 25.05 -4.25
C CYS D 337 -54.15 24.95 -3.57
N LYS D 338 -53.12 25.49 -4.21
CA LYS D 338 -51.76 25.27 -3.73
C LYS D 338 -51.28 26.35 -2.76
N ILE D 339 -52.17 27.26 -2.38
CA ILE D 339 -51.84 28.29 -1.41
C ILE D 339 -52.20 27.85 0.00
N CYS D 340 -53.40 27.29 0.14
CA CYS D 340 -53.92 26.86 1.43
C CYS D 340 -53.79 25.35 1.63
N ALA D 341 -53.78 24.62 0.51
CA ALA D 341 -53.73 23.16 0.51
C ALA D 341 -54.88 22.55 1.32
N GLU D 342 -56.04 23.20 1.26
CA GLU D 342 -57.23 22.69 1.93
C GLU D 342 -58.41 22.65 0.95
N ASN D 343 -58.83 23.82 0.49
CA ASN D 343 -59.93 23.94 -0.45
C ASN D 343 -59.49 23.62 -1.87
N ASP D 344 -60.46 23.38 -2.74
CA ASP D 344 -60.16 23.13 -4.15
C ASP D 344 -60.27 24.41 -4.97
N LYS D 345 -59.62 24.43 -6.13
CA LYS D 345 -59.62 25.60 -7.01
C LYS D 345 -61.02 25.90 -7.53
N ASP D 346 -61.34 27.19 -7.67
CA ASP D 346 -62.63 27.60 -8.20
C ASP D 346 -62.60 29.00 -8.81
N VAL D 347 -61.41 29.47 -9.17
CA VAL D 347 -61.27 30.78 -9.81
C VAL D 347 -59.96 30.86 -10.61
N LYS D 348 -60.04 31.46 -11.79
CA LYS D 348 -58.87 31.62 -12.66
C LYS D 348 -58.56 33.09 -12.88
N ILE D 349 -57.28 33.46 -12.70
CA ILE D 349 -56.87 34.85 -12.82
C ILE D 349 -56.41 35.19 -14.23
N GLU D 350 -56.87 36.32 -14.75
CA GLU D 350 -56.42 36.82 -16.04
C GLU D 350 -55.45 37.97 -15.84
N PRO D 351 -54.41 38.06 -16.68
CA PRO D 351 -54.13 37.16 -17.80
C PRO D 351 -53.07 36.09 -17.51
N CYS D 352 -52.69 35.93 -16.25
CA CYS D 352 -51.63 34.99 -15.91
C CYS D 352 -52.10 33.54 -16.00
N GLY D 353 -53.38 33.32 -15.73
CA GLY D 353 -53.97 32.00 -15.85
C GLY D 353 -53.71 31.08 -14.68
N HIS D 354 -53.43 31.66 -13.51
CA HIS D 354 -53.13 30.88 -12.33
C HIS D 354 -54.41 30.49 -11.59
N LEU D 355 -54.42 29.28 -11.03
CA LEU D 355 -55.62 28.74 -10.40
C LEU D 355 -55.50 28.69 -8.89
N MET D 356 -56.61 28.96 -8.20
CA MET D 356 -56.65 28.97 -6.75
C MET D 356 -58.10 28.94 -6.26
N CYS D 357 -58.28 28.95 -4.95
CA CYS D 357 -59.64 29.05 -4.39
C CYS D 357 -59.97 30.50 -4.11
N THR D 358 -61.25 30.81 -4.00
CA THR D 358 -61.71 32.19 -3.84
C THR D 358 -61.30 32.77 -2.48
N SER D 359 -61.19 31.90 -1.49
CA SER D 359 -60.83 32.33 -0.14
C SER D 359 -59.42 32.90 -0.06
N CYS D 360 -58.48 32.26 -0.74
CA CYS D 360 -57.09 32.70 -0.75
C CYS D 360 -56.92 34.02 -1.49
N LEU D 361 -57.63 34.16 -2.61
CA LEU D 361 -57.56 35.38 -3.41
C LEU D 361 -58.06 36.59 -2.64
N THR D 362 -59.19 36.42 -1.96
CA THR D 362 -59.79 37.50 -1.18
C THR D 362 -58.88 37.90 -0.01
N SER D 363 -58.32 36.88 0.65
CA SER D 363 -57.40 37.11 1.76
C SER D 363 -56.15 37.85 1.32
N TRP D 364 -55.67 37.53 0.12
CA TRP D 364 -54.49 38.17 -0.44
C TRP D 364 -54.80 39.61 -0.84
N GLN D 365 -56.02 39.85 -1.32
CA GLN D 365 -56.44 41.19 -1.69
C GLN D 365 -56.74 42.03 -0.46
N GLU D 366 -57.26 41.40 0.58
CA GLU D 366 -57.60 42.09 1.81
C GLU D 366 -56.38 42.30 2.70
N SER D 367 -55.23 41.79 2.25
CA SER D 367 -53.98 41.96 2.98
C SER D 367 -53.06 42.94 2.26
N GLU D 368 -53.64 43.77 1.40
CA GLU D 368 -52.89 44.75 0.62
C GLU D 368 -51.79 44.10 -0.21
N GLY D 369 -52.08 42.92 -0.74
CA GLY D 369 -51.13 42.20 -1.57
C GLY D 369 -51.13 42.71 -3.00
N GLN D 370 -49.95 42.74 -3.61
CA GLN D 370 -49.79 43.28 -4.96
C GLN D 370 -50.15 42.25 -6.02
N GLY D 371 -51.34 42.39 -6.60
CA GLY D 371 -51.77 41.58 -7.71
C GLY D 371 -52.02 40.12 -7.39
N CYS D 372 -51.61 39.25 -8.31
CA CYS D 372 -51.80 37.81 -8.15
C CYS D 372 -50.99 37.25 -6.99
N PRO D 373 -51.58 36.32 -6.22
CA PRO D 373 -50.88 35.68 -5.11
C PRO D 373 -49.63 34.90 -5.54
N PHE D 374 -49.64 34.40 -6.78
CA PHE D 374 -48.53 33.60 -7.29
C PHE D 374 -47.46 34.45 -7.98
N CYS D 375 -47.82 35.11 -9.08
CA CYS D 375 -46.85 35.81 -9.92
C CYS D 375 -46.77 37.31 -9.65
N ARG D 376 -47.73 37.82 -8.87
CA ARG D 376 -47.81 39.23 -8.53
C ARG D 376 -47.93 40.13 -9.77
N CYS D 377 -48.71 39.69 -10.74
CA CYS D 377 -49.06 40.53 -11.89
C CYS D 377 -50.41 41.19 -11.65
N GLU D 378 -50.72 42.23 -12.41
CA GLU D 378 -51.97 42.96 -12.23
C GLU D 378 -53.16 42.13 -12.67
N ILE D 379 -54.10 41.94 -11.75
CA ILE D 379 -55.31 41.16 -12.02
C ILE D 379 -56.29 41.95 -12.87
N LYS D 380 -56.33 41.65 -14.17
CA LYS D 380 -57.23 42.32 -15.10
C LYS D 380 -58.66 41.84 -14.91
N GLY D 381 -58.82 40.56 -14.62
CA GLY D 381 -60.14 39.98 -14.43
C GLY D 381 -60.09 38.57 -13.85
N THR D 382 -61.23 38.11 -13.35
CA THR D 382 -61.34 36.76 -12.78
C THR D 382 -62.49 35.99 -13.42
N GLU D 383 -62.41 34.66 -13.38
CA GLU D 383 -63.46 33.81 -13.91
C GLU D 383 -63.55 32.50 -13.12
N PRO D 384 -64.77 32.02 -12.87
CA PRO D 384 -65.00 30.82 -12.06
C PRO D 384 -64.77 29.53 -12.82
N ILE D 385 -64.06 28.60 -12.21
CA ILE D 385 -63.88 27.27 -12.77
C ILE D 385 -64.41 26.22 -11.79
N VAL D 386 -64.69 25.02 -12.30
CA VAL D 386 -65.14 23.92 -11.46
C VAL D 386 -64.14 22.77 -11.54
N VAL D 387 -63.72 22.27 -10.39
CA VAL D 387 -62.68 21.26 -10.34
C VAL D 387 -63.23 19.84 -10.56
N ASP D 388 -64.33 19.52 -9.89
CA ASP D 388 -64.95 18.22 -10.04
C ASP D 388 -66.38 18.37 -10.58
N PRO D 389 -66.55 18.19 -11.90
CA PRO D 389 -67.82 18.36 -12.60
C PRO D 389 -68.90 17.42 -12.09
N PHE D 390 -68.61 16.12 -12.17
CA PHE D 390 -69.53 15.09 -11.73
C PHE D 390 -69.06 14.47 -10.42
N ASP D 391 -69.45 15.09 -9.31
CA ASP D 391 -69.02 14.64 -7.98
C ASP D 391 -69.55 13.25 -7.66
N VAL E 7 36.30 17.16 -2.65
CA VAL E 7 37.29 16.55 -3.54
C VAL E 7 37.43 17.35 -4.84
N ASP E 8 38.65 17.45 -5.34
CA ASP E 8 38.92 18.18 -6.57
C ASP E 8 39.89 17.40 -7.46
N LYS E 9 40.29 18.02 -8.58
CA LYS E 9 41.16 17.36 -9.54
C LYS E 9 42.63 17.47 -9.14
N LYS E 10 42.99 18.57 -8.51
CA LYS E 10 44.37 18.77 -8.05
C LYS E 10 44.74 17.73 -7.00
N MET E 11 43.73 17.23 -6.28
CA MET E 11 43.94 16.15 -5.34
C MET E 11 44.12 14.83 -6.09
N VAL E 12 43.36 14.68 -7.18
CA VAL E 12 43.49 13.50 -8.04
C VAL E 12 44.83 13.51 -8.77
N GLU E 13 45.23 14.69 -9.20
CA GLU E 13 46.54 14.87 -9.85
C GLU E 13 47.65 14.60 -8.85
N LYS E 14 47.37 14.86 -7.58
CA LYS E 14 48.34 14.57 -6.51
C LYS E 14 48.40 13.07 -6.23
N CYS E 15 47.28 12.39 -6.39
CA CYS E 15 47.21 10.96 -6.13
C CYS E 15 48.04 10.16 -7.14
N TRP E 16 47.94 10.53 -8.41
CA TRP E 16 48.70 9.83 -9.46
C TRP E 16 50.19 9.99 -9.26
N LYS E 17 50.60 11.18 -8.80
CA LYS E 17 52.01 11.43 -8.49
C LYS E 17 52.50 10.45 -7.44
N LEU E 18 51.66 10.19 -6.44
CA LEU E 18 51.96 9.20 -5.41
C LEU E 18 51.98 7.80 -6.00
N MET E 19 50.96 7.49 -6.79
CA MET E 19 50.82 6.16 -7.40
C MET E 19 51.93 5.89 -8.41
N ASP E 20 52.34 6.92 -9.13
CA ASP E 20 53.39 6.78 -10.14
C ASP E 20 54.73 6.47 -9.50
N LYS E 21 54.95 7.00 -8.31
CA LYS E 21 56.19 6.74 -7.59
C LYS E 21 56.22 5.31 -7.06
N VAL E 22 55.04 4.75 -6.82
CA VAL E 22 54.93 3.37 -6.39
C VAL E 22 55.29 2.42 -7.53
N VAL E 23 54.78 2.74 -8.72
CA VAL E 23 55.07 1.96 -9.92
C VAL E 23 56.55 2.03 -10.25
N ARG E 24 57.15 3.20 -9.99
CA ARG E 24 58.57 3.40 -10.26
C ARG E 24 59.42 2.54 -9.34
N LEU E 25 58.94 2.31 -8.14
CA LEU E 25 59.65 1.49 -7.16
C LEU E 25 59.50 0.00 -7.46
N CYS E 26 58.32 -0.40 -7.91
CA CYS E 26 58.03 -1.81 -8.15
C CYS E 26 58.53 -2.28 -9.51
N GLN E 27 59.08 -1.36 -10.29
CA GLN E 27 59.48 -1.66 -11.66
C GLN E 27 60.80 -2.42 -11.73
N ASN E 28 61.74 -2.11 -10.84
CA ASN E 28 63.05 -2.76 -10.86
C ASN E 28 62.97 -4.27 -10.62
N PRO E 29 63.77 -5.05 -11.36
CA PRO E 29 63.72 -6.51 -11.30
C PRO E 29 64.28 -7.08 -10.01
N LYS E 30 64.86 -6.22 -9.17
CA LYS E 30 65.40 -6.64 -7.89
C LYS E 30 64.29 -7.08 -6.95
N LEU E 31 63.12 -6.46 -7.10
CA LEU E 31 61.98 -6.74 -6.23
C LEU E 31 61.44 -8.14 -6.44
N ALA E 32 61.59 -8.66 -7.66
CA ALA E 32 61.17 -10.00 -8.01
C ALA E 32 59.71 -10.24 -7.64
N LEU E 33 58.82 -9.61 -8.39
CA LEU E 33 57.39 -9.72 -8.12
C LEU E 33 56.85 -11.10 -8.49
N LYS E 34 55.90 -11.58 -7.69
CA LYS E 34 55.28 -12.88 -7.93
C LYS E 34 54.48 -12.89 -9.22
N ASN E 35 54.83 -13.78 -10.13
CA ASN E 35 54.13 -13.91 -11.41
C ASN E 35 52.76 -14.56 -11.25
N SER E 36 51.90 -13.91 -10.48
CA SER E 36 50.57 -14.41 -10.19
C SER E 36 49.75 -13.30 -9.54
N PRO E 37 48.42 -13.30 -9.73
CA PRO E 37 47.55 -12.27 -9.16
C PRO E 37 47.73 -12.09 -7.65
N PRO E 38 47.66 -10.85 -7.16
CA PRO E 38 47.45 -9.64 -7.96
C PRO E 38 48.73 -9.07 -8.55
N TYR E 39 48.65 -8.58 -9.79
CA TYR E 39 49.77 -7.92 -10.44
C TYR E 39 49.72 -6.41 -10.20
N ILE E 40 50.52 -5.92 -9.27
CA ILE E 40 50.47 -4.52 -8.88
C ILE E 40 50.97 -3.60 -10.00
N LEU E 41 51.78 -4.14 -10.92
CA LEU E 41 52.29 -3.37 -12.04
C LEU E 41 51.19 -3.01 -13.03
N ASP E 42 50.07 -3.71 -12.95
CA ASP E 42 48.95 -3.46 -13.85
C ASP E 42 47.82 -2.70 -13.15
N LEU E 43 47.61 -2.99 -11.86
CA LEU E 43 46.48 -2.44 -11.12
C LEU E 43 46.50 -0.93 -11.01
N LEU E 44 47.68 -0.36 -10.73
CA LEU E 44 47.80 1.08 -10.52
C LEU E 44 47.59 1.91 -11.79
N PRO E 45 48.19 1.51 -12.93
CA PRO E 45 47.86 2.29 -14.13
C PRO E 45 46.41 2.14 -14.55
N ASP E 46 45.79 1.01 -14.20
CA ASP E 46 44.39 0.76 -14.54
C ASP E 46 43.46 1.63 -13.72
N THR E 47 43.81 1.85 -12.45
CA THR E 47 43.03 2.71 -11.58
C THR E 47 43.11 4.16 -12.06
N TYR E 48 44.28 4.55 -12.56
CA TYR E 48 44.48 5.89 -13.08
C TYR E 48 43.64 6.14 -14.33
N GLN E 49 43.65 5.19 -15.26
CA GLN E 49 42.89 5.32 -16.49
C GLN E 49 41.38 5.33 -16.23
N HIS E 50 40.95 4.52 -15.26
CA HIS E 50 39.53 4.44 -14.92
C HIS E 50 39.07 5.73 -14.26
N LEU E 51 39.97 6.37 -13.51
CA LEU E 51 39.66 7.65 -12.89
C LEU E 51 39.66 8.78 -13.93
N ARG E 52 40.45 8.60 -14.98
CA ARG E 52 40.44 9.54 -16.10
C ARG E 52 39.09 9.52 -16.80
N THR E 53 38.48 8.34 -16.83
CA THR E 53 37.18 8.16 -17.45
C THR E 53 36.09 8.80 -16.60
N ILE E 54 36.27 8.75 -15.28
CA ILE E 54 35.31 9.35 -14.35
C ILE E 54 35.33 10.87 -14.46
N LEU E 55 36.52 11.44 -14.61
CA LEU E 55 36.66 12.89 -14.77
C LEU E 55 36.18 13.33 -16.15
N SER E 56 36.27 12.44 -17.12
CA SER E 56 35.84 12.75 -18.48
C SER E 56 34.31 12.75 -18.58
N ARG E 57 33.68 11.83 -17.87
CA ARG E 57 32.21 11.75 -17.86
C ARG E 57 31.60 12.91 -17.07
N TYR E 58 32.28 13.32 -16.01
CA TYR E 58 31.77 14.36 -15.12
C TYR E 58 32.52 15.68 -15.31
N GLU E 59 32.90 15.98 -16.55
CA GLU E 59 33.63 17.20 -16.84
C GLU E 59 32.74 18.44 -16.69
N GLY E 60 31.45 18.26 -16.98
CA GLY E 60 30.50 19.35 -16.86
C GLY E 60 29.92 19.47 -15.46
N LYS E 61 29.30 18.40 -15.00
CA LYS E 61 28.73 18.35 -13.65
C LYS E 61 29.79 17.94 -12.64
N MET E 62 30.85 18.73 -12.54
CA MET E 62 31.95 18.43 -11.62
C MET E 62 31.53 18.71 -10.18
N GLU E 63 30.54 19.58 -10.02
CA GLU E 63 30.05 19.94 -8.70
C GLU E 63 29.33 18.78 -8.02
N THR E 64 28.55 18.04 -8.80
CA THR E 64 27.79 16.90 -8.29
C THR E 64 28.71 15.75 -7.88
N LEU E 65 29.89 15.68 -8.50
CA LEU E 65 30.85 14.61 -8.21
C LEU E 65 31.40 14.74 -6.80
N GLY E 66 31.58 15.97 -6.33
CA GLY E 66 32.11 16.22 -5.01
C GLY E 66 31.11 15.91 -3.92
N GLU E 67 29.83 16.01 -4.24
CA GLU E 67 28.76 15.73 -3.30
C GLU E 67 28.55 14.24 -3.09
N ASN E 68 29.14 13.44 -3.98
CA ASN E 68 29.03 11.99 -3.89
C ASN E 68 29.80 11.45 -2.69
N GLU E 69 29.10 10.73 -1.82
CA GLU E 69 29.69 10.23 -0.59
C GLU E 69 30.72 9.14 -0.84
N TYR E 70 30.40 8.23 -1.75
CA TYR E 70 31.27 7.09 -2.02
C TYR E 70 32.63 7.50 -2.57
N PHE E 71 32.63 8.39 -3.57
CA PHE E 71 33.85 8.78 -4.25
C PHE E 71 34.79 9.56 -3.35
N ARG E 72 34.23 10.28 -2.38
CA ARG E 72 35.04 11.03 -1.43
C ARG E 72 35.77 10.08 -0.48
N VAL E 73 35.08 9.00 -0.11
CA VAL E 73 35.67 7.97 0.76
C VAL E 73 36.75 7.20 0.01
N PHE E 74 36.51 6.96 -1.27
CA PHE E 74 37.45 6.22 -2.10
C PHE E 74 38.77 6.98 -2.26
N MET E 75 38.69 8.22 -2.71
CA MET E 75 39.87 9.04 -2.92
C MET E 75 40.63 9.29 -1.62
N GLU E 76 39.89 9.32 -0.51
CA GLU E 76 40.49 9.44 0.81
C GLU E 76 41.27 8.18 1.14
N ASN E 77 40.65 7.03 0.89
CA ASN E 77 41.25 5.75 1.18
C ASN E 77 42.37 5.41 0.20
N LEU E 78 42.21 5.84 -1.05
CA LEU E 78 43.22 5.59 -2.07
C LEU E 78 44.54 6.28 -1.71
N MET E 79 44.46 7.55 -1.32
CA MET E 79 45.64 8.32 -0.93
C MET E 79 46.26 7.74 0.34
N LYS E 80 45.41 7.30 1.26
CA LYS E 80 45.89 6.72 2.52
C LYS E 80 46.62 5.41 2.28
N LYS E 81 46.06 4.56 1.41
CA LYS E 81 46.69 3.29 1.07
C LYS E 81 47.95 3.49 0.23
N THR E 82 47.94 4.53 -0.60
CA THR E 82 49.07 4.80 -1.48
C THR E 82 50.26 5.35 -0.70
N LYS E 83 49.98 6.26 0.25
CA LYS E 83 51.01 6.81 1.10
C LYS E 83 51.56 5.73 2.04
N GLN E 84 50.70 4.80 2.40
CA GLN E 84 51.07 3.68 3.25
C GLN E 84 52.01 2.73 2.50
N THR E 85 51.87 2.70 1.17
CA THR E 85 52.67 1.81 0.33
C THR E 85 54.10 2.33 0.17
N ILE E 86 54.23 3.64 -0.03
CA ILE E 86 55.55 4.25 -0.22
C ILE E 86 56.34 4.26 1.08
N SER E 87 55.64 4.46 2.19
CA SER E 87 56.28 4.48 3.51
C SER E 87 56.82 3.10 3.86
N LEU E 88 56.19 2.08 3.29
CA LEU E 88 56.61 0.69 3.51
C LEU E 88 57.98 0.45 2.89
N PHE E 89 58.24 1.10 1.76
CA PHE E 89 59.51 0.98 1.07
C PHE E 89 60.64 1.65 1.85
N LYS E 90 60.30 2.69 2.60
CA LYS E 90 61.30 3.43 3.37
C LYS E 90 61.62 2.75 4.69
N GLU E 91 60.58 2.45 5.46
CA GLU E 91 60.73 1.81 6.77
C GLU E 91 61.23 0.37 6.61
N GLY E 92 60.88 -0.26 5.50
CA GLY E 92 61.30 -1.62 5.22
C GLY E 92 62.75 -1.70 4.80
N LYS E 93 63.21 -0.68 4.08
CA LYS E 93 64.59 -0.59 3.62
C LYS E 93 65.02 -1.80 2.80
N GLU E 94 66.11 -2.43 3.22
CA GLU E 94 66.69 -3.56 2.49
C GLU E 94 65.98 -4.88 2.80
N ARG E 95 64.99 -4.83 3.67
CA ARG E 95 64.22 -6.02 4.02
C ARG E 95 63.18 -6.33 2.94
N MET E 96 62.86 -5.33 2.13
CA MET E 96 61.86 -5.47 1.09
C MET E 96 62.30 -6.41 -0.04
N TYR E 97 63.60 -6.60 -0.17
CA TYR E 97 64.14 -7.38 -1.27
C TYR E 97 64.56 -8.79 -0.83
N GLU E 98 64.34 -9.09 0.45
CA GLU E 98 64.55 -10.43 0.98
C GLU E 98 63.22 -11.20 0.94
N GLU E 99 63.26 -12.42 0.42
CA GLU E 99 62.04 -13.21 0.22
C GLU E 99 61.32 -13.53 1.54
N ASN E 100 59.99 -13.56 1.47
CA ASN E 100 59.12 -13.89 2.59
C ASN E 100 59.34 -13.02 3.84
N SER E 101 59.85 -11.81 3.65
CA SER E 101 60.08 -10.91 4.76
C SER E 101 58.78 -10.26 5.22
N GLN E 102 58.81 -9.66 6.41
CA GLN E 102 57.65 -8.97 6.95
C GLN E 102 57.21 -7.75 6.12
N PRO E 103 58.16 -6.91 5.68
CA PRO E 103 57.69 -5.81 4.83
C PRO E 103 57.17 -6.27 3.47
N ARG E 104 57.63 -7.43 3.01
CA ARG E 104 57.22 -7.94 1.71
C ARG E 104 55.85 -8.60 1.77
N ARG E 105 55.55 -9.23 2.89
CA ARG E 105 54.23 -9.83 3.08
C ARG E 105 53.14 -8.76 3.08
N ASN E 106 53.47 -7.60 3.65
CA ASN E 106 52.53 -6.50 3.74
C ASN E 106 52.26 -5.86 2.38
N LEU E 107 53.26 -5.93 1.50
CA LEU E 107 53.12 -5.40 0.15
C LEU E 107 52.10 -6.23 -0.63
N THR E 108 52.09 -7.54 -0.38
CA THR E 108 51.16 -8.43 -1.04
C THR E 108 49.74 -8.22 -0.51
N LYS E 109 49.62 -7.92 0.77
CA LYS E 109 48.32 -7.65 1.38
C LYS E 109 47.70 -6.39 0.78
N LEU E 110 48.52 -5.36 0.59
CA LEU E 110 48.06 -4.11 0.00
C LEU E 110 47.74 -4.31 -1.48
N SER E 111 48.47 -5.18 -2.15
CA SER E 111 48.24 -5.46 -3.56
C SER E 111 46.88 -6.13 -3.76
N LEU E 112 46.42 -6.84 -2.73
CA LEU E 112 45.09 -7.44 -2.75
C LEU E 112 44.02 -6.37 -2.55
N ILE E 113 44.34 -5.36 -1.77
CA ILE E 113 43.42 -4.26 -1.51
C ILE E 113 43.26 -3.39 -2.77
N PHE E 114 44.36 -3.15 -3.46
CA PHE E 114 44.32 -2.41 -4.74
C PHE E 114 43.45 -3.16 -5.75
N SER E 115 43.57 -4.48 -5.76
CA SER E 115 42.77 -5.32 -6.63
C SER E 115 41.29 -5.27 -6.22
N HIS E 116 41.05 -5.09 -4.93
CA HIS E 116 39.69 -4.99 -4.42
C HIS E 116 39.12 -3.59 -4.65
N MET E 117 39.98 -2.58 -4.63
CA MET E 117 39.52 -1.21 -4.84
C MET E 117 39.19 -0.97 -6.31
N LEU E 118 39.97 -1.55 -7.20
CA LEU E 118 39.72 -1.45 -8.63
C LEU E 118 38.45 -2.19 -9.00
N ALA E 119 38.23 -3.33 -8.35
CA ALA E 119 37.03 -4.12 -8.59
C ALA E 119 35.79 -3.43 -8.03
N GLU E 120 35.98 -2.70 -6.93
CA GLU E 120 34.88 -1.97 -6.30
C GLU E 120 34.53 -0.74 -7.12
N LEU E 121 35.56 -0.04 -7.59
CA LEU E 121 35.38 1.18 -8.35
C LEU E 121 34.66 0.92 -9.68
N LYS E 122 35.07 -0.15 -10.36
CA LYS E 122 34.46 -0.53 -11.62
C LYS E 122 33.03 -1.03 -11.42
N GLY E 123 32.75 -1.55 -10.24
CA GLY E 123 31.43 -2.05 -9.92
C GLY E 123 30.45 -0.95 -9.61
N ILE E 124 30.97 0.17 -9.12
CA ILE E 124 30.13 1.33 -8.79
C ILE E 124 30.19 2.36 -9.92
N PHE E 125 31.31 2.41 -10.62
CA PHE E 125 31.48 3.34 -11.75
C PHE E 125 31.75 2.61 -13.06
N PRO E 126 30.72 1.99 -13.65
CA PRO E 126 30.89 1.36 -14.97
C PRO E 126 31.06 2.41 -16.05
N SER E 127 32.21 2.39 -16.74
CA SER E 127 32.52 3.33 -17.81
C SER E 127 32.49 4.78 -17.34
N GLY E 128 32.73 5.00 -16.05
CA GLY E 128 32.88 6.34 -15.51
C GLY E 128 31.59 7.00 -15.03
N LEU E 129 30.52 6.22 -14.93
CA LEU E 129 29.23 6.77 -14.49
C LEU E 129 28.75 6.11 -13.21
N PHE E 130 28.20 6.92 -12.30
CA PHE E 130 27.77 6.43 -11.00
C PHE E 130 26.49 5.59 -11.07
N GLN E 131 26.61 4.32 -10.74
CA GLN E 131 25.47 3.41 -10.70
C GLN E 131 25.44 2.66 -9.38
N GLY E 132 25.56 3.40 -8.28
CA GLY E 132 25.67 2.81 -6.96
C GLY E 132 24.34 2.61 -6.25
N ASP E 133 23.36 3.44 -6.57
CA ASP E 133 22.06 3.35 -5.92
C ASP E 133 21.16 2.30 -6.59
N THR E 134 21.59 1.83 -7.77
CA THR E 134 20.84 0.81 -8.50
C THR E 134 21.64 -0.47 -8.62
N PHE E 135 22.70 -0.57 -7.83
CA PHE E 135 23.52 -1.78 -7.78
C PHE E 135 22.68 -2.95 -7.29
N ARG E 136 22.55 -3.98 -8.12
CA ARG E 136 21.73 -5.13 -7.76
C ARG E 136 22.55 -6.13 -6.93
N ILE E 137 21.96 -6.54 -5.81
CA ILE E 137 22.57 -7.57 -4.97
C ILE E 137 22.06 -8.94 -5.42
N THR E 138 22.98 -9.85 -5.68
CA THR E 138 22.66 -11.13 -6.30
C THR E 138 21.62 -11.93 -5.52
N LYS E 139 21.86 -12.13 -4.22
CA LYS E 139 20.91 -12.86 -3.38
C LYS E 139 19.76 -11.96 -2.95
N ALA E 140 18.54 -12.50 -3.05
CA ALA E 140 17.33 -11.73 -2.78
C ALA E 140 17.20 -11.29 -1.32
N ASP E 141 17.40 -12.23 -0.41
CA ASP E 141 17.29 -11.95 1.02
C ASP E 141 18.31 -10.90 1.46
N ALA E 142 19.48 -10.94 0.83
CA ALA E 142 20.52 -9.95 1.09
C ALA E 142 20.14 -8.60 0.52
N ALA E 143 19.56 -8.61 -0.67
CA ALA E 143 19.12 -7.38 -1.34
C ALA E 143 18.01 -6.71 -0.55
N GLU E 144 17.15 -7.53 0.07
CA GLU E 144 16.04 -7.01 0.86
C GLU E 144 16.54 -6.27 2.09
N PHE E 145 17.39 -6.93 2.86
CA PHE E 145 17.91 -6.37 4.11
C PHE E 145 18.63 -5.03 3.91
N TRP E 146 19.49 -4.96 2.90
CA TRP E 146 20.27 -3.75 2.63
C TRP E 146 19.38 -2.57 2.29
N ARG E 147 18.57 -2.73 1.25
CA ARG E 147 17.70 -1.67 0.76
C ARG E 147 16.67 -1.25 1.82
N LYS E 148 16.27 -2.20 2.66
CA LYS E 148 15.31 -1.94 3.72
C LYS E 148 15.93 -1.08 4.82
N ALA E 149 17.24 -1.24 5.02
CA ALA E 149 17.93 -0.58 6.12
C ALA E 149 18.67 0.68 5.67
N PHE E 150 19.43 0.57 4.58
CA PHE E 150 20.28 1.67 4.13
C PHE E 150 19.69 2.46 2.97
N GLY E 151 18.58 1.97 2.42
CA GLY E 151 17.91 2.64 1.32
C GLY E 151 18.74 2.64 0.05
N GLU E 152 19.07 3.82 -0.46
CA GLU E 152 19.83 3.95 -1.68
C GLU E 152 21.30 4.27 -1.41
N LYS E 153 21.73 4.07 -0.17
CA LYS E 153 23.11 4.34 0.22
C LYS E 153 24.07 3.37 -0.48
N THR E 154 25.08 3.93 -1.12
CA THR E 154 26.08 3.14 -1.83
C THR E 154 27.18 2.67 -0.88
N ILE E 155 27.56 3.54 0.05
CA ILE E 155 28.58 3.20 1.03
C ILE E 155 28.15 3.63 2.43
N VAL E 156 28.51 2.83 3.43
CA VAL E 156 28.12 3.11 4.82
C VAL E 156 29.28 2.81 5.78
N PRO E 157 29.36 3.60 6.87
CA PRO E 157 30.35 3.37 7.93
C PRO E 157 30.15 2.00 8.60
N TRP E 158 31.24 1.42 9.13
CA TRP E 158 31.17 0.11 9.75
C TRP E 158 30.30 0.11 11.00
N LYS E 159 30.29 1.22 11.72
CA LYS E 159 29.51 1.35 12.95
C LYS E 159 28.02 1.19 12.68
N SER E 160 27.53 1.87 11.64
CA SER E 160 26.12 1.82 11.29
C SER E 160 25.74 0.49 10.67
N PHE E 161 26.66 -0.09 9.90
CA PHE E 161 26.41 -1.37 9.23
C PHE E 161 26.31 -2.50 10.25
N ARG E 162 27.14 -2.44 11.28
CA ARG E 162 27.14 -3.46 12.33
C ARG E 162 25.85 -3.41 13.14
N GLN E 163 25.39 -2.20 13.45
CA GLN E 163 24.17 -2.00 14.21
C GLN E 163 22.95 -2.55 13.47
N ALA E 164 22.95 -2.39 12.15
CA ALA E 164 21.84 -2.86 11.33
C ALA E 164 21.80 -4.38 11.26
N LEU E 165 22.95 -4.99 10.94
CA LEU E 165 23.04 -6.43 10.81
C LEU E 165 22.79 -7.14 12.14
N HIS E 166 23.13 -6.45 13.24
CA HIS E 166 22.97 -7.01 14.57
C HIS E 166 21.51 -7.28 14.90
N GLU E 167 20.61 -6.46 14.36
CA GLU E 167 19.18 -6.60 14.62
C GLU E 167 18.61 -7.87 14.01
N VAL E 168 19.18 -8.31 12.90
CA VAL E 168 18.72 -9.52 12.22
C VAL E 168 19.54 -10.72 12.64
N HIS E 169 20.86 -10.64 12.42
CA HIS E 169 21.77 -11.69 12.86
C HIS E 169 22.59 -11.21 14.05
N PRO E 170 22.47 -11.92 15.18
CA PRO E 170 23.09 -11.52 16.45
C PRO E 170 24.62 -11.63 16.45
N ILE E 171 25.27 -10.60 16.98
CA ILE E 171 26.72 -10.60 17.16
C ILE E 171 27.05 -10.70 18.64
N SER E 172 27.74 -11.77 19.03
CA SER E 172 27.98 -12.07 20.44
C SER E 172 28.98 -11.12 21.09
N SER E 173 30.19 -11.05 20.55
CA SER E 173 31.24 -10.24 21.14
C SER E 173 31.74 -9.15 20.19
N GLY E 174 32.33 -8.10 20.75
CA GLY E 174 32.88 -7.03 19.96
C GLY E 174 34.10 -7.48 19.17
N LEU E 175 34.74 -8.53 19.68
CA LEU E 175 35.88 -9.13 19.00
C LEU E 175 35.42 -9.89 17.76
N GLU E 176 34.23 -10.48 17.86
CA GLU E 176 33.62 -11.19 16.74
C GLU E 176 33.32 -10.22 15.61
N ALA E 177 33.06 -8.96 15.98
CA ALA E 177 32.80 -7.92 15.00
C ALA E 177 34.07 -7.55 14.25
N MET E 178 35.20 -7.55 14.96
CA MET E 178 36.49 -7.23 14.34
C MET E 178 36.94 -8.33 13.39
N ALA E 179 36.57 -9.57 13.70
CA ALA E 179 36.86 -10.69 12.80
C ALA E 179 35.97 -10.62 11.58
N LEU E 180 34.73 -10.20 11.79
CA LEU E 180 33.76 -10.05 10.71
C LEU E 180 34.15 -8.88 9.81
N LYS E 181 34.64 -7.81 10.43
CA LYS E 181 35.13 -6.64 9.70
C LYS E 181 36.34 -7.01 8.84
N SER E 182 37.16 -7.92 9.35
CA SER E 182 38.34 -8.38 8.63
C SER E 182 37.97 -9.10 7.33
N THR E 183 36.77 -9.66 7.29
CA THR E 183 36.32 -10.44 6.13
C THR E 183 35.59 -9.58 5.10
N ILE E 184 34.59 -8.82 5.57
CA ILE E 184 33.69 -8.11 4.66
C ILE E 184 34.27 -6.78 4.17
N ASP E 185 35.14 -6.16 4.95
CA ASP E 185 35.77 -4.92 4.55
C ASP E 185 37.01 -5.19 3.72
N LEU E 186 36.81 -5.38 2.42
CA LEU E 186 37.89 -5.74 1.50
C LEU E 186 38.84 -4.58 1.22
N THR E 187 38.28 -3.38 1.05
CA THR E 187 39.09 -2.21 0.72
C THR E 187 39.79 -1.61 1.95
N CYS E 188 39.44 -2.12 3.13
CA CYS E 188 40.05 -1.69 4.39
C CYS E 188 40.00 -0.18 4.59
N ASN E 189 38.79 0.37 4.61
CA ASN E 189 38.60 1.80 4.82
C ASN E 189 37.63 2.09 5.95
N ASP E 190 37.33 1.05 6.74
CA ASP E 190 36.34 1.11 7.81
C ASP E 190 34.97 1.48 7.26
N TYR E 191 34.75 1.17 5.98
CA TYR E 191 33.48 1.43 5.32
C TYR E 191 33.00 0.21 4.56
N ILE E 192 31.69 0.00 4.53
CA ILE E 192 31.11 -1.10 3.79
C ILE E 192 30.26 -0.58 2.63
N SER E 193 30.48 -1.13 1.44
CA SER E 193 29.73 -0.73 0.27
C SER E 193 28.75 -1.82 -0.14
N VAL E 194 27.88 -1.50 -1.10
CA VAL E 194 26.92 -2.46 -1.61
C VAL E 194 27.65 -3.54 -2.41
N PHE E 195 28.81 -3.18 -2.96
CA PHE E 195 29.64 -4.11 -3.71
C PHE E 195 30.28 -5.14 -2.78
N GLU E 196 30.77 -4.68 -1.63
CA GLU E 196 31.40 -5.55 -0.65
C GLU E 196 30.39 -6.45 0.04
N PHE E 197 29.22 -5.89 0.34
CA PHE E 197 28.15 -6.63 0.99
C PHE E 197 27.61 -7.74 0.10
N ASP E 198 27.63 -7.51 -1.20
CA ASP E 198 27.16 -8.50 -2.16
C ASP E 198 28.08 -9.71 -2.19
N ILE E 199 29.38 -9.46 -2.27
CA ILE E 199 30.38 -10.52 -2.30
C ILE E 199 30.32 -11.41 -1.07
N PHE E 200 30.18 -10.78 0.09
CA PHE E 200 30.14 -11.50 1.36
C PHE E 200 28.92 -12.41 1.46
N THR E 201 27.76 -11.87 1.09
CA THR E 201 26.51 -12.63 1.15
C THR E 201 26.45 -13.73 0.09
N ARG E 202 27.26 -13.60 -0.95
CA ARG E 202 27.33 -14.59 -2.01
C ARG E 202 28.23 -15.75 -1.60
N LEU E 203 29.24 -15.44 -0.79
CA LEU E 203 30.19 -16.44 -0.30
C LEU E 203 29.60 -17.31 0.80
N PHE E 204 28.82 -16.69 1.68
CA PHE E 204 28.30 -17.39 2.85
C PHE E 204 26.78 -17.53 2.80
N GLN E 205 26.24 -17.67 1.59
CA GLN E 205 24.83 -18.00 1.41
C GLN E 205 24.58 -19.41 1.97
N PRO E 206 23.33 -19.69 2.40
CA PRO E 206 22.13 -18.85 2.36
C PRO E 206 22.11 -17.76 3.44
N TRP E 207 21.35 -16.71 3.17
CA TRP E 207 21.21 -15.59 4.11
C TRP E 207 20.47 -15.99 5.37
N SER E 208 19.65 -17.04 5.28
CA SER E 208 18.84 -17.51 6.40
C SER E 208 19.68 -17.79 7.65
N SER E 209 20.90 -18.25 7.44
CA SER E 209 21.83 -18.51 8.53
C SER E 209 23.21 -17.93 8.20
N LEU E 210 23.23 -16.65 7.85
CA LEU E 210 24.43 -15.99 7.37
C LEU E 210 25.63 -16.13 8.30
N LEU E 211 25.50 -15.59 9.51
CA LEU E 211 26.62 -15.60 10.46
C LEU E 211 27.00 -17.01 10.89
N ARG E 212 26.01 -17.90 10.94
CA ARG E 212 26.28 -19.29 11.30
C ARG E 212 27.09 -19.98 10.21
N ASN E 213 26.86 -19.59 8.97
CA ASN E 213 27.64 -20.09 7.84
C ASN E 213 29.09 -19.63 7.91
N TRP E 214 29.28 -18.35 8.20
CA TRP E 214 30.60 -17.75 8.24
C TRP E 214 31.47 -18.32 9.38
N ASN E 215 30.87 -18.47 10.55
CA ASN E 215 31.59 -19.00 11.71
C ASN E 215 31.97 -20.47 11.55
N SER E 216 31.22 -21.19 10.72
CA SER E 216 31.43 -22.62 10.55
C SER E 216 32.28 -22.95 9.33
N LEU E 217 32.36 -22.02 8.38
CA LEU E 217 33.09 -22.25 7.14
C LEU E 217 34.41 -21.50 7.08
N ALA E 218 34.51 -20.39 7.82
CA ALA E 218 35.69 -19.54 7.73
C ALA E 218 36.50 -19.51 9.03
N VAL E 219 35.81 -19.34 10.16
CA VAL E 219 36.50 -19.14 11.43
C VAL E 219 37.05 -20.44 12.03
N THR E 220 36.18 -21.43 12.18
CA THR E 220 36.56 -22.66 12.87
C THR E 220 36.96 -23.79 11.94
N HIS E 221 36.96 -23.51 10.64
CA HIS E 221 37.28 -24.53 9.65
C HIS E 221 38.74 -24.41 9.20
N PRO E 222 39.52 -25.49 9.38
CA PRO E 222 40.92 -25.52 8.97
C PRO E 222 41.11 -25.36 7.46
N GLY E 223 40.07 -25.65 6.69
CA GLY E 223 40.15 -25.58 5.24
C GLY E 223 40.16 -24.17 4.68
N TYR E 224 39.69 -23.22 5.48
CA TYR E 224 39.64 -21.82 5.04
C TYR E 224 41.04 -21.24 4.89
N MET E 225 41.37 -20.82 3.66
CA MET E 225 42.71 -20.34 3.35
C MET E 225 42.72 -18.87 2.96
N ALA E 226 41.56 -18.22 3.06
CA ALA E 226 41.37 -16.84 2.59
C ALA E 226 41.78 -16.69 1.12
N PHE E 227 42.59 -15.69 0.82
CA PHE E 227 43.02 -15.45 -0.56
C PHE E 227 44.36 -16.10 -0.87
N LEU E 228 44.34 -17.05 -1.81
CA LEU E 228 45.56 -17.72 -2.26
C LEU E 228 45.58 -17.89 -3.78
N THR E 229 46.78 -17.96 -4.34
CA THR E 229 46.95 -18.32 -5.74
C THR E 229 46.92 -19.84 -5.84
N TYR E 230 46.53 -20.36 -7.00
CA TYR E 230 46.51 -21.80 -7.23
C TYR E 230 47.90 -22.40 -7.06
N ASP E 231 48.92 -21.61 -7.33
CA ASP E 231 50.30 -22.02 -7.09
C ASP E 231 50.54 -22.19 -5.59
N GLU E 232 49.96 -21.29 -4.81
CA GLU E 232 50.08 -21.34 -3.35
C GLU E 232 49.26 -22.48 -2.77
N VAL E 233 48.17 -22.84 -3.45
CA VAL E 233 47.32 -23.93 -3.00
C VAL E 233 48.00 -25.29 -3.20
N LYS E 234 48.61 -25.48 -4.37
CA LYS E 234 49.32 -26.71 -4.67
C LYS E 234 50.57 -26.86 -3.81
N ALA E 235 51.10 -25.73 -3.36
CA ALA E 235 52.28 -25.73 -2.50
C ALA E 235 51.94 -26.26 -1.11
N ARG E 236 50.77 -25.88 -0.61
CA ARG E 236 50.33 -26.28 0.72
C ARG E 236 49.80 -27.72 0.73
N LEU E 237 49.19 -28.11 -0.38
CA LEU E 237 48.65 -29.47 -0.52
C LEU E 237 49.73 -30.48 -0.92
N GLN E 238 50.92 -29.97 -1.21
CA GLN E 238 52.02 -30.83 -1.66
C GLN E 238 52.49 -31.76 -0.54
N LYS E 239 52.34 -31.30 0.69
CA LYS E 239 52.74 -32.06 1.86
C LYS E 239 51.87 -33.30 2.04
N PHE E 240 50.62 -33.20 1.60
CA PHE E 240 49.65 -34.28 1.75
C PHE E 240 49.37 -34.96 0.41
N ILE E 241 50.34 -34.91 -0.48
CA ILE E 241 50.24 -35.51 -1.81
C ILE E 241 50.08 -37.03 -1.72
N HIS E 242 50.45 -37.58 -0.58
CA HIS E 242 50.35 -39.01 -0.32
C HIS E 242 49.06 -39.38 0.38
N LYS E 243 48.27 -38.36 0.74
CA LYS E 243 47.07 -38.56 1.54
C LYS E 243 45.80 -38.13 0.79
N PRO E 244 45.20 -39.06 0.03
CA PRO E 244 43.99 -38.78 -0.74
C PRO E 244 42.81 -38.37 0.14
N GLY E 245 42.13 -37.30 -0.23
CA GLY E 245 41.03 -36.77 0.56
C GLY E 245 41.39 -35.46 1.22
N SER E 246 42.67 -35.09 1.12
CA SER E 246 43.15 -33.84 1.69
C SER E 246 42.66 -32.66 0.85
N TYR E 247 42.03 -31.69 1.49
CA TYR E 247 41.44 -30.57 0.77
C TYR E 247 41.54 -29.25 1.53
N ILE E 248 41.54 -28.15 0.79
CA ILE E 248 41.43 -26.81 1.34
C ILE E 248 40.59 -25.97 0.38
N PHE E 249 39.93 -24.94 0.91
CA PHE E 249 39.16 -24.03 0.06
C PHE E 249 39.59 -22.59 0.27
N ARG E 250 39.67 -21.83 -0.83
CA ARG E 250 40.22 -20.49 -0.81
C ARG E 250 39.38 -19.49 -1.60
N LEU E 251 39.82 -18.23 -1.56
CA LEU E 251 39.17 -17.16 -2.31
C LEU E 251 40.08 -16.66 -3.43
N SER E 252 39.48 -16.34 -4.56
CA SER E 252 40.25 -15.79 -5.68
C SER E 252 40.04 -14.28 -5.77
N CYS E 253 41.14 -13.54 -5.89
CA CYS E 253 41.07 -12.08 -5.97
C CYS E 253 40.55 -11.64 -7.33
N THR E 254 40.57 -12.55 -8.30
CA THR E 254 40.10 -12.26 -9.65
C THR E 254 38.61 -12.58 -9.79
N ARG E 255 38.14 -13.57 -9.04
CA ARG E 255 36.73 -13.94 -9.05
C ARG E 255 36.11 -13.75 -7.68
N LEU E 256 35.78 -12.51 -7.35
CA LEU E 256 35.20 -12.20 -6.05
C LEU E 256 33.80 -12.79 -5.90
N GLY E 257 33.54 -13.42 -4.77
CA GLY E 257 32.24 -13.99 -4.49
C GLY E 257 32.14 -15.48 -4.76
N GLN E 258 33.24 -16.09 -5.17
CA GLN E 258 33.24 -17.52 -5.46
C GLN E 258 34.33 -18.28 -4.72
N TRP E 259 34.07 -19.56 -4.47
CA TRP E 259 35.03 -20.41 -3.77
C TRP E 259 35.84 -21.26 -4.75
N ALA E 260 36.96 -21.79 -4.27
CA ALA E 260 37.78 -22.71 -5.04
C ALA E 260 38.32 -23.81 -4.15
N ILE E 261 37.81 -25.02 -4.36
CA ILE E 261 38.20 -26.16 -3.53
C ILE E 261 39.30 -26.99 -4.19
N GLY E 262 40.50 -26.93 -3.63
CA GLY E 262 41.61 -27.73 -4.08
C GLY E 262 41.67 -29.02 -3.28
N TYR E 263 41.92 -30.14 -3.96
CA TYR E 263 41.93 -31.43 -3.28
C TYR E 263 42.97 -32.39 -3.87
N VAL E 264 43.26 -33.44 -3.11
CA VAL E 264 44.21 -34.46 -3.54
C VAL E 264 43.46 -35.73 -3.91
N THR E 265 43.74 -36.27 -5.08
CA THR E 265 43.07 -37.48 -5.56
C THR E 265 43.82 -38.74 -5.13
N ALA E 266 43.28 -39.88 -5.52
CA ALA E 266 43.91 -41.16 -5.21
C ALA E 266 45.14 -41.38 -6.10
N ASP E 267 45.18 -40.66 -7.21
CA ASP E 267 46.29 -40.79 -8.17
C ASP E 267 47.58 -40.22 -7.61
N GLY E 268 47.46 -39.26 -6.71
CA GLY E 268 48.62 -38.57 -6.18
C GLY E 268 48.82 -37.25 -6.89
N ASN E 269 47.74 -36.72 -7.46
CA ASN E 269 47.77 -35.44 -8.14
C ASN E 269 46.94 -34.41 -7.40
N ILE E 270 47.13 -33.14 -7.73
CA ILE E 270 46.37 -32.06 -7.12
C ILE E 270 45.38 -31.45 -8.09
N LEU E 271 44.10 -31.69 -7.87
CA LEU E 271 43.05 -31.10 -8.69
C LEU E 271 42.37 -29.96 -7.95
N GLN E 272 41.44 -29.30 -8.63
CA GLN E 272 40.78 -28.11 -8.09
C GLN E 272 39.44 -27.87 -8.76
N THR E 273 38.42 -27.58 -7.95
CA THR E 273 37.07 -27.39 -8.47
C THR E 273 36.42 -26.11 -7.97
N ILE E 274 35.27 -25.77 -8.56
CA ILE E 274 34.53 -24.57 -8.19
C ILE E 274 33.03 -24.84 -8.05
N PRO E 275 32.52 -24.87 -6.82
CA PRO E 275 31.07 -24.98 -6.60
C PRO E 275 30.37 -23.67 -6.90
N HIS E 276 29.25 -23.73 -7.62
CA HIS E 276 28.59 -22.52 -8.09
C HIS E 276 27.15 -22.37 -7.60
N ASN E 277 26.29 -23.31 -7.98
CA ASN E 277 24.86 -23.20 -7.68
C ASN E 277 24.51 -23.51 -6.24
N LYS E 278 25.38 -24.26 -5.57
CA LYS E 278 25.12 -24.71 -4.20
C LYS E 278 25.93 -23.93 -3.17
N PRO E 279 25.37 -23.78 -1.95
CA PRO E 279 26.11 -23.19 -0.83
C PRO E 279 27.38 -23.98 -0.54
N LEU E 280 28.41 -23.32 -0.03
CA LEU E 280 29.73 -23.94 0.16
C LEU E 280 29.66 -25.22 0.99
N PHE E 281 28.87 -25.20 2.07
CA PHE E 281 28.81 -26.36 2.96
C PHE E 281 28.12 -27.55 2.28
N GLN E 282 27.17 -27.27 1.40
CA GLN E 282 26.48 -28.32 0.67
C GLN E 282 27.45 -29.04 -0.27
N ALA E 283 28.40 -28.28 -0.80
CA ALA E 283 29.43 -28.86 -1.67
C ALA E 283 30.43 -29.68 -0.85
N LEU E 284 30.67 -29.25 0.38
CA LEU E 284 31.59 -29.93 1.28
C LEU E 284 30.98 -31.20 1.85
N ILE E 285 29.67 -31.19 2.07
CA ILE E 285 28.96 -32.35 2.58
C ILE E 285 28.88 -33.43 1.49
N ASP E 286 28.52 -33.01 0.29
CA ASP E 286 28.43 -33.93 -0.84
C ASP E 286 29.78 -34.56 -1.16
N GLY E 287 30.83 -33.73 -1.13
CA GLY E 287 32.17 -34.20 -1.43
C GLY E 287 32.73 -35.10 -0.34
N PHE E 288 32.19 -34.97 0.86
CA PHE E 288 32.59 -35.81 1.98
C PHE E 288 32.02 -37.21 1.82
N ARG E 289 30.78 -37.29 1.34
CA ARG E 289 30.10 -38.57 1.15
C ARG E 289 30.65 -39.32 -0.05
N GLU E 290 31.22 -38.58 -1.01
CA GLU E 290 31.82 -39.19 -2.18
C GLU E 290 33.22 -39.68 -1.89
N GLY E 291 33.88 -39.04 -0.93
CA GLY E 291 35.22 -39.45 -0.52
C GLY E 291 36.32 -38.57 -1.05
N PHE E 292 35.94 -37.38 -1.52
CA PHE E 292 36.91 -36.44 -2.08
C PHE E 292 37.36 -35.42 -1.06
N TYR E 293 36.44 -34.94 -0.23
CA TYR E 293 36.77 -33.96 0.79
C TYR E 293 36.73 -34.61 2.17
N LEU E 294 37.88 -35.12 2.61
CA LEU E 294 37.93 -35.87 3.86
C LEU E 294 38.72 -35.16 4.95
N PHE E 295 39.87 -34.60 4.58
CA PHE E 295 40.78 -34.03 5.57
C PHE E 295 41.10 -32.56 5.29
N PRO E 296 40.53 -31.65 6.11
CA PRO E 296 40.83 -30.23 5.99
C PRO E 296 42.27 -29.92 6.40
N ASP E 297 43.07 -29.44 5.45
CA ASP E 297 44.48 -29.15 5.69
C ASP E 297 45.23 -30.40 6.15
N GLY E 298 44.75 -31.57 5.75
CA GLY E 298 45.41 -32.82 6.04
C GLY E 298 45.09 -33.39 7.42
N ARG E 299 44.15 -32.76 8.12
CA ARG E 299 43.80 -33.19 9.47
C ARG E 299 42.73 -34.27 9.44
N ASN E 300 42.95 -35.33 10.23
CA ASN E 300 42.04 -36.48 10.25
C ASN E 300 40.64 -36.15 10.76
N GLN E 301 40.54 -35.12 11.60
CA GLN E 301 39.24 -34.71 12.13
C GLN E 301 38.54 -33.79 11.13
N ASN E 302 37.34 -34.19 10.70
CA ASN E 302 36.59 -33.42 9.72
C ASN E 302 35.30 -32.83 10.31
N PRO E 303 35.12 -31.52 10.16
CA PRO E 303 33.96 -30.78 10.70
C PRO E 303 32.62 -31.29 10.14
N ASP E 304 31.70 -31.63 11.03
CA ASP E 304 30.37 -32.06 10.62
C ASP E 304 29.48 -30.86 10.32
N LEU E 305 29.26 -30.58 9.05
CA LEU E 305 28.53 -29.39 8.63
C LEU E 305 27.06 -29.67 8.35
N THR E 306 26.59 -30.84 8.73
CA THR E 306 25.21 -31.24 8.44
C THR E 306 24.18 -30.46 9.26
N GLY E 307 24.66 -29.69 10.23
CA GLY E 307 23.79 -28.88 11.07
C GLY E 307 23.34 -27.59 10.39
N LEU E 308 24.08 -27.19 9.35
CA LEU E 308 23.78 -25.96 8.63
C LEU E 308 22.55 -26.10 7.73
N CYS E 309 21.98 -27.30 7.69
CA CYS E 309 20.79 -27.57 6.88
C CYS E 309 19.51 -27.29 7.65
N GLU E 310 19.64 -27.09 8.96
CA GLU E 310 18.50 -26.78 9.79
C GLU E 310 18.05 -25.34 9.60
N ASP E 315 21.70 -28.22 18.23
CA ASP E 315 21.88 -26.84 18.66
C ASP E 315 22.92 -26.12 17.80
N HIS E 316 23.02 -24.81 17.99
CA HIS E 316 23.98 -24.00 17.24
C HIS E 316 25.37 -24.07 17.87
N ILE E 317 26.39 -24.27 17.03
CA ILE E 317 27.76 -24.38 17.52
C ILE E 317 28.24 -23.05 18.10
N LYS E 318 29.19 -23.13 19.01
CA LYS E 318 29.73 -21.93 19.65
C LYS E 318 31.23 -21.78 19.37
N VAL E 319 31.71 -20.55 19.38
CA VAL E 319 33.09 -20.25 19.05
C VAL E 319 33.79 -19.56 20.22
N THR E 320 35.01 -19.99 20.52
CA THR E 320 35.79 -19.39 21.61
C THR E 320 36.29 -18.00 21.22
N GLN E 321 36.60 -17.19 22.22
CA GLN E 321 37.06 -15.82 21.99
C GLN E 321 38.44 -15.80 21.32
N GLU E 322 39.27 -16.78 21.67
CA GLU E 322 40.63 -16.86 21.12
C GLU E 322 40.60 -17.21 19.64
N GLN E 323 39.61 -17.98 19.22
CA GLN E 323 39.48 -18.39 17.83
C GLN E 323 39.19 -17.19 16.92
N TYR E 324 38.55 -16.16 17.48
CA TYR E 324 38.28 -14.94 16.74
C TYR E 324 39.55 -14.10 16.63
N GLU E 325 40.36 -14.13 17.68
CA GLU E 325 41.63 -13.41 17.69
C GLU E 325 42.60 -14.02 16.68
N LEU E 326 42.54 -15.33 16.53
CA LEU E 326 43.34 -16.04 15.54
C LEU E 326 42.93 -15.63 14.13
N PHE E 327 41.63 -15.49 13.94
CA PHE E 327 41.07 -15.13 12.64
C PHE E 327 41.51 -13.74 12.20
N CYS E 328 41.68 -12.85 13.17
CA CYS E 328 42.09 -11.48 12.88
C CYS E 328 43.56 -11.41 12.47
N GLU E 329 44.37 -12.31 13.00
CA GLU E 329 45.80 -12.32 12.71
C GLU E 329 46.13 -13.13 11.46
N MET E 330 45.11 -13.73 10.85
CA MET E 330 45.31 -14.60 9.69
C MET E 330 45.57 -13.82 8.41
N GLY E 331 44.82 -12.74 8.22
CA GLY E 331 44.89 -11.95 6.99
C GLY E 331 46.26 -11.39 6.67
N SER E 332 47.02 -11.06 7.70
CA SER E 332 48.34 -10.48 7.49
C SER E 332 49.35 -10.97 8.52
N THR E 333 50.42 -10.21 8.72
CA THR E 333 51.48 -10.60 9.64
C THR E 333 51.09 -10.30 11.09
N PHE E 334 51.86 -10.84 12.01
CA PHE E 334 51.61 -10.66 13.44
C PHE E 334 52.07 -9.27 13.90
N GLN E 335 52.98 -8.67 13.15
CA GLN E 335 53.56 -7.38 13.54
C GLN E 335 52.55 -6.24 13.56
N LEU E 336 51.68 -6.20 12.57
CA LEU E 336 50.78 -5.07 12.38
C LEU E 336 49.65 -5.02 13.39
N CYS E 337 49.30 -3.81 13.82
CA CYS E 337 48.08 -3.57 14.57
C CYS E 337 46.89 -3.85 13.66
N LYS E 338 45.83 -4.44 14.20
CA LYS E 338 44.72 -4.90 13.37
C LYS E 338 43.56 -3.93 13.33
N ILE E 339 43.68 -2.82 14.06
CA ILE E 339 42.66 -1.79 14.06
C ILE E 339 42.89 -0.79 12.93
N CYS E 340 44.12 -0.30 12.84
CA CYS E 340 44.50 0.69 11.85
C CYS E 340 45.13 0.07 10.61
N ALA E 341 45.77 -1.09 10.82
CA ALA E 341 46.49 -1.80 9.76
C ALA E 341 47.55 -0.92 9.11
N GLU E 342 48.23 -0.12 9.92
CA GLU E 342 49.29 0.76 9.45
C GLU E 342 50.52 0.66 10.36
N ASN E 343 50.33 1.01 11.63
CA ASN E 343 51.40 0.92 12.61
C ASN E 343 51.49 -0.47 13.21
N ASP E 344 52.66 -0.82 13.74
CA ASP E 344 52.85 -2.12 14.37
C ASP E 344 52.44 -2.08 15.84
N LYS E 345 52.24 -3.26 16.42
CA LYS E 345 51.83 -3.39 17.81
C LYS E 345 52.94 -2.93 18.77
N ASP E 346 52.57 -2.13 19.77
CA ASP E 346 53.52 -1.68 20.78
C ASP E 346 52.87 -1.37 22.11
N VAL E 347 51.79 -2.10 22.42
CA VAL E 347 51.11 -1.97 23.71
C VAL E 347 50.20 -3.16 23.96
N LYS E 348 50.16 -3.63 25.21
CA LYS E 348 49.34 -4.78 25.58
C LYS E 348 48.32 -4.39 26.65
N ILE E 349 47.11 -4.93 26.53
CA ILE E 349 46.04 -4.62 27.47
C ILE E 349 45.87 -5.72 28.53
N GLU E 350 45.68 -5.31 29.78
CA GLU E 350 45.44 -6.25 30.86
C GLU E 350 44.01 -6.09 31.38
N PRO E 351 43.37 -7.21 31.74
CA PRO E 351 43.90 -8.58 31.70
C PRO E 351 43.44 -9.41 30.51
N CYS E 352 43.02 -8.75 29.42
CA CYS E 352 42.51 -9.48 28.26
C CYS E 352 43.65 -9.97 27.37
N GLY E 353 44.76 -9.26 27.36
CA GLY E 353 45.94 -9.67 26.62
C GLY E 353 45.85 -9.41 25.13
N HIS E 354 45.14 -8.36 24.75
CA HIS E 354 45.02 -8.00 23.33
C HIS E 354 46.08 -6.98 22.94
N LEU E 355 46.57 -7.09 21.72
CA LEU E 355 47.65 -6.22 21.25
C LEU E 355 47.16 -5.20 20.23
N MET E 356 47.86 -4.07 20.20
CA MET E 356 47.54 -2.98 19.29
C MET E 356 48.66 -1.95 19.31
N CYS E 357 48.47 -0.85 18.60
CA CYS E 357 49.42 0.26 18.65
C CYS E 357 48.87 1.35 19.57
N THR E 358 49.74 2.27 19.99
CA THR E 358 49.38 3.29 20.96
C THR E 358 48.36 4.29 20.40
N SER E 359 48.55 4.69 19.15
CA SER E 359 47.68 5.70 18.53
C SER E 359 46.23 5.23 18.42
N CYS E 360 46.04 3.92 18.24
CA CYS E 360 44.69 3.37 18.14
C CYS E 360 44.01 3.32 19.50
N LEU E 361 44.77 2.99 20.54
CA LEU E 361 44.24 2.96 21.90
C LEU E 361 43.88 4.37 22.35
N THR E 362 44.68 5.33 21.91
CA THR E 362 44.45 6.74 22.23
C THR E 362 43.20 7.25 21.50
N SER E 363 43.07 6.85 20.24
CA SER E 363 41.94 7.28 19.42
C SER E 363 40.63 6.71 19.93
N TRP E 364 40.68 5.48 20.46
CA TRP E 364 39.48 4.83 21.00
C TRP E 364 39.13 5.38 22.39
N GLN E 365 40.15 5.79 23.13
CA GLN E 365 39.96 6.35 24.46
C GLN E 365 39.37 7.75 24.39
N GLU E 366 39.93 8.59 23.53
CA GLU E 366 39.46 9.96 23.37
C GLU E 366 38.07 10.02 22.76
N SER E 367 37.70 8.98 22.02
CA SER E 367 36.41 8.95 21.35
C SER E 367 35.32 8.35 22.24
N GLU E 368 35.54 8.40 23.56
CA GLU E 368 34.59 7.90 24.55
C GLU E 368 34.26 6.43 24.30
N GLY E 369 35.28 5.62 24.02
CA GLY E 369 35.09 4.20 23.78
C GLY E 369 35.13 3.40 25.06
N GLN E 370 34.15 2.51 25.23
CA GLN E 370 34.04 1.73 26.46
C GLN E 370 34.98 0.52 26.44
N GLY E 371 36.04 0.60 27.24
CA GLY E 371 36.92 -0.53 27.46
C GLY E 371 37.90 -0.80 26.33
N CYS E 372 38.23 -2.07 26.14
CA CYS E 372 39.18 -2.50 25.13
C CYS E 372 38.62 -2.29 23.72
N PRO E 373 39.48 -1.86 22.78
CA PRO E 373 39.06 -1.68 21.39
C PRO E 373 38.58 -2.98 20.74
N PHE E 374 38.98 -4.12 21.30
CA PHE E 374 38.61 -5.42 20.75
C PHE E 374 37.46 -6.08 21.53
N CYS E 375 37.72 -6.41 22.79
CA CYS E 375 36.75 -7.16 23.60
C CYS E 375 35.82 -6.27 24.41
N ARG E 376 36.12 -4.98 24.45
CA ARG E 376 35.33 -3.99 25.18
C ARG E 376 35.17 -4.34 26.66
N CYS E 377 36.28 -4.67 27.31
CA CYS E 377 36.26 -4.95 28.75
C CYS E 377 37.09 -3.91 29.49
N GLU E 378 36.91 -3.84 30.81
CA GLU E 378 37.58 -2.84 31.63
C GLU E 378 39.10 -2.99 31.58
N ILE E 379 39.77 -1.94 31.11
CA ILE E 379 41.22 -1.92 31.05
C ILE E 379 41.81 -1.66 32.43
N LYS E 380 42.47 -2.67 32.99
CA LYS E 380 43.06 -2.54 34.32
C LYS E 380 44.44 -1.89 34.24
N GLY E 381 45.22 -2.27 33.23
CA GLY E 381 46.55 -1.72 33.05
C GLY E 381 47.11 -2.01 31.67
N THR E 382 48.20 -1.31 31.32
CA THR E 382 48.85 -1.49 30.03
C THR E 382 50.36 -1.68 30.18
N GLU E 383 50.98 -2.32 29.20
CA GLU E 383 52.43 -2.53 29.20
C GLU E 383 52.98 -2.47 27.79
N PRO E 384 54.14 -1.80 27.62
CA PRO E 384 54.77 -1.62 26.31
C PRO E 384 55.49 -2.86 25.81
N ILE E 385 55.27 -3.19 24.53
CA ILE E 385 55.94 -4.34 23.93
C ILE E 385 56.65 -3.94 22.63
N VAL E 386 57.66 -4.72 22.26
CA VAL E 386 58.36 -4.52 21.00
C VAL E 386 58.06 -5.69 20.09
N VAL E 387 57.80 -5.41 18.81
CA VAL E 387 57.38 -6.46 17.89
C VAL E 387 58.50 -6.87 16.93
N ASP E 388 59.50 -6.01 16.78
CA ASP E 388 60.64 -6.32 15.91
C ASP E 388 61.90 -5.62 16.42
N PRO E 389 62.48 -6.14 17.51
CA PRO E 389 63.64 -5.53 18.16
C PRO E 389 64.90 -5.58 17.30
N PHE E 390 65.08 -6.68 16.58
CA PHE E 390 66.25 -6.85 15.74
C PHE E 390 66.03 -6.14 14.41
N ASP E 391 67.09 -5.54 13.87
CA ASP E 391 66.99 -4.82 12.60
C ASP E 391 68.35 -4.72 11.92
N THR F 6 -39.83 -20.23 -42.71
CA THR F 6 -39.76 -19.81 -41.31
C THR F 6 -39.65 -18.30 -41.19
N VAL F 7 -40.79 -17.64 -41.04
CA VAL F 7 -40.82 -16.19 -40.95
C VAL F 7 -41.66 -15.69 -39.78
N ASP F 8 -41.05 -14.87 -38.92
CA ASP F 8 -41.75 -14.29 -37.80
C ASP F 8 -41.78 -12.78 -37.91
N LYS F 9 -42.95 -12.18 -37.67
CA LYS F 9 -43.10 -10.74 -37.71
C LYS F 9 -42.50 -10.11 -36.45
N LYS F 10 -42.38 -10.90 -35.40
CA LYS F 10 -41.84 -10.42 -34.13
C LYS F 10 -40.34 -10.16 -34.21
N MET F 11 -39.63 -11.01 -34.96
CA MET F 11 -38.19 -10.86 -35.11
C MET F 11 -37.83 -9.54 -35.79
N VAL F 12 -38.57 -9.20 -36.83
CA VAL F 12 -38.34 -7.95 -37.56
C VAL F 12 -38.62 -6.76 -36.64
N GLU F 13 -39.60 -6.90 -35.76
CA GLU F 13 -39.93 -5.87 -34.79
C GLU F 13 -38.91 -5.84 -33.66
N LYS F 14 -38.47 -7.03 -33.24
CA LYS F 14 -37.45 -7.13 -32.19
C LYS F 14 -36.12 -6.56 -32.68
N CYS F 15 -35.85 -6.74 -33.96
CA CYS F 15 -34.63 -6.22 -34.58
C CYS F 15 -34.66 -4.70 -34.65
N TRP F 16 -35.81 -4.15 -35.03
CA TRP F 16 -35.97 -2.70 -35.16
C TRP F 16 -35.79 -1.99 -33.83
N LYS F 17 -36.24 -2.62 -32.75
CA LYS F 17 -36.05 -2.07 -31.41
C LYS F 17 -34.57 -2.12 -31.04
N LEU F 18 -33.90 -3.17 -31.49
CA LEU F 18 -32.46 -3.32 -31.27
C LEU F 18 -31.69 -2.28 -32.05
N MET F 19 -32.09 -2.05 -33.30
CA MET F 19 -31.43 -1.08 -34.17
C MET F 19 -31.68 0.35 -33.72
N ASP F 20 -32.87 0.60 -33.17
CA ASP F 20 -33.22 1.93 -32.70
C ASP F 20 -32.47 2.28 -31.43
N LYS F 21 -32.14 1.25 -30.65
CA LYS F 21 -31.38 1.45 -29.42
C LYS F 21 -29.94 1.83 -29.71
N VAL F 22 -29.38 1.25 -30.78
CA VAL F 22 -28.00 1.51 -31.15
C VAL F 22 -27.76 2.97 -31.54
N VAL F 23 -28.56 3.45 -32.49
CA VAL F 23 -28.45 4.83 -32.96
C VAL F 23 -28.67 5.83 -31.82
N ARG F 24 -29.64 5.53 -30.96
CA ARG F 24 -29.93 6.36 -29.81
C ARG F 24 -28.71 6.41 -28.87
N LEU F 25 -28.02 5.27 -28.78
CA LEU F 25 -26.80 5.19 -27.99
C LEU F 25 -25.65 5.92 -28.68
N CYS F 26 -25.67 5.95 -30.00
CA CYS F 26 -24.65 6.65 -30.79
C CYS F 26 -25.00 8.13 -30.92
N GLN F 27 -26.19 8.50 -30.46
CA GLN F 27 -26.66 9.88 -30.58
C GLN F 27 -26.04 10.79 -29.51
N ASN F 28 -25.24 10.20 -28.63
CA ASN F 28 -24.55 10.95 -27.60
C ASN F 28 -23.45 11.84 -28.17
N PRO F 29 -23.47 13.14 -27.84
CA PRO F 29 -22.46 14.09 -28.30
C PRO F 29 -21.11 13.86 -27.65
N LYS F 30 -21.08 13.02 -26.62
CA LYS F 30 -19.84 12.65 -25.93
C LYS F 30 -18.92 11.85 -26.85
N LEU F 31 -19.52 11.08 -27.75
CA LEU F 31 -18.76 10.28 -28.71
C LEU F 31 -18.02 11.16 -29.70
N ALA F 32 -18.70 12.19 -30.18
CA ALA F 32 -18.16 13.09 -31.20
C ALA F 32 -17.67 12.31 -32.41
N LEU F 33 -18.57 11.55 -33.02
CA LEU F 33 -18.26 10.75 -34.20
C LEU F 33 -17.77 11.61 -35.36
N LYS F 34 -16.63 11.24 -35.93
CA LYS F 34 -16.06 11.97 -37.07
C LYS F 34 -16.97 11.88 -38.29
N ASN F 35 -16.92 12.91 -39.14
CA ASN F 35 -17.74 12.93 -40.34
C ASN F 35 -17.16 12.03 -41.42
N SER F 36 -17.01 10.75 -41.09
CA SER F 36 -16.41 9.79 -42.00
C SER F 36 -17.30 8.58 -42.23
N PRO F 37 -17.44 8.17 -43.50
CA PRO F 37 -18.19 6.95 -43.83
C PRO F 37 -17.48 5.73 -43.27
N PRO F 38 -18.24 4.74 -42.75
CA PRO F 38 -19.71 4.69 -42.75
C PRO F 38 -20.35 5.54 -41.65
N TYR F 39 -21.53 6.08 -41.92
CA TYR F 39 -22.28 6.82 -40.91
C TYR F 39 -23.36 5.91 -40.32
N ILE F 40 -23.05 5.30 -39.18
CA ILE F 40 -23.95 4.34 -38.56
C ILE F 40 -25.24 5.02 -38.12
N LEU F 41 -25.19 6.35 -37.96
CA LEU F 41 -26.36 7.13 -37.62
C LEU F 41 -27.36 7.15 -38.78
N ASP F 42 -26.84 7.13 -40.01
CA ASP F 42 -27.69 7.12 -41.19
C ASP F 42 -27.95 5.71 -41.69
N LEU F 43 -26.98 4.83 -41.48
CA LEU F 43 -27.02 3.47 -42.04
C LEU F 43 -28.16 2.62 -41.49
N LEU F 44 -28.36 2.66 -40.18
CA LEU F 44 -29.36 1.79 -39.55
C LEU F 44 -30.82 2.15 -39.89
N PRO F 45 -31.18 3.45 -39.85
CA PRO F 45 -32.55 3.75 -40.27
C PRO F 45 -32.78 3.46 -41.76
N ASP F 46 -31.74 3.64 -42.58
CA ASP F 46 -31.83 3.35 -44.01
C ASP F 46 -32.03 1.86 -44.24
N THR F 47 -31.44 1.04 -43.39
CA THR F 47 -31.63 -0.40 -43.44
C THR F 47 -33.09 -0.72 -43.14
N TYR F 48 -33.63 -0.07 -42.11
CA TYR F 48 -35.02 -0.21 -41.74
C TYR F 48 -35.95 0.27 -42.84
N GLN F 49 -35.50 1.29 -43.58
CA GLN F 49 -36.28 1.84 -44.67
C GLN F 49 -36.36 0.88 -45.85
N HIS F 50 -35.27 0.16 -46.09
CA HIS F 50 -35.24 -0.81 -47.20
C HIS F 50 -35.85 -2.13 -46.76
N LEU F 51 -35.83 -2.40 -45.46
CA LEU F 51 -36.49 -3.59 -44.92
C LEU F 51 -38.00 -3.44 -45.04
N ARG F 52 -38.48 -2.22 -44.90
CA ARG F 52 -39.90 -1.92 -45.08
C ARG F 52 -40.34 -2.13 -46.52
N THR F 53 -39.47 -1.74 -47.45
CA THR F 53 -39.73 -1.88 -48.87
C THR F 53 -39.91 -3.35 -49.25
N ILE F 54 -39.05 -4.20 -48.71
CA ILE F 54 -39.12 -5.63 -48.97
C ILE F 54 -40.42 -6.22 -48.44
N LEU F 55 -40.86 -5.74 -47.28
CA LEU F 55 -42.07 -6.23 -46.66
C LEU F 55 -43.33 -5.79 -47.41
N SER F 56 -43.26 -4.59 -48.00
CA SER F 56 -44.40 -4.04 -48.71
C SER F 56 -44.67 -4.80 -50.01
N ARG F 57 -43.60 -5.19 -50.69
CA ARG F 57 -43.71 -5.89 -51.96
C ARG F 57 -44.10 -7.36 -51.79
N TYR F 58 -43.70 -7.94 -50.67
CA TYR F 58 -44.01 -9.34 -50.38
C TYR F 58 -45.21 -9.49 -49.48
N GLU F 59 -46.04 -8.45 -49.42
CA GLU F 59 -47.22 -8.44 -48.56
C GLU F 59 -48.19 -9.57 -48.95
N GLY F 60 -48.27 -9.85 -50.24
CA GLY F 60 -49.14 -10.90 -50.74
C GLY F 60 -48.70 -12.29 -50.31
N LYS F 61 -47.44 -12.62 -50.57
CA LYS F 61 -46.93 -13.95 -50.22
C LYS F 61 -45.72 -13.86 -49.29
N MET F 62 -45.92 -14.25 -48.05
CA MET F 62 -44.83 -14.31 -47.06
C MET F 62 -44.34 -15.74 -46.92
N GLU F 63 -45.08 -16.67 -47.52
CA GLU F 63 -44.70 -18.08 -47.51
C GLU F 63 -43.40 -18.30 -48.27
N THR F 64 -43.26 -17.63 -49.40
CA THR F 64 -42.07 -17.76 -50.23
C THR F 64 -40.88 -17.02 -49.61
N LEU F 65 -41.16 -15.87 -49.00
CA LEU F 65 -40.11 -15.07 -48.37
C LEU F 65 -39.47 -15.82 -47.21
N GLY F 66 -40.27 -16.63 -46.52
CA GLY F 66 -39.76 -17.43 -45.42
C GLY F 66 -38.98 -18.63 -45.91
N GLU F 67 -39.32 -19.10 -47.11
CA GLU F 67 -38.64 -20.24 -47.72
C GLU F 67 -37.28 -19.84 -48.27
N ASN F 68 -37.15 -18.55 -48.60
CA ASN F 68 -35.90 -18.02 -49.13
C ASN F 68 -34.75 -18.21 -48.14
N GLU F 69 -33.75 -18.96 -48.56
CA GLU F 69 -32.64 -19.34 -47.69
C GLU F 69 -31.75 -18.15 -47.33
N TYR F 70 -31.55 -17.26 -48.29
CA TYR F 70 -30.71 -16.09 -48.07
C TYR F 70 -31.29 -15.16 -47.02
N PHE F 71 -32.61 -15.01 -47.03
CA PHE F 71 -33.27 -14.09 -46.12
C PHE F 71 -33.19 -14.56 -44.67
N ARG F 72 -33.20 -15.88 -44.46
CA ARG F 72 -33.01 -16.44 -43.14
C ARG F 72 -31.63 -16.07 -42.62
N VAL F 73 -30.62 -16.34 -43.45
CA VAL F 73 -29.23 -16.08 -43.11
C VAL F 73 -28.99 -14.60 -42.81
N PHE F 74 -29.67 -13.72 -43.56
CA PHE F 74 -29.50 -12.29 -43.37
C PHE F 74 -30.10 -11.81 -42.05
N MET F 75 -31.36 -12.16 -41.81
CA MET F 75 -32.05 -11.76 -40.59
C MET F 75 -31.38 -12.36 -39.36
N GLU F 76 -30.93 -13.60 -39.49
CA GLU F 76 -30.25 -14.29 -38.40
C GLU F 76 -28.91 -13.62 -38.10
N ASN F 77 -28.22 -13.19 -39.15
CA ASN F 77 -26.96 -12.49 -38.99
C ASN F 77 -27.17 -11.08 -38.45
N LEU F 78 -28.23 -10.43 -38.90
CA LEU F 78 -28.54 -9.06 -38.47
C LEU F 78 -28.90 -8.99 -36.99
N MET F 79 -29.62 -9.99 -36.52
CA MET F 79 -30.02 -10.05 -35.11
C MET F 79 -28.80 -10.27 -34.21
N LYS F 80 -27.92 -11.16 -34.63
CA LYS F 80 -26.70 -11.47 -33.90
C LYS F 80 -25.75 -10.27 -33.84
N LYS F 81 -25.63 -9.59 -34.96
CA LYS F 81 -24.76 -8.41 -35.06
C LYS F 81 -25.28 -7.24 -34.21
N THR F 82 -26.60 -7.09 -34.16
CA THR F 82 -27.20 -5.97 -33.45
C THR F 82 -27.08 -6.15 -31.93
N LYS F 83 -27.22 -7.40 -31.48
CA LYS F 83 -27.03 -7.73 -30.07
C LYS F 83 -25.60 -7.45 -29.64
N GLN F 84 -24.68 -7.56 -30.59
CA GLN F 84 -23.26 -7.41 -30.33
C GLN F 84 -22.87 -5.97 -30.05
N THR F 85 -23.46 -5.04 -30.79
CA THR F 85 -23.12 -3.62 -30.65
C THR F 85 -23.64 -3.02 -29.35
N ILE F 86 -24.85 -3.40 -28.96
CA ILE F 86 -25.45 -2.89 -27.72
C ILE F 86 -24.70 -3.44 -26.50
N SER F 87 -24.25 -4.68 -26.60
CA SER F 87 -23.49 -5.32 -25.53
C SER F 87 -22.12 -4.68 -25.36
N LEU F 88 -21.61 -4.08 -26.44
CA LEU F 88 -20.29 -3.46 -26.43
C LEU F 88 -20.32 -2.09 -25.75
N PHE F 89 -21.40 -1.36 -25.94
CA PHE F 89 -21.55 -0.03 -25.34
C PHE F 89 -21.59 -0.07 -23.83
N LYS F 90 -22.25 -1.10 -23.28
CA LYS F 90 -22.44 -1.20 -21.84
C LYS F 90 -21.14 -1.61 -21.12
N GLU F 91 -20.46 -2.60 -21.66
CA GLU F 91 -19.24 -3.12 -21.04
C GLU F 91 -18.06 -2.16 -21.25
N GLY F 92 -18.15 -1.35 -22.28
CA GLY F 92 -17.11 -0.37 -22.57
C GLY F 92 -17.21 0.84 -21.66
N LYS F 93 -18.44 1.27 -21.40
CA LYS F 93 -18.73 2.38 -20.49
C LYS F 93 -18.01 3.66 -20.90
N GLU F 94 -17.08 4.11 -20.06
CA GLU F 94 -16.39 5.38 -20.27
C GLU F 94 -15.41 5.33 -21.44
N ARG F 95 -14.78 4.17 -21.63
CA ARG F 95 -13.79 4.00 -22.70
C ARG F 95 -14.39 4.17 -24.09
N MET F 96 -15.67 3.81 -24.22
CA MET F 96 -16.40 3.98 -25.47
C MET F 96 -16.42 5.42 -25.94
N TYR F 97 -16.50 6.35 -25.00
CA TYR F 97 -16.59 7.77 -25.30
C TYR F 97 -15.20 8.33 -25.61
N GLU F 98 -14.17 7.61 -25.18
CA GLU F 98 -12.80 8.02 -25.45
C GLU F 98 -12.32 7.45 -26.79
N GLU F 99 -11.71 8.32 -27.59
CA GLU F 99 -11.23 7.93 -28.92
C GLU F 99 -10.10 6.91 -28.83
N ASN F 100 -10.06 6.02 -29.81
CA ASN F 100 -9.00 5.01 -29.95
C ASN F 100 -8.92 4.05 -28.76
N SER F 101 -10.04 3.80 -28.12
CA SER F 101 -10.10 2.76 -27.10
C SER F 101 -10.58 1.46 -27.74
N GLN F 102 -10.26 0.34 -27.10
CA GLN F 102 -10.55 -0.98 -27.66
C GLN F 102 -12.04 -1.24 -27.93
N PRO F 103 -12.93 -0.83 -27.00
CA PRO F 103 -14.34 -0.97 -27.37
C PRO F 103 -14.75 0.01 -28.48
N ARG F 104 -14.15 1.19 -28.51
CA ARG F 104 -14.50 2.21 -29.50
C ARG F 104 -14.02 1.82 -30.90
N ARG F 105 -12.86 1.17 -30.98
CA ARG F 105 -12.32 0.73 -32.26
C ARG F 105 -13.10 -0.48 -32.77
N ASN F 106 -13.74 -1.19 -31.84
CA ASN F 106 -14.58 -2.33 -32.21
C ASN F 106 -15.91 -1.86 -32.77
N LEU F 107 -16.31 -0.65 -32.39
CA LEU F 107 -17.54 -0.04 -32.92
C LEU F 107 -17.37 0.30 -34.39
N THR F 108 -16.19 0.81 -34.74
CA THR F 108 -15.88 1.18 -36.12
C THR F 108 -15.97 -0.02 -37.05
N LYS F 109 -15.45 -1.15 -36.59
CA LYS F 109 -15.51 -2.38 -37.36
C LYS F 109 -16.95 -2.84 -37.59
N LEU F 110 -17.77 -2.70 -36.56
CA LEU F 110 -19.17 -3.10 -36.64
C LEU F 110 -19.97 -2.18 -37.56
N SER F 111 -19.51 -0.93 -37.70
CA SER F 111 -20.16 0.01 -38.60
C SER F 111 -19.84 -0.33 -40.05
N LEU F 112 -18.70 -0.97 -40.26
CA LEU F 112 -18.30 -1.41 -41.59
C LEU F 112 -19.05 -2.67 -41.99
N ILE F 113 -19.50 -3.43 -41.00
CA ILE F 113 -20.27 -4.65 -41.26
C ILE F 113 -21.70 -4.30 -41.64
N PHE F 114 -22.30 -3.39 -40.88
CA PHE F 114 -23.65 -2.91 -41.17
C PHE F 114 -23.74 -2.31 -42.58
N SER F 115 -22.67 -1.63 -42.98
CA SER F 115 -22.59 -1.02 -44.30
C SER F 115 -22.58 -2.07 -45.40
N HIS F 116 -21.85 -3.16 -45.17
CA HIS F 116 -21.73 -4.23 -46.15
C HIS F 116 -23.01 -5.03 -46.26
N MET F 117 -23.74 -5.14 -45.15
CA MET F 117 -24.97 -5.90 -45.11
C MET F 117 -26.09 -5.20 -45.89
N LEU F 118 -26.14 -3.88 -45.78
CA LEU F 118 -27.13 -3.10 -46.51
C LEU F 118 -26.80 -3.06 -47.99
N ALA F 119 -25.51 -2.97 -48.29
CA ALA F 119 -25.03 -3.00 -49.67
C ALA F 119 -25.38 -4.34 -50.32
N GLU F 120 -25.28 -5.40 -49.52
CA GLU F 120 -25.61 -6.75 -49.99
C GLU F 120 -27.12 -6.90 -50.12
N LEU F 121 -27.86 -6.33 -49.18
CA LEU F 121 -29.31 -6.41 -49.14
C LEU F 121 -29.94 -5.72 -50.35
N LYS F 122 -29.34 -4.59 -50.75
CA LYS F 122 -29.84 -3.84 -51.90
C LYS F 122 -29.37 -4.48 -53.21
N GLY F 123 -28.40 -5.38 -53.12
CA GLY F 123 -27.89 -6.08 -54.29
C GLY F 123 -28.70 -7.32 -54.61
N ILE F 124 -29.14 -8.02 -53.57
CA ILE F 124 -29.94 -9.23 -53.73
C ILE F 124 -31.42 -8.86 -53.82
N PHE F 125 -31.81 -7.79 -53.13
CA PHE F 125 -33.19 -7.30 -53.19
C PHE F 125 -33.26 -5.87 -53.73
N PRO F 126 -33.02 -5.69 -55.04
CA PRO F 126 -33.15 -4.36 -55.62
C PRO F 126 -34.61 -3.90 -55.60
N SER F 127 -34.86 -2.77 -54.95
CA SER F 127 -36.21 -2.20 -54.81
C SER F 127 -37.16 -3.14 -54.06
N GLY F 128 -36.63 -4.19 -53.45
CA GLY F 128 -37.41 -5.06 -52.60
C GLY F 128 -37.72 -6.45 -53.14
N LEU F 129 -37.35 -6.71 -54.39
CA LEU F 129 -37.65 -7.99 -55.02
C LEU F 129 -36.40 -8.88 -55.13
N PHE F 130 -36.59 -10.18 -54.94
CA PHE F 130 -35.48 -11.13 -54.97
C PHE F 130 -35.01 -11.43 -56.40
N GLN F 131 -33.75 -11.11 -56.68
CA GLN F 131 -33.13 -11.41 -57.97
C GLN F 131 -31.76 -12.05 -57.76
N GLY F 132 -31.68 -12.93 -56.77
CA GLY F 132 -30.41 -13.54 -56.38
C GLY F 132 -29.90 -14.58 -57.34
N ASP F 133 -30.80 -15.36 -57.92
CA ASP F 133 -30.40 -16.44 -58.83
C ASP F 133 -29.97 -15.89 -60.18
N THR F 134 -30.31 -14.62 -60.44
CA THR F 134 -29.96 -13.97 -61.69
C THR F 134 -28.99 -12.81 -61.45
N PHE F 135 -28.28 -12.87 -60.33
CA PHE F 135 -27.25 -11.88 -60.02
C PHE F 135 -26.08 -12.05 -60.97
N ARG F 136 -25.69 -10.98 -61.65
CA ARG F 136 -24.63 -11.07 -62.65
C ARG F 136 -23.26 -10.78 -62.05
N ILE F 137 -22.39 -11.79 -62.12
CA ILE F 137 -21.01 -11.62 -61.68
C ILE F 137 -20.21 -10.87 -62.74
N THR F 138 -19.56 -9.79 -62.32
CA THR F 138 -18.89 -8.88 -63.24
C THR F 138 -17.83 -9.57 -64.10
N LYS F 139 -16.95 -10.33 -63.47
CA LYS F 139 -15.90 -11.04 -64.19
C LYS F 139 -16.42 -12.36 -64.75
N ALA F 140 -16.31 -12.52 -66.06
CA ALA F 140 -16.86 -13.69 -66.76
C ALA F 140 -16.21 -14.99 -66.31
N ASP F 141 -14.92 -14.96 -66.03
CA ASP F 141 -14.19 -16.13 -65.58
C ASP F 141 -14.71 -16.61 -64.23
N ALA F 142 -14.95 -15.67 -63.33
CA ALA F 142 -15.47 -15.98 -62.00
C ALA F 142 -16.92 -16.43 -62.08
N ALA F 143 -17.65 -15.87 -63.05
CA ALA F 143 -19.06 -16.21 -63.23
C ALA F 143 -19.23 -17.66 -63.65
N GLU F 144 -18.34 -18.13 -64.52
CA GLU F 144 -18.39 -19.51 -65.01
C GLU F 144 -18.18 -20.51 -63.89
N PHE F 145 -17.27 -20.19 -62.98
CA PHE F 145 -16.96 -21.05 -61.85
C PHE F 145 -18.13 -21.19 -60.89
N TRP F 146 -18.69 -20.05 -60.49
CA TRP F 146 -19.76 -20.02 -59.49
C TRP F 146 -20.99 -20.80 -59.92
N ARG F 147 -21.38 -20.66 -61.19
CA ARG F 147 -22.56 -21.32 -61.71
C ARG F 147 -22.31 -22.80 -61.97
N LYS F 148 -21.05 -23.15 -62.26
CA LYS F 148 -20.69 -24.53 -62.52
C LYS F 148 -20.54 -25.32 -61.22
N ALA F 149 -20.34 -24.61 -60.13
CA ALA F 149 -20.10 -25.25 -58.83
C ALA F 149 -21.34 -25.23 -57.94
N PHE F 150 -22.00 -24.08 -57.87
CA PHE F 150 -23.13 -23.92 -56.95
C PHE F 150 -24.47 -23.80 -57.68
N GLY F 151 -24.44 -23.74 -59.00
CA GLY F 151 -25.65 -23.63 -59.78
C GLY F 151 -26.27 -22.26 -59.70
N GLU F 152 -27.55 -22.20 -59.33
CA GLU F 152 -28.25 -20.93 -59.23
C GLU F 152 -28.42 -20.48 -57.77
N LYS F 153 -27.57 -21.03 -56.89
CA LYS F 153 -27.61 -20.66 -55.48
C LYS F 153 -27.11 -19.24 -55.26
N THR F 154 -27.64 -18.57 -54.25
CA THR F 154 -27.27 -17.19 -53.95
C THR F 154 -26.18 -17.15 -52.88
N ILE F 155 -26.34 -17.98 -51.84
CA ILE F 155 -25.39 -18.01 -50.75
C ILE F 155 -24.96 -19.45 -50.44
N VAL F 156 -23.72 -19.61 -49.98
CA VAL F 156 -23.16 -20.93 -49.65
C VAL F 156 -22.40 -20.90 -48.33
N PRO F 157 -22.48 -22.01 -47.56
CA PRO F 157 -21.67 -22.15 -46.33
C PRO F 157 -20.18 -22.05 -46.60
N TRP F 158 -19.40 -21.59 -45.62
CA TRP F 158 -17.98 -21.39 -45.81
C TRP F 158 -17.24 -22.70 -46.14
N LYS F 159 -17.60 -23.77 -45.45
CA LYS F 159 -16.98 -25.07 -45.66
C LYS F 159 -17.27 -25.59 -47.06
N SER F 160 -18.50 -25.35 -47.53
CA SER F 160 -18.89 -25.75 -48.88
C SER F 160 -18.18 -24.91 -49.92
N PHE F 161 -18.05 -23.61 -49.63
CA PHE F 161 -17.38 -22.68 -50.54
C PHE F 161 -15.89 -22.93 -50.62
N ARG F 162 -15.31 -23.36 -49.50
CA ARG F 162 -13.88 -23.58 -49.42
C ARG F 162 -13.45 -24.77 -50.26
N GLN F 163 -14.21 -25.86 -50.14
CA GLN F 163 -13.89 -27.10 -50.85
C GLN F 163 -14.07 -26.94 -52.36
N ALA F 164 -14.97 -26.05 -52.77
CA ALA F 164 -15.23 -25.83 -54.18
C ALA F 164 -14.12 -25.05 -54.84
N LEU F 165 -13.63 -24.03 -54.14
CA LEU F 165 -12.55 -23.18 -54.65
C LEU F 165 -11.21 -23.92 -54.64
N HIS F 166 -11.10 -24.88 -53.74
CA HIS F 166 -9.86 -25.65 -53.57
C HIS F 166 -9.49 -26.43 -54.83
N GLU F 167 -10.50 -26.83 -55.59
CA GLU F 167 -10.28 -27.62 -56.80
C GLU F 167 -9.64 -26.81 -57.92
N VAL F 168 -9.95 -25.51 -57.95
CA VAL F 168 -9.41 -24.63 -58.97
C VAL F 168 -8.14 -23.93 -58.47
N HIS F 169 -8.29 -23.19 -57.37
CA HIS F 169 -7.16 -22.55 -56.71
C HIS F 169 -6.95 -23.19 -55.34
N PRO F 170 -5.92 -24.05 -55.23
CA PRO F 170 -5.67 -24.84 -54.02
C PRO F 170 -5.34 -23.99 -52.80
N ILE F 171 -6.00 -24.30 -51.69
CA ILE F 171 -5.69 -23.66 -50.42
C ILE F 171 -4.73 -24.56 -49.64
N SER F 172 -3.50 -24.08 -49.45
CA SER F 172 -2.41 -24.88 -48.91
C SER F 172 -2.66 -25.35 -47.47
N SER F 173 -3.06 -24.44 -46.59
CA SER F 173 -3.24 -24.77 -45.19
C SER F 173 -4.54 -24.20 -44.63
N GLY F 174 -4.93 -24.68 -43.46
CA GLY F 174 -6.14 -24.22 -42.81
C GLY F 174 -5.99 -22.80 -42.30
N LEU F 175 -4.75 -22.40 -42.07
CA LEU F 175 -4.45 -21.04 -41.62
C LEU F 175 -4.58 -20.04 -42.77
N GLU F 176 -4.22 -20.48 -43.97
CA GLU F 176 -4.39 -19.66 -45.17
C GLU F 176 -5.85 -19.43 -45.46
N ALA F 177 -6.64 -20.47 -45.23
CA ALA F 177 -8.08 -20.39 -45.46
C ALA F 177 -8.74 -19.38 -44.53
N MET F 178 -8.29 -19.34 -43.28
CA MET F 178 -8.82 -18.41 -42.30
C MET F 178 -8.52 -16.97 -42.70
N ALA F 179 -7.34 -16.75 -43.27
CA ALA F 179 -6.96 -15.42 -43.76
C ALA F 179 -7.79 -15.03 -44.98
N LEU F 180 -8.22 -16.04 -45.73
CA LEU F 180 -9.03 -15.82 -46.92
C LEU F 180 -10.44 -15.42 -46.53
N LYS F 181 -10.98 -16.12 -45.52
CA LYS F 181 -12.30 -15.82 -45.00
C LYS F 181 -12.36 -14.39 -44.46
N SER F 182 -11.25 -13.92 -43.91
CA SER F 182 -11.16 -12.59 -43.35
C SER F 182 -11.42 -11.50 -44.39
N THR F 183 -11.15 -11.82 -45.65
CA THR F 183 -11.27 -10.84 -46.72
C THR F 183 -12.57 -10.96 -47.50
N ILE F 184 -12.91 -12.18 -47.90
CA ILE F 184 -14.05 -12.40 -48.78
C ILE F 184 -15.39 -12.41 -48.03
N ASP F 185 -15.36 -12.79 -46.76
CA ASP F 185 -16.57 -12.77 -45.93
C ASP F 185 -16.75 -11.37 -45.35
N LEU F 186 -17.43 -10.52 -46.09
CA LEU F 186 -17.59 -9.12 -45.73
C LEU F 186 -18.66 -8.88 -44.66
N THR F 187 -19.55 -9.86 -44.48
CA THR F 187 -20.63 -9.71 -43.51
C THR F 187 -20.35 -10.51 -42.23
N CYS F 188 -19.26 -11.27 -42.23
CA CYS F 188 -18.82 -12.04 -41.06
C CYS F 188 -19.92 -12.93 -40.48
N ASN F 189 -20.44 -13.84 -41.31
CA ASN F 189 -21.51 -14.73 -40.89
C ASN F 189 -21.27 -16.18 -41.30
N ASP F 190 -20.01 -16.50 -41.60
CA ASP F 190 -19.60 -17.84 -42.01
C ASP F 190 -20.34 -18.30 -43.28
N TYR F 191 -20.75 -17.34 -44.10
CA TYR F 191 -21.44 -17.61 -45.35
C TYR F 191 -20.89 -16.72 -46.46
N ILE F 192 -20.69 -17.29 -47.64
CA ILE F 192 -20.23 -16.54 -48.80
C ILE F 192 -21.34 -16.39 -49.83
N SER F 193 -21.70 -15.14 -50.14
CA SER F 193 -22.74 -14.90 -51.11
C SER F 193 -22.15 -14.60 -52.48
N VAL F 194 -23.01 -14.58 -53.50
CA VAL F 194 -22.59 -14.27 -54.86
C VAL F 194 -22.17 -12.80 -54.94
N PHE F 195 -22.79 -11.97 -54.10
CA PHE F 195 -22.46 -10.55 -54.04
C PHE F 195 -21.04 -10.36 -53.48
N GLU F 196 -20.73 -11.10 -52.42
CA GLU F 196 -19.40 -11.07 -51.83
C GLU F 196 -18.36 -11.65 -52.78
N PHE F 197 -18.71 -12.75 -53.42
CA PHE F 197 -17.82 -13.42 -54.36
C PHE F 197 -17.48 -12.52 -55.55
N ASP F 198 -18.46 -11.74 -55.99
CA ASP F 198 -18.26 -10.83 -57.11
C ASP F 198 -17.28 -9.71 -56.77
N ILE F 199 -17.34 -9.23 -55.54
CA ILE F 199 -16.46 -8.17 -55.07
C ILE F 199 -15.02 -8.64 -54.95
N PHE F 200 -14.85 -9.83 -54.37
CA PHE F 200 -13.51 -10.41 -54.18
C PHE F 200 -12.82 -10.65 -55.51
N THR F 201 -13.54 -11.25 -56.44
CA THR F 201 -12.98 -11.61 -57.75
C THR F 201 -12.72 -10.38 -58.61
N ARG F 202 -13.39 -9.27 -58.29
CA ARG F 202 -13.17 -8.02 -59.00
C ARG F 202 -11.96 -7.29 -58.42
N LEU F 203 -11.74 -7.47 -57.13
CA LEU F 203 -10.62 -6.85 -56.44
C LEU F 203 -9.29 -7.52 -56.78
N PHE F 204 -9.33 -8.85 -56.88
CA PHE F 204 -8.10 -9.62 -57.10
C PHE F 204 -8.12 -10.32 -58.44
N GLN F 205 -8.63 -9.63 -59.46
CA GLN F 205 -8.60 -10.13 -60.83
C GLN F 205 -7.15 -10.10 -61.35
N PRO F 206 -6.82 -10.93 -62.35
CA PRO F 206 -7.69 -11.88 -63.07
C PRO F 206 -7.94 -13.17 -62.29
N TRP F 207 -9.00 -13.89 -62.70
CA TRP F 207 -9.39 -15.13 -62.04
C TRP F 207 -8.38 -16.24 -62.26
N SER F 208 -7.66 -16.19 -63.38
CA SER F 208 -6.69 -17.22 -63.71
C SER F 208 -5.62 -17.37 -62.64
N SER F 209 -5.31 -16.27 -61.96
CA SER F 209 -4.37 -16.29 -60.85
C SER F 209 -4.97 -15.55 -59.65
N LEU F 210 -6.14 -16.01 -59.22
CA LEU F 210 -6.91 -15.34 -58.17
C LEU F 210 -6.18 -15.28 -56.83
N LEU F 211 -5.96 -16.44 -56.22
CA LEU F 211 -5.35 -16.50 -54.90
C LEU F 211 -3.90 -15.99 -54.91
N ARG F 212 -3.23 -16.13 -56.05
CA ARG F 212 -1.87 -15.62 -56.19
C ARG F 212 -1.88 -14.09 -56.09
N ASN F 213 -2.92 -13.47 -56.65
CA ASN F 213 -3.09 -12.03 -56.55
C ASN F 213 -3.39 -11.58 -55.13
N TRP F 214 -4.21 -12.37 -54.42
CA TRP F 214 -4.60 -12.04 -53.05
C TRP F 214 -3.42 -12.14 -52.08
N ASN F 215 -2.61 -13.17 -52.26
CA ASN F 215 -1.43 -13.37 -51.39
C ASN F 215 -0.39 -12.28 -51.60
N SER F 216 -0.34 -11.72 -52.79
CA SER F 216 0.70 -10.75 -53.15
C SER F 216 0.26 -9.30 -52.98
N LEU F 217 -1.05 -9.07 -52.93
CA LEU F 217 -1.57 -7.71 -52.84
C LEU F 217 -2.14 -7.39 -51.46
N ALA F 218 -2.63 -8.41 -50.77
CA ALA F 218 -3.26 -8.20 -49.48
C ALA F 218 -2.45 -8.78 -48.32
N VAL F 219 -2.16 -10.08 -48.39
CA VAL F 219 -1.53 -10.78 -47.28
C VAL F 219 -0.12 -10.29 -46.96
N THR F 220 0.73 -10.19 -47.99
CA THR F 220 2.13 -9.91 -47.77
C THR F 220 2.57 -8.55 -48.32
N HIS F 221 1.64 -7.62 -48.44
CA HIS F 221 1.97 -6.29 -48.96
C HIS F 221 1.81 -5.22 -47.88
N PRO F 222 2.89 -4.47 -47.62
CA PRO F 222 2.92 -3.39 -46.62
C PRO F 222 1.93 -2.28 -46.93
N GLY F 223 1.67 -2.05 -48.22
CA GLY F 223 0.80 -0.97 -48.65
C GLY F 223 -0.67 -1.24 -48.40
N TYR F 224 -1.03 -2.51 -48.27
CA TYR F 224 -2.42 -2.91 -48.03
C TYR F 224 -2.93 -2.32 -46.71
N MET F 225 -4.15 -1.80 -46.73
CA MET F 225 -4.71 -1.10 -45.57
C MET F 225 -6.12 -1.54 -45.23
N ALA F 226 -6.64 -2.49 -46.00
CA ALA F 226 -8.03 -2.92 -45.88
C ALA F 226 -8.97 -1.72 -46.01
N PHE F 227 -10.00 -1.67 -45.17
CA PHE F 227 -10.96 -0.57 -45.22
C PHE F 227 -10.50 0.63 -44.39
N LEU F 228 -10.23 1.74 -45.07
CA LEU F 228 -9.85 2.98 -44.40
C LEU F 228 -10.58 4.18 -44.99
N THR F 229 -10.60 5.27 -44.23
CA THR F 229 -11.16 6.53 -44.71
C THR F 229 -10.04 7.36 -45.33
N TYR F 230 -10.39 8.24 -46.26
CA TYR F 230 -9.40 9.09 -46.91
C TYR F 230 -8.67 9.98 -45.90
N ASP F 231 -9.39 10.40 -44.87
CA ASP F 231 -8.78 11.15 -43.78
C ASP F 231 -7.79 10.28 -43.02
N GLU F 232 -8.17 9.02 -42.81
CA GLU F 232 -7.32 8.06 -42.14
C GLU F 232 -6.11 7.71 -43.01
N VAL F 233 -6.32 7.77 -44.32
CA VAL F 233 -5.25 7.52 -45.29
C VAL F 233 -4.22 8.64 -45.26
N LYS F 234 -4.70 9.87 -45.33
CA LYS F 234 -3.82 11.03 -45.33
C LYS F 234 -3.09 11.20 -43.99
N ALA F 235 -3.72 10.74 -42.91
CA ALA F 235 -3.11 10.82 -41.60
C ALA F 235 -1.88 9.92 -41.51
N ARG F 236 -2.02 8.70 -42.05
CA ARG F 236 -0.92 7.74 -42.10
C ARG F 236 0.21 8.25 -42.99
N LEU F 237 -0.16 8.90 -44.09
CA LEU F 237 0.82 9.39 -45.06
C LEU F 237 1.47 10.71 -44.64
N GLN F 238 0.88 11.38 -43.65
CA GLN F 238 1.38 12.68 -43.21
C GLN F 238 2.80 12.60 -42.66
N LYS F 239 3.18 11.42 -42.17
CA LYS F 239 4.50 11.21 -41.60
C LYS F 239 5.60 11.30 -42.67
N PHE F 240 5.33 10.72 -43.83
CA PHE F 240 6.31 10.62 -44.90
C PHE F 240 6.13 11.70 -45.97
N ILE F 241 5.70 12.88 -45.53
CA ILE F 241 5.40 13.99 -46.45
C ILE F 241 6.70 14.56 -47.03
N HIS F 242 7.82 14.25 -46.39
CA HIS F 242 9.13 14.70 -46.82
C HIS F 242 9.73 13.76 -47.86
N LYS F 243 9.06 12.62 -48.07
CA LYS F 243 9.60 11.56 -48.92
C LYS F 243 8.71 11.35 -50.15
N PRO F 244 9.09 11.95 -51.29
CA PRO F 244 8.33 11.83 -52.55
C PRO F 244 8.27 10.39 -53.06
N GLY F 245 7.10 9.77 -53.00
CA GLY F 245 6.94 8.41 -53.48
C GLY F 245 6.26 7.48 -52.48
N SER F 246 6.00 7.98 -51.28
CA SER F 246 5.33 7.20 -50.24
C SER F 246 3.86 6.97 -50.60
N TYR F 247 3.43 5.71 -50.59
CA TYR F 247 2.09 5.37 -51.03
C TYR F 247 1.45 4.26 -50.21
N ILE F 248 0.13 4.31 -50.08
CA ILE F 248 -0.66 3.23 -49.50
C ILE F 248 -1.94 3.06 -50.30
N PHE F 249 -2.52 1.86 -50.30
CA PHE F 249 -3.79 1.65 -50.99
C PHE F 249 -4.81 1.00 -50.07
N ARG F 250 -6.08 1.32 -50.29
CA ARG F 250 -7.13 0.92 -49.36
C ARG F 250 -8.43 0.50 -50.06
N LEU F 251 -9.40 0.09 -49.25
CA LEU F 251 -10.74 -0.23 -49.73
C LEU F 251 -11.73 0.79 -49.18
N SER F 252 -12.71 1.16 -49.99
CA SER F 252 -13.71 2.12 -49.55
C SER F 252 -15.07 1.43 -49.36
N CYS F 253 -15.71 1.73 -48.23
CA CYS F 253 -17.01 1.15 -47.93
C CYS F 253 -18.09 1.72 -48.84
N THR F 254 -17.84 2.90 -49.39
CA THR F 254 -18.77 3.55 -50.30
C THR F 254 -18.79 2.84 -51.66
N ARG F 255 -17.60 2.49 -52.16
CA ARG F 255 -17.48 1.84 -53.45
C ARG F 255 -16.77 0.49 -53.33
N LEU F 256 -17.55 -0.56 -53.15
CA LEU F 256 -16.99 -1.91 -53.02
C LEU F 256 -16.40 -2.37 -54.35
N GLY F 257 -15.39 -3.23 -54.28
CA GLY F 257 -14.80 -3.82 -55.46
C GLY F 257 -13.81 -2.95 -56.19
N GLN F 258 -13.42 -1.83 -55.58
CA GLN F 258 -12.42 -0.95 -56.19
C GLN F 258 -11.39 -0.46 -55.18
N TRP F 259 -10.15 -0.32 -55.65
CA TRP F 259 -9.06 0.14 -54.81
C TRP F 259 -8.90 1.66 -54.89
N ALA F 260 -8.22 2.22 -53.89
CA ALA F 260 -7.93 3.65 -53.89
C ALA F 260 -6.49 3.87 -53.41
N ILE F 261 -5.68 4.46 -54.28
CA ILE F 261 -4.26 4.63 -53.99
C ILE F 261 -3.92 6.07 -53.57
N GLY F 262 -3.60 6.25 -52.30
CA GLY F 262 -3.13 7.53 -51.80
C GLY F 262 -1.61 7.58 -51.89
N TYR F 263 -1.06 8.75 -52.19
CA TYR F 263 0.38 8.88 -52.36
C TYR F 263 0.89 10.28 -52.04
N VAL F 264 2.21 10.44 -52.12
CA VAL F 264 2.86 11.72 -51.80
C VAL F 264 3.60 12.27 -53.01
N THR F 265 3.36 13.54 -53.32
CA THR F 265 4.01 14.19 -54.45
C THR F 265 5.31 14.87 -54.05
N ALA F 266 6.00 15.47 -55.02
CA ALA F 266 7.28 16.11 -54.77
C ALA F 266 7.12 17.47 -54.09
N ASP F 267 5.94 18.07 -54.24
CA ASP F 267 5.67 19.38 -53.66
C ASP F 267 5.29 19.30 -52.18
N GLY F 268 5.01 18.08 -51.72
CA GLY F 268 4.64 17.86 -50.33
C GLY F 268 3.14 17.88 -50.11
N ASN F 269 2.43 17.09 -50.90
CA ASN F 269 0.97 17.00 -50.81
C ASN F 269 0.48 15.56 -50.90
N ILE F 270 -0.76 15.32 -50.48
CA ILE F 270 -1.34 13.99 -50.50
C ILE F 270 -2.51 13.90 -51.48
N LEU F 271 -2.29 13.23 -52.59
CA LEU F 271 -3.33 13.08 -53.61
C LEU F 271 -3.86 11.65 -53.65
N GLN F 272 -4.91 11.42 -54.42
CA GLN F 272 -5.56 10.11 -54.47
C GLN F 272 -5.98 9.72 -55.88
N THR F 273 -5.75 8.46 -56.24
CA THR F 273 -6.07 7.97 -57.57
C THR F 273 -6.88 6.68 -57.49
N ILE F 274 -7.74 6.46 -58.49
CA ILE F 274 -8.57 5.25 -58.51
C ILE F 274 -8.36 4.44 -59.79
N PRO F 275 -7.79 3.23 -59.64
CA PRO F 275 -7.69 2.29 -60.77
C PRO F 275 -9.07 1.79 -61.18
N HIS F 276 -9.22 1.36 -62.42
CA HIS F 276 -10.54 0.97 -62.92
C HIS F 276 -10.55 -0.27 -63.82
N ASN F 277 -9.82 -0.23 -64.92
CA ASN F 277 -9.95 -1.26 -65.96
C ASN F 277 -8.77 -2.24 -65.97
N LYS F 278 -7.83 -2.04 -65.06
CA LYS F 278 -6.68 -2.92 -64.95
C LYS F 278 -6.63 -3.58 -63.58
N PRO F 279 -5.98 -4.76 -63.49
CA PRO F 279 -5.72 -5.39 -62.20
C PRO F 279 -4.91 -4.47 -61.30
N LEU F 280 -5.04 -4.62 -59.98
CA LEU F 280 -4.37 -3.74 -59.03
C LEU F 280 -2.86 -3.71 -59.21
N PHE F 281 -2.26 -4.86 -59.51
CA PHE F 281 -0.81 -4.94 -59.62
C PHE F 281 -0.29 -4.23 -60.87
N GLN F 282 -1.10 -4.20 -61.93
CA GLN F 282 -0.69 -3.54 -63.16
C GLN F 282 -0.61 -2.03 -62.96
N ALA F 283 -1.42 -1.53 -62.03
CA ALA F 283 -1.40 -0.10 -61.70
C ALA F 283 -0.19 0.23 -60.84
N LEU F 284 0.14 -0.66 -59.91
CA LEU F 284 1.28 -0.46 -59.02
C LEU F 284 2.60 -0.59 -59.77
N ILE F 285 2.68 -1.56 -60.68
CA ILE F 285 3.87 -1.75 -61.50
C ILE F 285 4.15 -0.52 -62.36
N ASP F 286 3.11 0.01 -62.98
CA ASP F 286 3.23 1.18 -63.84
C ASP F 286 3.59 2.42 -63.03
N GLY F 287 2.98 2.55 -61.86
CA GLY F 287 3.24 3.67 -60.98
C GLY F 287 4.62 3.63 -60.35
N PHE F 288 5.21 2.44 -60.30
CA PHE F 288 6.56 2.29 -59.77
C PHE F 288 7.60 2.68 -60.81
N ARG F 289 7.29 2.42 -62.08
CA ARG F 289 8.20 2.75 -63.16
C ARG F 289 8.17 4.24 -63.48
N GLU F 290 7.02 4.87 -63.27
CA GLU F 290 6.87 6.30 -63.46
C GLU F 290 7.57 7.06 -62.33
N GLY F 291 7.38 6.59 -61.09
CA GLY F 291 8.05 7.18 -59.95
C GLY F 291 7.11 7.80 -58.94
N PHE F 292 5.85 7.37 -58.94
CA PHE F 292 4.86 7.91 -58.03
C PHE F 292 4.60 6.95 -56.86
N TYR F 293 4.64 5.66 -57.15
CA TYR F 293 4.43 4.64 -56.12
C TYR F 293 5.77 3.95 -55.81
N LEU F 294 6.49 4.45 -54.82
CA LEU F 294 7.82 3.95 -54.53
C LEU F 294 7.92 3.24 -53.19
N PHE F 295 7.50 3.90 -52.12
CA PHE F 295 7.70 3.38 -50.77
C PHE F 295 6.39 2.99 -50.10
N PRO F 296 6.08 1.68 -50.10
CA PRO F 296 4.86 1.16 -49.48
C PRO F 296 4.87 1.35 -47.97
N ASP F 297 3.92 2.14 -47.47
CA ASP F 297 3.82 2.48 -46.05
C ASP F 297 5.09 3.17 -45.55
N GLY F 298 5.83 3.79 -46.47
CA GLY F 298 7.03 4.53 -46.11
C GLY F 298 8.30 3.71 -46.13
N ARG F 299 8.16 2.40 -46.33
CA ARG F 299 9.31 1.50 -46.30
C ARG F 299 10.15 1.60 -47.58
N ASN F 300 11.48 1.58 -47.43
CA ASN F 300 12.38 1.71 -48.57
C ASN F 300 12.32 0.50 -49.51
N GLN F 301 11.87 -0.63 -49.00
CA GLN F 301 11.74 -1.83 -49.82
C GLN F 301 10.35 -1.91 -50.45
N ASN F 302 10.32 -2.16 -51.75
CA ASN F 302 9.05 -2.28 -52.47
C ASN F 302 8.94 -3.65 -53.14
N PRO F 303 7.77 -4.31 -52.96
CA PRO F 303 7.51 -5.65 -53.52
C PRO F 303 7.58 -5.68 -55.05
N ASP F 304 8.01 -6.81 -55.59
CA ASP F 304 8.05 -7.01 -57.04
C ASP F 304 6.82 -7.78 -57.50
N LEU F 305 5.93 -7.12 -58.22
CA LEU F 305 4.67 -7.71 -58.63
C LEU F 305 4.66 -8.12 -60.10
N THR F 306 5.83 -8.14 -60.72
CA THR F 306 5.95 -8.40 -62.15
C THR F 306 5.70 -9.87 -62.50
N GLY F 307 5.82 -10.75 -61.51
CA GLY F 307 5.63 -12.17 -61.72
C GLY F 307 4.18 -12.58 -61.85
N LEU F 308 3.27 -11.65 -61.55
CA LEU F 308 1.84 -11.93 -61.60
C LEU F 308 1.31 -11.95 -63.02
N CYS F 309 2.15 -11.55 -63.98
CA CYS F 309 1.75 -11.50 -65.38
C CYS F 309 1.99 -12.82 -66.09
N GLU F 310 2.89 -13.62 -65.54
CA GLU F 310 3.21 -14.93 -66.12
C GLU F 310 2.59 -16.05 -65.28
N PRO F 311 1.97 -17.04 -65.96
CA PRO F 311 1.31 -18.18 -65.31
C PRO F 311 2.27 -19.07 -64.52
N THR F 312 3.55 -19.00 -64.83
CA THR F 312 4.56 -19.82 -64.17
C THR F 312 4.67 -19.48 -62.68
N ASP F 315 7.62 -21.57 -60.08
CA ASP F 315 6.69 -21.65 -58.96
C ASP F 315 6.29 -20.27 -58.46
N HIS F 316 5.21 -20.21 -57.71
CA HIS F 316 4.70 -18.95 -57.17
C HIS F 316 5.19 -18.71 -55.75
N ILE F 317 4.92 -17.51 -55.23
CA ILE F 317 5.37 -17.14 -53.90
C ILE F 317 4.67 -17.94 -52.81
N LYS F 318 5.42 -18.31 -51.78
CA LYS F 318 4.86 -19.01 -50.63
C LYS F 318 4.84 -18.10 -49.41
N VAL F 319 3.77 -18.19 -48.64
CA VAL F 319 3.58 -17.32 -47.49
C VAL F 319 3.78 -18.07 -46.18
N THR F 320 4.57 -17.48 -45.28
CA THR F 320 4.82 -18.10 -43.99
C THR F 320 3.53 -18.13 -43.16
N GLN F 321 3.44 -19.10 -42.26
CA GLN F 321 2.29 -19.23 -41.38
C GLN F 321 2.12 -17.99 -40.50
N GLU F 322 3.24 -17.36 -40.17
CA GLU F 322 3.21 -16.17 -39.32
C GLU F 322 2.54 -15.00 -40.02
N GLN F 323 2.77 -14.88 -41.32
CA GLN F 323 2.20 -13.78 -42.10
C GLN F 323 0.67 -13.89 -42.23
N TYR F 324 0.17 -15.12 -42.23
CA TYR F 324 -1.28 -15.33 -42.29
C TYR F 324 -1.94 -14.95 -40.97
N GLU F 325 -1.24 -15.18 -39.87
CA GLU F 325 -1.77 -14.82 -38.55
C GLU F 325 -1.80 -13.30 -38.38
N LEU F 326 -0.74 -12.64 -38.82
CA LEU F 326 -0.66 -11.18 -38.75
C LEU F 326 -1.74 -10.54 -39.62
N PHE F 327 -2.11 -11.22 -40.71
CA PHE F 327 -3.12 -10.72 -41.62
C PHE F 327 -4.50 -10.77 -40.97
N CYS F 328 -4.74 -11.80 -40.16
CA CYS F 328 -6.01 -11.95 -39.47
C CYS F 328 -6.16 -10.91 -38.36
N GLU F 329 -5.03 -10.52 -37.77
CA GLU F 329 -5.03 -9.55 -36.67
C GLU F 329 -5.18 -8.12 -37.17
N MET F 330 -5.31 -7.95 -38.48
CA MET F 330 -5.42 -6.63 -39.08
C MET F 330 -6.85 -6.11 -39.04
N GLY F 331 -7.79 -6.98 -39.40
CA GLY F 331 -9.19 -6.61 -39.50
C GLY F 331 -9.82 -6.13 -38.20
N SER F 332 -9.26 -6.56 -37.08
CA SER F 332 -9.78 -6.18 -35.78
C SER F 332 -8.67 -5.96 -34.77
N THR F 333 -9.02 -5.43 -33.60
CA THR F 333 -8.05 -5.18 -32.55
C THR F 333 -7.49 -6.50 -32.02
N PHE F 334 -6.31 -6.43 -31.41
CA PHE F 334 -5.58 -7.62 -30.95
C PHE F 334 -6.36 -8.41 -29.90
N GLN F 335 -7.23 -7.70 -29.19
CA GLN F 335 -7.95 -8.26 -28.05
C GLN F 335 -8.96 -9.33 -28.44
N LEU F 336 -9.70 -9.08 -29.51
CA LEU F 336 -10.80 -9.94 -29.92
C LEU F 336 -10.35 -11.25 -30.54
N CYS F 337 -11.07 -12.32 -30.21
CA CYS F 337 -10.87 -13.62 -30.85
C CYS F 337 -11.23 -13.52 -32.33
N LYS F 338 -10.43 -14.13 -33.19
CA LYS F 338 -10.58 -13.95 -34.64
C LYS F 338 -11.45 -15.03 -35.28
N ILE F 339 -11.98 -15.93 -34.47
CA ILE F 339 -12.88 -16.96 -34.99
C ILE F 339 -14.33 -16.48 -34.95
N CYS F 340 -14.73 -15.96 -33.80
CA CYS F 340 -16.10 -15.51 -33.59
C CYS F 340 -16.24 -14.00 -33.74
N ALA F 341 -15.13 -13.29 -33.51
CA ALA F 341 -15.09 -11.83 -33.57
C ALA F 341 -16.12 -11.20 -32.65
N GLU F 342 -16.23 -11.74 -31.43
CA GLU F 342 -17.14 -11.21 -30.43
C GLU F 342 -16.47 -11.21 -29.06
N ASN F 343 -16.09 -12.39 -28.59
CA ASN F 343 -15.37 -12.51 -27.32
C ASN F 343 -13.90 -12.14 -27.49
N ASP F 344 -13.22 -11.91 -26.38
CA ASP F 344 -11.79 -11.65 -26.42
C ASP F 344 -11.00 -12.93 -26.09
N LYS F 345 -9.75 -12.98 -26.53
CA LYS F 345 -8.91 -14.15 -26.34
C LYS F 345 -8.69 -14.44 -24.84
N ASP F 346 -8.73 -15.72 -24.49
CA ASP F 346 -8.51 -16.11 -23.09
C ASP F 346 -7.90 -17.51 -22.98
N VAL F 347 -7.34 -18.01 -24.07
CA VAL F 347 -6.68 -19.31 -24.06
C VAL F 347 -5.63 -19.41 -25.17
N LYS F 348 -4.56 -20.14 -24.90
CA LYS F 348 -3.47 -20.30 -25.86
C LYS F 348 -3.17 -21.78 -26.09
N ILE F 349 -3.06 -22.16 -27.36
CA ILE F 349 -2.84 -23.56 -27.74
C ILE F 349 -1.35 -23.89 -27.86
N GLU F 350 -0.96 -25.02 -27.30
CA GLU F 350 0.40 -25.53 -27.47
C GLU F 350 0.39 -26.71 -28.43
N PRO F 351 1.43 -26.84 -29.27
CA PRO F 351 2.59 -25.94 -29.33
C PRO F 351 2.55 -24.97 -30.52
N CYS F 352 1.38 -24.70 -31.07
CA CYS F 352 1.27 -23.83 -32.23
C CYS F 352 1.27 -22.35 -31.82
N GLY F 353 0.79 -22.09 -30.62
CA GLY F 353 0.84 -20.75 -30.05
C GLY F 353 -0.26 -19.82 -30.52
N HIS F 354 -1.32 -20.37 -31.10
CA HIS F 354 -2.41 -19.55 -31.61
C HIS F 354 -3.36 -19.13 -30.49
N LEU F 355 -4.04 -18.01 -30.70
CA LEU F 355 -4.89 -17.43 -29.67
C LEU F 355 -6.35 -17.40 -30.10
N MET F 356 -7.24 -17.59 -29.11
CA MET F 356 -8.67 -17.63 -29.35
C MET F 356 -9.41 -17.55 -28.02
N CYS F 357 -10.74 -17.64 -28.06
CA CYS F 357 -11.53 -17.68 -26.84
C CYS F 357 -11.93 -19.13 -26.54
N THR F 358 -12.31 -19.39 -25.29
CA THR F 358 -12.59 -20.75 -24.84
C THR F 358 -13.85 -21.33 -25.50
N SER F 359 -14.81 -20.46 -25.79
CA SER F 359 -16.07 -20.89 -26.40
C SER F 359 -15.87 -21.46 -27.81
N CYS F 360 -14.93 -20.87 -28.55
CA CYS F 360 -14.66 -21.34 -29.90
C CYS F 360 -13.91 -22.67 -29.92
N LEU F 361 -13.01 -22.84 -28.97
CA LEU F 361 -12.24 -24.08 -28.86
C LEU F 361 -13.14 -25.26 -28.50
N THR F 362 -14.09 -25.01 -27.61
CA THR F 362 -15.04 -26.03 -27.18
C THR F 362 -16.01 -26.37 -28.31
N SER F 363 -16.45 -25.35 -29.03
CA SER F 363 -17.37 -25.54 -30.15
C SER F 363 -16.70 -26.31 -31.29
N TRP F 364 -15.40 -26.08 -31.48
CA TRP F 364 -14.64 -26.76 -32.52
C TRP F 364 -14.37 -28.21 -32.15
N GLN F 365 -14.10 -28.45 -30.87
CA GLN F 365 -13.80 -29.79 -30.39
C GLN F 365 -15.05 -30.67 -30.35
N GLU F 366 -16.18 -30.05 -30.03
CA GLU F 366 -17.44 -30.78 -29.92
C GLU F 366 -18.09 -31.01 -31.27
N SER F 367 -17.54 -30.36 -32.30
CA SER F 367 -18.06 -30.52 -33.66
C SER F 367 -17.19 -31.47 -34.46
N GLU F 368 -16.48 -32.34 -33.77
CA GLU F 368 -15.57 -33.31 -34.38
C GLU F 368 -14.52 -32.61 -35.25
N GLY F 369 -14.00 -31.50 -34.76
CA GLY F 369 -12.97 -30.76 -35.47
C GLY F 369 -11.58 -31.27 -35.15
N GLN F 370 -10.73 -31.34 -36.16
CA GLN F 370 -9.40 -31.90 -36.01
C GLN F 370 -8.38 -30.88 -35.49
N GLY F 371 -8.03 -31.01 -34.21
CA GLY F 371 -6.98 -30.19 -33.62
C GLY F 371 -7.28 -28.72 -33.47
N CYS F 372 -6.27 -27.89 -33.71
CA CYS F 372 -6.40 -26.44 -33.60
C CYS F 372 -7.35 -25.87 -34.63
N PRO F 373 -8.21 -24.92 -34.22
CA PRO F 373 -9.16 -24.29 -35.14
C PRO F 373 -8.47 -23.51 -36.27
N PHE F 374 -7.21 -23.13 -36.06
CA PHE F 374 -6.48 -22.33 -37.04
C PHE F 374 -5.58 -23.19 -37.95
N CYS F 375 -4.67 -23.95 -37.34
CA CYS F 375 -3.66 -24.69 -38.10
C CYS F 375 -3.94 -26.19 -38.18
N ARG F 376 -4.96 -26.64 -37.46
CA ARG F 376 -5.39 -28.05 -37.47
C ARG F 376 -4.29 -29.02 -37.01
N CYS F 377 -3.42 -28.55 -36.12
CA CYS F 377 -2.38 -29.40 -35.55
C CYS F 377 -2.85 -30.02 -34.25
N GLU F 378 -2.19 -31.08 -33.81
CA GLU F 378 -2.56 -31.76 -32.57
C GLU F 378 -2.41 -30.83 -31.37
N ILE F 379 -3.38 -30.86 -30.48
CA ILE F 379 -3.35 -30.02 -29.29
C ILE F 379 -2.75 -30.78 -28.11
N LYS F 380 -1.51 -30.42 -27.77
CA LYS F 380 -0.80 -31.07 -26.68
C LYS F 380 -1.22 -30.49 -25.33
N GLY F 381 -1.54 -29.21 -25.30
CA GLY F 381 -1.92 -28.54 -24.07
C GLY F 381 -2.50 -27.16 -24.28
N THR F 382 -3.18 -26.66 -23.25
CA THR F 382 -3.76 -25.32 -23.30
C THR F 382 -3.40 -24.54 -22.04
N GLU F 383 -3.37 -23.21 -22.15
CA GLU F 383 -3.06 -22.35 -21.02
C GLU F 383 -3.92 -21.10 -21.03
N PRO F 384 -4.50 -20.74 -19.87
CA PRO F 384 -5.35 -19.56 -19.76
C PRO F 384 -4.56 -18.26 -19.83
N ILE F 385 -4.97 -17.36 -20.71
CA ILE F 385 -4.33 -16.05 -20.81
C ILE F 385 -5.34 -14.92 -20.53
N VAL F 386 -4.84 -13.80 -20.05
CA VAL F 386 -5.68 -12.63 -19.83
C VAL F 386 -5.32 -11.58 -20.89
N VAL F 387 -6.35 -11.01 -21.51
CA VAL F 387 -6.14 -10.07 -22.60
C VAL F 387 -6.17 -8.62 -22.09
N ASP F 388 -7.06 -8.35 -21.13
CA ASP F 388 -7.13 -7.03 -20.52
C ASP F 388 -6.59 -7.08 -19.10
N PRO F 389 -5.31 -6.69 -18.91
CA PRO F 389 -4.69 -6.72 -17.58
C PRO F 389 -5.40 -5.77 -16.62
N PHE F 390 -5.85 -4.64 -17.13
CA PHE F 390 -6.62 -3.68 -16.34
C PHE F 390 -7.95 -3.39 -17.03
N ASP F 391 -9.04 -3.68 -16.34
CA ASP F 391 -10.37 -3.51 -16.91
C ASP F 391 -10.70 -2.05 -17.15
#